data_1PG7
#
_entry.id   1PG7
#
_cell.length_a   78.890
_cell.length_b   85.780
_cell.length_c   92.370
_cell.angle_alpha   77.48
_cell.angle_beta   75.92
_cell.angle_gamma   63.33
#
_symmetry.space_group_name_H-M   'P 1'
#
loop_
_entity.id
_entity.type
_entity.pdbx_description
1 polymer 'humanized antibody D3H44'
2 polymer 'humanized antibody D3H44'
3 polymer 'murine antibody 6A6 Fab fragment'
4 polymer 'murine antibody 6A6 Fab fragment'
5 water water
#
loop_
_entity_poly.entity_id
_entity_poly.type
_entity_poly.pdbx_seq_one_letter_code
_entity_poly.pdbx_strand_id
1 'polypeptide(L)'
;EVQLVESGGGLVQPGGSLRLSCAASGFNIKEYYMHWVRQAPGKGLEWVGLIDPEQGNTIYDPKFQDRATISADNSKNTAY
LQMNSLRAEDTAVYYCARDTAAYFDYWGQGTLVTVSSASTKGPSVFPLAPSSKSTSGGTAALGCLVKDYFPEPVTVSWNS
GALTSGVHTFPAVLQSSGLYSLSSVVTVPSSSLGTQTYICNVNHKPSNTKVDKKVEP
;
H,I
2 'polypeptide(L)'
;DIQMTQSPSSLSASVGDRVTITCRASRDIKSYLNWYQQKPGKAPKVLIYYATSLAEGVPSRFSGSGSGTDYTLTISSLQP
EDFATYYCLQHGESPWTFGQGTKVEIKRTVAAPSVFIFPPSDEQLKSGTASVVCLLNNFYPREAKVQWKVDNALQSGNSQ
ESVTEQDSKDSTYSLSSTLTLSKADYEKHKVYACEVTHQGLSSPVTKSFNRGE
;
L,M
3 'polypeptide(L)'
;QAVVTQESALTSSPGETVTLTCRSSTGAVTTSNYANWVQEKPDHLFTGVIGGTNNRAPGVPARFSGSLIGDKAALTITGA
QTEDEAIYFCALWYSNHWVFGGGTKLTVLGQPKSSPSVNLFPPSSEELKTKKATLVCTITEFYPGAVRVDWKADGTPVTQ
GDETTQPSKQSNNKYMASSYLTLTAEAWESHSSYSCHVTHEGQSVEKSLS
;
W,Y
4 'polypeptide(L)'
;EVQLQQSGPELVKPGASVKISCKASGYSFTGHLLNWVKQSHGKNLEWIGLVHPHNGAITYNQKFKDKATLTVDRSSTTAY
IELVRLTSNDSAVYYCAREDFRYHYSMDYWGQGTSVTVSSAKTTPPSVYPLAPVCGDTTGSSVTLGCLVKGYFPEPVTLT
WNSGSLSSGVHTFPAVLQSDLYTLSSSVTVTSSTWPSQSVTCNVAHPASSTKVDKKIVPK
;
X,Z
#
# COMPACT_ATOMS: atom_id res chain seq x y z
N GLU A 1 8.76 5.41 -10.53
CA GLU A 1 8.81 4.33 -9.55
C GLU A 1 10.25 4.10 -9.11
N VAL A 2 10.49 4.34 -7.82
CA VAL A 2 11.82 4.16 -7.26
C VAL A 2 12.15 2.68 -7.05
N GLN A 3 13.37 2.31 -7.40
CA GLN A 3 13.82 0.93 -7.23
C GLN A 3 15.31 0.88 -6.89
N LEU A 4 15.67 -0.06 -6.03
CA LEU A 4 17.06 -0.25 -5.60
C LEU A 4 17.36 -1.73 -5.73
N VAL A 5 18.35 -2.06 -6.55
CA VAL A 5 18.76 -3.45 -6.74
C VAL A 5 20.22 -3.63 -6.37
N GLU A 6 20.48 -4.50 -5.41
CA GLU A 6 21.84 -4.75 -5.00
C GLU A 6 22.39 -6.08 -5.51
N SER A 7 23.69 -6.12 -5.69
CA SER A 7 24.37 -7.30 -6.15
C SER A 7 25.76 -7.27 -5.56
N GLY A 8 26.47 -8.38 -5.68
CA GLY A 8 27.82 -8.45 -5.16
C GLY A 8 27.91 -9.39 -3.96
N GLY A 9 26.76 -9.81 -3.44
CA GLY A 9 26.76 -10.71 -2.32
C GLY A 9 27.32 -12.08 -2.69
N GLY A 10 27.72 -12.85 -1.69
CA GLY A 10 28.27 -14.17 -1.92
C GLY A 10 29.26 -14.60 -0.85
N LEU A 11 29.85 -15.77 -1.05
CA LEU A 11 30.83 -16.37 -0.14
C LEU A 11 32.20 -15.66 -0.14
N VAL A 12 32.69 -15.29 1.03
CA VAL A 12 33.99 -14.62 1.16
C VAL A 12 34.83 -15.22 2.32
N GLN A 13 36.12 -15.39 2.07
CA GLN A 13 37.03 -15.94 3.08
C GLN A 13 37.33 -14.89 4.16
N PRO A 14 37.54 -15.33 5.41
CA PRO A 14 37.83 -14.35 6.47
C PRO A 14 39.11 -13.61 6.10
N GLY A 15 39.07 -12.28 6.21
CA GLY A 15 40.22 -11.49 5.87
C GLY A 15 40.06 -10.92 4.48
N GLY A 16 39.11 -11.47 3.72
CA GLY A 16 38.85 -11.01 2.37
C GLY A 16 38.08 -9.70 2.32
N SER A 17 37.59 -9.35 1.13
CA SER A 17 36.84 -8.11 0.95
C SER A 17 35.52 -8.35 0.22
N LEU A 18 34.57 -7.45 0.43
CA LEU A 18 33.27 -7.52 -0.25
C LEU A 18 33.04 -6.21 -1.00
N ARG A 19 32.47 -6.31 -2.20
CA ARG A 19 32.18 -5.14 -3.02
C ARG A 19 30.73 -5.26 -3.45
N LEU A 20 29.85 -4.54 -2.78
CA LEU A 20 28.44 -4.58 -3.10
C LEU A 20 28.05 -3.35 -3.94
N SER A 21 27.09 -3.51 -4.83
CA SER A 21 26.63 -2.40 -5.65
C SER A 21 25.13 -2.24 -5.49
N CYS A 22 24.65 -1.02 -5.69
CA CYS A 22 23.24 -0.71 -5.55
C CYS A 22 22.77 0.11 -6.74
N ALA A 23 22.14 -0.55 -7.70
CA ALA A 23 21.66 0.11 -8.91
C ALA A 23 20.33 0.78 -8.65
N ALA A 24 20.30 2.11 -8.77
CA ALA A 24 19.09 2.87 -8.56
C ALA A 24 18.35 3.18 -9.85
N SER A 25 17.04 3.35 -9.75
CA SER A 25 16.23 3.73 -10.89
C SER A 25 15.02 4.48 -10.36
N GLY A 26 14.55 5.44 -11.16
CA GLY A 26 13.39 6.23 -10.78
C GLY A 26 13.74 7.50 -10.02
N PHE A 27 15.03 7.77 -9.91
CA PHE A 27 15.52 8.96 -9.20
C PHE A 27 17.03 9.00 -9.41
N ASN A 28 17.66 10.10 -9.00
CA ASN A 28 19.10 10.25 -9.15
C ASN A 28 19.75 10.24 -7.79
N ILE A 29 20.63 9.26 -7.55
CA ILE A 29 21.32 9.17 -6.25
C ILE A 29 22.09 10.45 -5.96
N LYS A 30 22.49 11.14 -7.02
CA LYS A 30 23.24 12.38 -6.94
C LYS A 30 22.57 13.39 -6.02
N GLU A 31 21.24 13.38 -5.98
CA GLU A 31 20.51 14.32 -5.15
C GLU A 31 19.87 13.77 -3.88
N TYR A 32 20.30 12.60 -3.43
CA TYR A 32 19.74 12.01 -2.20
C TYR A 32 20.81 11.43 -1.27
N TYR A 33 20.51 11.37 0.02
CA TYR A 33 21.41 10.75 0.98
C TYR A 33 21.18 9.25 0.85
N MET A 34 22.25 8.50 0.59
CA MET A 34 22.19 7.03 0.45
C MET A 34 22.91 6.36 1.64
N HIS A 35 22.30 5.35 2.22
CA HIS A 35 22.90 4.64 3.36
C HIS A 35 23.05 3.13 3.09
N TRP A 36 23.78 2.47 3.98
CA TRP A 36 23.96 1.02 3.92
C TRP A 36 23.59 0.53 5.32
N VAL A 37 22.70 -0.46 5.37
CA VAL A 37 22.24 -1.05 6.63
C VAL A 37 22.43 -2.56 6.50
N ARG A 38 22.64 -3.28 7.60
CA ARG A 38 22.82 -4.72 7.51
C ARG A 38 22.16 -5.45 8.67
N GLN A 39 22.00 -6.76 8.50
CA GLN A 39 21.36 -7.55 9.50
C GLN A 39 21.94 -8.96 9.46
N ALA A 40 22.63 -9.34 10.53
CA ALA A 40 23.22 -10.68 10.65
C ALA A 40 22.07 -11.66 10.90
N PRO A 41 22.26 -12.93 10.52
CA PRO A 41 21.25 -13.97 10.70
C PRO A 41 20.64 -13.99 12.11
N GLY A 42 19.31 -13.87 12.17
CA GLY A 42 18.59 -13.86 13.43
C GLY A 42 18.88 -12.70 14.40
N LYS A 43 19.52 -11.64 13.92
CA LYS A 43 19.84 -10.51 14.80
C LYS A 43 19.12 -9.22 14.43
N GLY A 44 19.41 -8.15 15.16
CA GLY A 44 18.79 -6.86 14.89
C GLY A 44 19.45 -6.12 13.74
N LEU A 45 18.99 -4.89 13.49
CA LEU A 45 19.51 -4.06 12.40
C LEU A 45 20.70 -3.23 12.86
N GLU A 46 21.63 -2.95 11.95
CA GLU A 46 22.83 -2.16 12.23
C GLU A 46 23.05 -1.15 11.11
N TRP A 47 23.45 0.06 11.48
CA TRP A 47 23.73 1.12 10.52
C TRP A 47 25.22 1.04 10.18
N VAL A 48 25.55 1.06 8.89
CA VAL A 48 26.95 1.00 8.45
C VAL A 48 27.45 2.42 8.21
N GLY A 49 26.72 3.16 7.37
CA GLY A 49 27.09 4.53 7.05
C GLY A 49 26.24 5.21 5.97
N LEU A 50 26.61 6.43 5.61
CA LEU A 50 25.90 7.18 4.58
C LEU A 50 26.85 7.98 3.70
N ILE A 51 26.32 8.50 2.60
CA ILE A 51 27.06 9.35 1.68
C ILE A 51 26.18 10.57 1.44
N ASP A 52 26.72 11.73 1.80
CA ASP A 52 26.02 13.02 1.68
C ASP A 52 26.12 13.57 0.24
N PRO A 53 24.98 13.96 -0.34
CA PRO A 53 24.87 14.51 -1.70
C PRO A 53 25.38 15.95 -1.86
N GLU A 54 25.36 16.70 -0.76
CA GLU A 54 25.77 18.12 -0.73
C GLU A 54 27.26 18.37 -1.02
N GLN A 55 28.14 17.55 -0.46
CA GLN A 55 29.58 17.71 -0.67
C GLN A 55 30.38 16.43 -0.84
N GLY A 56 29.74 15.27 -0.69
CA GLY A 56 30.45 14.01 -0.87
C GLY A 56 30.95 13.37 0.40
N ASN A 57 30.62 13.95 1.55
CA ASN A 57 31.05 13.40 2.84
C ASN A 57 30.60 11.98 3.00
N THR A 58 31.39 11.20 3.71
CA THR A 58 31.07 9.82 3.98
C THR A 58 31.25 9.66 5.49
N ILE A 59 30.21 9.21 6.16
CA ILE A 59 30.20 9.02 7.59
C ILE A 59 29.91 7.54 7.89
N TYR A 60 30.69 6.94 8.79
CA TYR A 60 30.49 5.55 9.12
C TYR A 60 30.45 5.34 10.61
N ASP A 61 29.95 4.18 11.01
CA ASP A 61 29.93 3.82 12.43
C ASP A 61 31.40 3.55 12.74
N PRO A 62 31.93 4.17 13.81
CA PRO A 62 33.34 3.99 14.21
C PRO A 62 33.70 2.52 14.36
N LYS A 63 32.72 1.70 14.75
CA LYS A 63 32.89 0.25 14.92
C LYS A 63 33.64 -0.38 13.76
N PHE A 64 33.39 0.13 12.56
CA PHE A 64 34.02 -0.40 11.36
C PHE A 64 35.46 0.03 11.13
N GLN A 65 35.97 0.89 12.01
CA GLN A 65 37.35 1.42 11.95
C GLN A 65 38.07 1.42 10.58
N ASP A 66 37.62 2.32 9.71
CA ASP A 66 38.18 2.49 8.36
C ASP A 66 38.10 1.31 7.38
N ARG A 67 37.45 0.22 7.76
CA ARG A 67 37.31 -0.92 6.85
C ARG A 67 36.23 -0.70 5.79
N ALA A 68 35.25 0.14 6.11
CA ALA A 68 34.14 0.41 5.19
C ALA A 68 34.33 1.68 4.36
N THR A 69 34.08 1.55 3.07
CA THR A 69 34.20 2.66 2.15
C THR A 69 32.94 2.70 1.29
N ILE A 70 32.15 3.76 1.46
CA ILE A 70 30.93 3.96 0.70
C ILE A 70 31.23 4.97 -0.40
N SER A 71 30.82 4.65 -1.63
CA SER A 71 31.03 5.54 -2.76
C SER A 71 29.83 5.50 -3.71
N ALA A 72 29.93 6.24 -4.81
CA ALA A 72 28.84 6.31 -5.78
C ALA A 72 29.30 6.80 -7.14
N ASP A 73 28.65 6.30 -8.18
CA ASP A 73 28.95 6.70 -9.54
C ASP A 73 27.65 7.24 -10.10
N ASN A 74 27.57 8.55 -10.25
CA ASN A 74 26.38 9.18 -10.78
C ASN A 74 26.07 8.78 -12.22
N SER A 75 27.10 8.50 -13.02
CA SER A 75 26.88 8.12 -14.41
C SER A 75 26.21 6.73 -14.51
N LYS A 76 26.38 5.91 -13.49
CA LYS A 76 25.77 4.60 -13.45
C LYS A 76 24.59 4.60 -12.48
N ASN A 77 24.39 5.72 -11.80
CA ASN A 77 23.31 5.90 -10.82
C ASN A 77 23.35 4.74 -9.82
N THR A 78 24.58 4.39 -9.45
CA THR A 78 24.87 3.30 -8.54
C THR A 78 25.67 3.74 -7.33
N ALA A 79 25.34 3.15 -6.18
CA ALA A 79 26.03 3.44 -4.93
C ALA A 79 26.81 2.16 -4.60
N TYR A 80 27.93 2.30 -3.92
CA TYR A 80 28.72 1.12 -3.58
C TYR A 80 29.12 1.02 -2.11
N LEU A 81 29.31 -0.21 -1.65
CA LEU A 81 29.75 -0.45 -0.28
C LEU A 81 30.91 -1.44 -0.37
N GLN A 82 32.05 -1.03 0.13
CA GLN A 82 33.23 -1.87 0.14
C GLN A 82 33.66 -2.09 1.57
N MET A 83 34.05 -3.33 1.90
CA MET A 83 34.49 -3.65 3.24
C MET A 83 35.64 -4.65 3.20
N ASN A 84 36.73 -4.33 3.89
CA ASN A 84 37.93 -5.17 3.93
C ASN A 84 38.06 -5.91 5.25
N SER A 85 39.05 -6.81 5.32
CA SER A 85 39.33 -7.60 6.53
C SER A 85 38.06 -8.15 7.19
N LEU A 86 37.24 -8.83 6.39
CA LEU A 86 35.99 -9.38 6.86
C LEU A 86 36.15 -10.44 7.93
N ARG A 87 35.23 -10.43 8.88
CA ARG A 87 35.23 -11.36 10.00
C ARG A 87 33.85 -12.00 10.04
N ALA A 88 33.72 -13.08 10.80
CA ALA A 88 32.47 -13.81 10.95
C ALA A 88 31.27 -12.91 11.30
N GLU A 89 31.49 -11.90 12.12
CA GLU A 89 30.42 -10.99 12.52
C GLU A 89 29.94 -10.09 11.37
N ASP A 90 30.63 -10.15 10.24
CA ASP A 90 30.25 -9.36 9.07
C ASP A 90 29.32 -10.16 8.18
N THR A 91 29.05 -11.41 8.55
CA THR A 91 28.13 -12.23 7.78
C THR A 91 26.76 -11.63 7.99
N ALA A 92 26.13 -11.18 6.91
CA ALA A 92 24.82 -10.53 7.01
C ALA A 92 24.16 -10.20 5.69
N VAL A 93 22.88 -9.83 5.80
CA VAL A 93 22.12 -9.38 4.64
C VAL A 93 22.41 -7.89 4.71
N TYR A 94 22.95 -7.36 3.60
CA TYR A 94 23.29 -5.94 3.48
C TYR A 94 22.25 -5.24 2.62
N TYR A 95 21.71 -4.14 3.16
CA TYR A 95 20.72 -3.35 2.45
C TYR A 95 21.26 -2.00 2.12
N CYS A 96 20.72 -1.49 1.03
CA CYS A 96 21.04 -0.18 0.49
C CYS A 96 19.74 0.57 0.71
N ALA A 97 19.81 1.77 1.29
CA ALA A 97 18.59 2.53 1.52
C ALA A 97 18.68 4.01 1.15
N ARG A 98 17.55 4.56 0.70
CA ARG A 98 17.44 5.96 0.31
C ARG A 98 16.88 6.71 1.49
N ASP A 99 17.45 7.89 1.73
CA ASP A 99 17.03 8.73 2.84
C ASP A 99 16.30 9.98 2.37
N THR A 100 15.21 10.28 3.05
CA THR A 100 14.41 11.49 2.86
C THR A 100 14.13 11.89 4.31
N ALA A 101 14.55 13.10 4.70
CA ALA A 101 14.31 13.55 6.07
C ALA A 101 14.84 12.61 7.16
N ALA A 102 15.94 11.92 6.86
CA ALA A 102 16.59 11.00 7.79
C ALA A 102 15.87 9.70 8.07
N TYR A 103 14.84 9.39 7.30
CA TYR A 103 14.16 8.12 7.47
C TYR A 103 14.33 7.43 6.12
N PHE A 104 14.36 6.10 6.12
CA PHE A 104 14.56 5.37 4.88
C PHE A 104 13.27 5.14 4.13
N ASP A 105 13.11 5.78 2.99
CA ASP A 105 11.89 5.64 2.23
C ASP A 105 11.89 4.49 1.20
N TYR A 106 13.08 4.07 0.74
CA TYR A 106 13.15 2.97 -0.20
C TYR A 106 14.31 2.06 0.13
N TRP A 107 14.13 0.75 -0.10
CA TRP A 107 15.18 -0.22 0.20
C TRP A 107 15.39 -1.15 -0.96
N GLY A 108 16.59 -1.73 -1.05
CA GLY A 108 16.86 -2.72 -2.08
C GLY A 108 16.36 -4.08 -1.55
N GLN A 109 16.50 -5.14 -2.33
CA GLN A 109 16.02 -6.43 -1.86
C GLN A 109 16.92 -7.05 -0.79
N GLY A 110 18.20 -6.72 -0.81
CA GLY A 110 19.13 -7.25 0.17
C GLY A 110 20.07 -8.29 -0.42
N THR A 111 21.36 -8.14 -0.16
CA THR A 111 22.36 -9.08 -0.65
C THR A 111 23.01 -9.74 0.57
N LEU A 112 23.04 -11.06 0.57
CA LEU A 112 23.64 -11.83 1.66
C LEU A 112 25.13 -12.05 1.46
N VAL A 113 25.93 -11.65 2.45
CA VAL A 113 27.37 -11.85 2.42
C VAL A 113 27.71 -12.84 3.54
N THR A 114 28.25 -13.99 3.16
CA THR A 114 28.62 -15.04 4.11
C THR A 114 30.13 -15.05 4.24
N VAL A 115 30.63 -14.87 5.46
CA VAL A 115 32.07 -14.87 5.72
C VAL A 115 32.46 -16.17 6.41
N SER A 116 33.19 -17.02 5.70
CA SER A 116 33.56 -18.33 6.26
C SER A 116 34.68 -19.02 5.48
N SER A 117 35.46 -19.83 6.16
CA SER A 117 36.54 -20.56 5.50
C SER A 117 36.12 -22.02 5.22
N ALA A 118 34.86 -22.31 5.48
CA ALA A 118 34.30 -23.64 5.23
C ALA A 118 34.21 -23.99 3.75
N SER A 119 34.27 -25.29 3.49
CA SER A 119 34.22 -25.82 2.13
C SER A 119 32.85 -26.45 1.93
N THR A 120 32.39 -26.44 0.68
CA THR A 120 31.10 -27.03 0.32
C THR A 120 31.09 -28.49 0.72
N LYS A 121 30.02 -28.89 1.40
CA LYS A 121 29.87 -30.25 1.87
C LYS A 121 28.38 -30.63 1.99
N GLY A 122 28.02 -31.78 1.42
CA GLY A 122 26.67 -32.26 1.49
C GLY A 122 26.42 -32.82 2.87
N PRO A 123 25.16 -32.88 3.32
CA PRO A 123 24.88 -33.40 4.66
C PRO A 123 24.78 -34.91 4.76
N SER A 124 24.85 -35.37 6.00
CA SER A 124 24.68 -36.76 6.34
C SER A 124 23.24 -36.72 6.87
N VAL A 125 22.40 -37.66 6.48
CA VAL A 125 21.02 -37.64 6.95
C VAL A 125 20.79 -38.83 7.84
N PHE A 126 20.56 -38.57 9.13
CA PHE A 126 20.33 -39.65 10.09
C PHE A 126 18.88 -39.66 10.55
N PRO A 127 18.33 -40.87 10.80
CA PRO A 127 16.94 -40.99 11.25
C PRO A 127 16.76 -40.70 12.74
N LEU A 128 15.57 -40.18 13.06
CA LEU A 128 15.14 -39.89 14.42
C LEU A 128 13.92 -40.82 14.49
N ALA A 129 14.21 -42.10 14.79
CA ALA A 129 13.22 -43.17 14.85
C ALA A 129 12.25 -43.10 16.01
N PRO A 130 10.98 -43.50 15.78
CA PRO A 130 9.90 -43.49 16.78
C PRO A 130 10.25 -44.34 18.01
N SER A 131 9.73 -43.93 19.18
CA SER A 131 9.97 -44.59 20.46
C SER A 131 9.42 -46.03 20.55
N SER A 132 8.29 -46.26 19.89
CA SER A 132 7.61 -47.56 19.88
C SER A 132 7.22 -48.00 21.28
N GLY A 137 -0.09 -42.53 24.47
CA GLY A 137 -0.82 -41.66 23.56
C GLY A 137 -0.92 -42.25 22.17
N GLY A 138 -1.83 -41.72 21.36
CA GLY A 138 -1.98 -42.23 20.01
C GLY A 138 -1.14 -41.49 18.98
N THR A 139 -0.17 -40.72 19.45
CA THR A 139 0.69 -39.94 18.57
C THR A 139 2.19 -40.16 18.82
N ALA A 140 2.93 -40.39 17.73
CA ALA A 140 4.36 -40.60 17.81
C ALA A 140 5.06 -39.57 16.91
N ALA A 141 6.31 -39.28 17.23
CA ALA A 141 7.08 -38.34 16.45
C ALA A 141 8.27 -39.07 15.87
N LEU A 142 8.67 -38.70 14.67
CA LEU A 142 9.81 -39.30 14.00
C LEU A 142 10.43 -38.20 13.18
N GLY A 143 11.63 -38.44 12.65
CA GLY A 143 12.26 -37.41 11.85
C GLY A 143 13.64 -37.71 11.31
N CYS A 144 14.27 -36.66 10.81
CA CYS A 144 15.60 -36.72 10.23
C CYS A 144 16.52 -35.64 10.75
N LEU A 145 17.77 -36.01 10.97
CA LEU A 145 18.81 -35.10 11.41
C LEU A 145 19.66 -34.85 10.16
N VAL A 146 19.57 -33.65 9.61
CA VAL A 146 20.34 -33.27 8.43
C VAL A 146 21.55 -32.53 8.99
N LYS A 147 22.64 -33.28 9.16
CA LYS A 147 23.86 -32.79 9.77
C LYS A 147 25.11 -32.55 8.92
N ASP A 148 25.86 -31.53 9.34
CA ASP A 148 27.13 -31.11 8.76
C ASP A 148 27.17 -30.73 7.29
N TYR A 149 26.46 -29.68 6.94
CA TYR A 149 26.45 -29.23 5.55
C TYR A 149 26.84 -27.78 5.46
N PHE A 150 27.32 -27.39 4.28
CA PHE A 150 27.70 -26.03 4.01
C PHE A 150 27.74 -25.90 2.51
N PRO A 151 27.17 -24.81 1.98
CA PRO A 151 26.52 -23.73 2.74
C PRO A 151 25.02 -23.96 2.79
N GLU A 152 24.29 -22.97 3.27
CA GLU A 152 22.84 -23.05 3.30
C GLU A 152 22.37 -22.82 1.85
N PRO A 153 21.17 -23.31 1.49
CA PRO A 153 20.23 -24.06 2.32
C PRO A 153 20.14 -25.53 1.99
N VAL A 154 19.22 -26.18 2.67
CA VAL A 154 18.95 -27.59 2.47
C VAL A 154 17.42 -27.69 2.53
N THR A 155 16.82 -28.44 1.60
CA THR A 155 15.36 -28.60 1.60
C THR A 155 14.98 -29.96 2.15
N VAL A 156 13.84 -30.01 2.84
CA VAL A 156 13.33 -31.25 3.41
C VAL A 156 11.84 -31.42 3.12
N SER A 157 11.47 -32.59 2.61
CA SER A 157 10.10 -32.93 2.30
C SER A 157 9.87 -34.32 2.86
N TRP A 158 8.61 -34.71 3.04
CA TRP A 158 8.31 -36.04 3.55
C TRP A 158 7.41 -36.77 2.56
N ASN A 159 7.71 -38.03 2.29
CA ASN A 159 6.96 -38.85 1.34
C ASN A 159 6.78 -38.13 0.00
N SER A 160 7.92 -37.69 -0.54
CA SER A 160 7.98 -36.97 -1.81
C SER A 160 7.16 -35.67 -1.82
N GLY A 161 6.46 -35.39 -0.72
CA GLY A 161 5.65 -34.19 -0.61
C GLY A 161 4.22 -34.49 -0.17
N ALA A 162 3.86 -35.77 -0.16
CA ALA A 162 2.51 -36.19 0.24
C ALA A 162 2.27 -36.20 1.74
N LEU A 163 3.14 -35.52 2.48
CA LEU A 163 3.01 -35.45 3.93
C LEU A 163 3.47 -34.07 4.39
N THR A 164 2.51 -33.23 4.77
CA THR A 164 2.77 -31.87 5.20
C THR A 164 2.29 -31.57 6.62
N SER A 165 1.17 -32.17 6.99
CA SER A 165 0.59 -31.97 8.31
C SER A 165 1.46 -32.50 9.45
N GLY A 166 1.65 -31.67 10.47
CA GLY A 166 2.43 -32.06 11.62
C GLY A 166 3.92 -32.02 11.41
N VAL A 167 4.34 -31.54 10.25
CA VAL A 167 5.77 -31.45 9.94
C VAL A 167 6.38 -30.13 10.43
N HIS A 168 7.54 -30.24 11.09
CA HIS A 168 8.29 -29.08 11.56
C HIS A 168 9.72 -29.19 11.10
N THR A 169 10.12 -28.31 10.21
CA THR A 169 11.48 -28.27 9.71
C THR A 169 12.10 -27.04 10.37
N PHE A 170 12.92 -27.31 11.39
CA PHE A 170 13.58 -26.27 12.19
C PHE A 170 14.64 -25.45 11.48
N PRO A 171 14.82 -24.19 11.90
CA PRO A 171 15.83 -23.30 11.31
C PRO A 171 17.21 -23.91 11.56
N ALA A 172 18.12 -23.76 10.61
CA ALA A 172 19.45 -24.34 10.76
C ALA A 172 20.25 -23.60 11.80
N VAL A 173 21.25 -24.27 12.36
CA VAL A 173 22.12 -23.62 13.33
C VAL A 173 23.57 -23.80 12.88
N LEU A 174 24.39 -22.78 13.13
CA LEU A 174 25.81 -22.80 12.78
C LEU A 174 26.62 -23.38 13.94
N GLN A 175 27.17 -24.58 13.75
CA GLN A 175 28.00 -25.23 14.77
C GLN A 175 29.39 -24.63 14.78
N SER A 176 30.13 -24.82 15.87
CA SER A 176 31.50 -24.27 15.96
C SER A 176 32.46 -24.80 14.88
N SER A 177 32.01 -25.79 14.10
CA SER A 177 32.81 -26.39 13.03
C SER A 177 32.69 -25.61 11.73
N GLY A 178 31.76 -24.64 11.72
CA GLY A 178 31.50 -23.84 10.54
C GLY A 178 30.49 -24.51 9.58
N LEU A 179 29.95 -25.65 9.99
CA LEU A 179 28.99 -26.39 9.19
C LEU A 179 27.60 -26.28 9.80
N TYR A 180 26.58 -26.48 8.98
CA TYR A 180 25.21 -26.37 9.47
C TYR A 180 24.56 -27.70 9.81
N SER A 181 23.57 -27.62 10.70
CA SER A 181 22.85 -28.80 11.14
C SER A 181 21.40 -28.38 11.29
N LEU A 182 20.51 -29.32 11.04
CA LEU A 182 19.09 -29.04 11.08
C LEU A 182 18.28 -30.31 11.25
N SER A 183 17.08 -30.18 11.80
CA SER A 183 16.21 -31.32 12.00
C SER A 183 14.81 -31.06 11.51
N SER A 184 14.22 -32.10 10.94
CA SER A 184 12.85 -32.04 10.46
C SER A 184 12.12 -33.18 11.14
N VAL A 185 11.04 -32.86 11.85
CA VAL A 185 10.30 -33.89 12.53
C VAL A 185 8.86 -33.87 12.05
N VAL A 186 8.13 -34.94 12.36
CA VAL A 186 6.72 -35.03 12.03
C VAL A 186 6.01 -35.93 13.06
N THR A 187 4.81 -35.53 13.45
CA THR A 187 4.04 -36.32 14.40
C THR A 187 2.98 -37.06 13.59
N VAL A 188 2.89 -38.36 13.83
CA VAL A 188 1.95 -39.21 13.14
C VAL A 188 1.25 -40.14 14.14
N PRO A 189 0.15 -40.78 13.72
CA PRO A 189 -0.53 -41.67 14.67
C PRO A 189 0.34 -42.92 14.94
N SER A 190 0.34 -43.37 16.19
CA SER A 190 1.14 -44.54 16.61
C SER A 190 0.78 -45.83 15.87
N SER A 191 -0.47 -45.96 15.47
CA SER A 191 -0.95 -47.16 14.79
C SER A 191 -0.34 -47.39 13.40
N SER A 192 -0.06 -46.30 12.70
CA SER A 192 0.51 -46.37 11.36
C SER A 192 1.97 -46.83 11.30
N LEU A 193 2.64 -46.95 12.45
CA LEU A 193 4.03 -47.38 12.49
C LEU A 193 4.19 -48.82 11.99
N GLY A 194 4.50 -48.94 10.71
CA GLY A 194 4.65 -50.24 10.07
C GLY A 194 3.81 -50.18 8.80
N THR A 195 2.52 -49.91 8.97
CA THR A 195 1.59 -49.79 7.84
C THR A 195 2.02 -48.72 6.85
N GLN A 196 2.30 -47.52 7.34
CA GLN A 196 2.72 -46.39 6.50
C GLN A 196 4.24 -46.16 6.48
N THR A 197 4.75 -45.89 5.29
CA THR A 197 6.18 -45.65 5.08
C THR A 197 6.50 -44.14 5.09
N TYR A 198 7.41 -43.75 6.00
CA TYR A 198 7.85 -42.35 6.10
C TYR A 198 9.28 -42.17 5.62
N ILE A 199 9.44 -41.32 4.61
CA ILE A 199 10.74 -41.05 4.01
C ILE A 199 10.94 -39.54 3.97
N CYS A 200 12.09 -39.07 4.44
CA CYS A 200 12.37 -37.64 4.38
C CYS A 200 13.28 -37.40 3.17
N ASN A 201 12.89 -36.45 2.34
CA ASN A 201 13.64 -36.12 1.14
C ASN A 201 14.50 -34.88 1.36
N VAL A 202 15.80 -35.11 1.47
CA VAL A 202 16.75 -34.04 1.69
C VAL A 202 17.48 -33.67 0.41
N ASN A 203 17.60 -32.38 0.16
CA ASN A 203 18.28 -31.90 -1.03
C ASN A 203 19.17 -30.73 -0.69
N HIS A 204 20.42 -30.80 -1.14
CA HIS A 204 21.41 -29.76 -0.89
C HIS A 204 22.05 -29.50 -2.25
N LYS A 205 21.52 -28.51 -2.96
CA LYS A 205 22.01 -28.20 -4.29
C LYS A 205 23.49 -27.91 -4.52
N PRO A 206 24.15 -27.14 -3.63
CA PRO A 206 25.57 -26.85 -3.86
C PRO A 206 26.52 -28.05 -3.95
N SER A 207 26.15 -29.16 -3.33
CA SER A 207 26.98 -30.36 -3.36
C SER A 207 26.30 -31.48 -4.18
N ASN A 208 25.16 -31.18 -4.80
CA ASN A 208 24.42 -32.16 -5.60
C ASN A 208 24.07 -33.35 -4.73
N THR A 209 23.62 -33.10 -3.52
CA THR A 209 23.25 -34.18 -2.62
C THR A 209 21.76 -34.35 -2.55
N LYS A 210 21.31 -35.55 -2.86
CA LYS A 210 19.90 -35.91 -2.83
C LYS A 210 19.83 -37.22 -2.04
N VAL A 211 19.25 -37.17 -0.86
CA VAL A 211 19.13 -38.34 0.00
C VAL A 211 17.68 -38.61 0.37
N ASP A 212 17.33 -39.89 0.41
CA ASP A 212 15.98 -40.31 0.76
C ASP A 212 16.09 -41.32 1.89
N LYS A 213 15.98 -40.85 3.12
CA LYS A 213 16.10 -41.75 4.24
C LYS A 213 14.77 -42.27 4.78
N LYS A 214 14.63 -43.60 4.83
CA LYS A 214 13.43 -44.21 5.38
C LYS A 214 13.64 -44.20 6.88
N VAL A 215 12.60 -43.84 7.62
CA VAL A 215 12.69 -43.75 9.06
C VAL A 215 11.76 -44.77 9.68
N GLU A 216 12.30 -45.64 10.54
CA GLU A 216 11.50 -46.68 11.18
C GLU A 216 12.06 -47.09 12.55
N PRO A 217 11.24 -47.76 13.38
CA PRO A 217 11.71 -48.19 14.71
C PRO A 217 12.71 -49.35 14.60
N GLU B 1 5.78 -2.63 -13.15
CA GLU B 1 4.77 -1.72 -12.60
C GLU B 1 3.70 -1.42 -13.67
N VAL B 2 2.48 -1.85 -13.40
CA VAL B 2 1.37 -1.63 -14.31
C VAL B 2 0.89 -0.18 -14.24
N GLN B 3 0.66 0.43 -15.41
CA GLN B 3 0.18 1.80 -15.53
C GLN B 3 -0.83 1.88 -16.66
N LEU B 4 -1.80 2.77 -16.49
CA LEU B 4 -2.85 3.00 -17.48
C LEU B 4 -3.04 4.51 -17.54
N VAL B 5 -2.78 5.09 -18.71
CA VAL B 5 -2.87 6.54 -18.92
C VAL B 5 -3.87 6.84 -20.02
N GLU B 6 -4.91 7.57 -19.66
CA GLU B 6 -5.97 7.93 -20.60
C GLU B 6 -5.84 9.33 -21.14
N SER B 7 -6.33 9.52 -22.34
CA SER B 7 -6.31 10.81 -22.99
C SER B 7 -7.47 10.87 -23.98
N GLY B 8 -7.77 12.07 -24.46
CA GLY B 8 -8.83 12.23 -25.42
C GLY B 8 -10.04 12.95 -24.87
N GLY B 9 -10.07 13.11 -23.55
CA GLY B 9 -11.17 13.80 -22.93
C GLY B 9 -11.20 15.26 -23.32
N GLY B 10 -12.36 15.89 -23.10
CA GLY B 10 -12.51 17.29 -23.44
C GLY B 10 -13.94 17.63 -23.78
N LEU B 11 -14.14 18.86 -24.23
CA LEU B 11 -15.46 19.38 -24.60
C LEU B 11 -15.96 18.91 -25.96
N VAL B 12 -17.18 18.36 -25.98
CA VAL B 12 -17.81 17.89 -27.22
C VAL B 12 -19.24 18.42 -27.34
N GLN B 13 -19.62 18.82 -28.55
CA GLN B 13 -20.98 19.31 -28.81
C GLN B 13 -21.92 18.10 -28.84
N PRO B 14 -23.20 18.30 -28.44
CA PRO B 14 -24.20 17.23 -28.43
C PRO B 14 -24.35 16.68 -29.85
N GLY B 15 -24.29 15.35 -29.98
CA GLY B 15 -24.43 14.72 -31.27
C GLY B 15 -23.06 14.41 -31.84
N GLY B 16 -22.02 14.96 -31.22
CA GLY B 16 -20.68 14.71 -31.67
C GLY B 16 -20.16 13.36 -31.18
N SER B 17 -18.86 13.14 -31.32
CA SER B 17 -18.26 11.87 -30.90
C SER B 17 -17.01 12.04 -30.07
N LEU B 18 -16.69 11.00 -29.30
CA LEU B 18 -15.53 11.01 -28.45
C LEU B 18 -14.63 9.83 -28.81
N ARG B 19 -13.32 10.03 -28.72
CA ARG B 19 -12.34 8.99 -29.00
C ARG B 19 -11.32 9.02 -27.87
N LEU B 20 -11.48 8.12 -26.92
CA LEU B 20 -10.58 8.03 -25.76
C LEU B 20 -9.51 6.97 -25.94
N SER B 21 -8.30 7.27 -25.51
CA SER B 21 -7.14 6.36 -25.62
C SER B 21 -6.71 5.90 -24.23
N CYS B 22 -6.22 4.68 -24.13
CA CYS B 22 -5.72 4.16 -22.85
C CYS B 22 -4.37 3.48 -23.09
N ALA B 23 -3.29 4.21 -22.84
CA ALA B 23 -1.94 3.69 -23.04
C ALA B 23 -1.53 2.83 -21.85
N ALA B 24 -1.22 1.57 -22.13
CA ALA B 24 -0.82 0.63 -21.08
C ALA B 24 0.70 0.54 -20.99
N SER B 25 1.16 0.18 -19.80
CA SER B 25 2.58 0.02 -19.50
C SER B 25 2.71 -1.06 -18.43
N GLY B 26 3.79 -1.84 -18.52
CA GLY B 26 4.04 -2.89 -17.54
C GLY B 26 3.32 -4.21 -17.73
N PHE B 27 2.66 -4.37 -18.87
CA PHE B 27 1.95 -5.59 -19.19
C PHE B 27 1.47 -5.44 -20.63
N ASN B 28 0.92 -6.49 -21.23
CA ASN B 28 0.45 -6.41 -22.60
C ASN B 28 -1.06 -6.56 -22.68
N ILE B 29 -1.73 -5.54 -23.20
CA ILE B 29 -3.19 -5.55 -23.30
C ILE B 29 -3.66 -6.79 -24.03
N LYS B 30 -2.83 -7.26 -24.94
CA LYS B 30 -3.14 -8.44 -25.75
C LYS B 30 -3.52 -9.66 -24.91
N GLU B 31 -2.98 -9.75 -23.69
CA GLU B 31 -3.22 -10.88 -22.80
C GLU B 31 -4.27 -10.67 -21.70
N TYR B 32 -4.92 -9.51 -21.67
CA TYR B 32 -5.89 -9.24 -20.60
C TYR B 32 -7.23 -8.74 -21.07
N TYR B 33 -8.25 -8.94 -20.25
CA TYR B 33 -9.57 -8.39 -20.55
C TYR B 33 -9.49 -6.92 -20.11
N MET B 34 -9.82 -6.02 -21.04
CA MET B 34 -9.82 -4.58 -20.81
C MET B 34 -11.27 -4.03 -20.82
N HIS B 35 -11.58 -3.14 -19.88
CA HIS B 35 -12.93 -2.56 -19.77
C HIS B 35 -12.92 -1.04 -19.74
N TRP B 36 -14.11 -0.46 -19.86
CA TRP B 36 -14.24 0.97 -19.75
C TRP B 36 -15.39 1.17 -18.81
N VAL B 37 -15.20 2.06 -17.83
CA VAL B 37 -16.19 2.38 -16.81
C VAL B 37 -16.28 3.90 -16.75
N ARG B 38 -17.46 4.41 -16.39
CA ARG B 38 -17.66 5.87 -16.32
C ARG B 38 -18.47 6.31 -15.11
N GLN B 39 -18.33 7.58 -14.80
CA GLN B 39 -19.00 8.14 -13.66
C GLN B 39 -19.38 9.58 -13.96
N ALA B 40 -20.68 9.81 -14.09
CA ALA B 40 -21.21 11.15 -14.34
C ALA B 40 -21.03 11.95 -13.02
N PRO B 41 -20.89 13.28 -13.13
CA PRO B 41 -20.72 14.17 -11.98
C PRO B 41 -21.70 13.87 -10.83
N GLY B 42 -21.16 13.56 -9.65
CA GLY B 42 -21.99 13.29 -8.48
C GLY B 42 -22.87 12.06 -8.56
N LYS B 43 -22.57 11.14 -9.48
CA LYS B 43 -23.37 9.94 -9.64
C LYS B 43 -22.60 8.65 -9.31
N GLY B 44 -23.26 7.51 -9.48
CA GLY B 44 -22.62 6.23 -9.22
C GLY B 44 -21.76 5.79 -10.42
N LEU B 45 -21.19 4.59 -10.35
CA LEU B 45 -20.34 4.04 -11.41
C LEU B 45 -21.18 3.25 -12.45
N GLU B 46 -20.79 3.31 -13.73
CA GLU B 46 -21.49 2.55 -14.78
C GLU B 46 -20.51 1.76 -15.63
N TRP B 47 -20.86 0.53 -15.97
CA TRP B 47 -20.02 -0.29 -16.84
C TRP B 47 -20.40 0.00 -18.29
N VAL B 48 -19.40 0.26 -19.14
CA VAL B 48 -19.67 0.53 -20.55
C VAL B 48 -19.52 -0.76 -21.36
N GLY B 49 -18.35 -1.39 -21.21
CA GLY B 49 -18.06 -2.63 -21.91
C GLY B 49 -16.66 -3.22 -21.76
N LEU B 50 -16.40 -4.33 -22.46
CA LEU B 50 -15.10 -4.99 -22.40
C LEU B 50 -14.68 -5.52 -23.73
N ILE B 51 -13.40 -5.86 -23.82
CA ILE B 51 -12.84 -6.47 -25.01
C ILE B 51 -12.09 -7.73 -24.55
N ASP B 52 -12.54 -8.87 -25.06
CA ASP B 52 -12.00 -10.20 -24.76
C ASP B 52 -10.70 -10.43 -25.55
N PRO B 53 -9.63 -10.87 -24.87
CA PRO B 53 -8.35 -11.11 -25.53
C PRO B 53 -8.23 -12.47 -26.23
N GLU B 54 -9.12 -13.40 -25.90
CA GLU B 54 -9.08 -14.74 -26.51
C GLU B 54 -9.44 -14.77 -27.97
N GLN B 55 -10.41 -13.94 -28.39
CA GLN B 55 -10.79 -13.90 -29.80
C GLN B 55 -11.23 -12.54 -30.32
N GLY B 56 -11.16 -11.52 -29.48
CA GLY B 56 -11.52 -10.17 -29.92
C GLY B 56 -12.98 -9.74 -29.76
N ASN B 57 -13.81 -10.55 -29.08
CA ASN B 57 -15.21 -10.20 -28.87
C ASN B 57 -15.28 -8.92 -28.07
N THR B 58 -16.33 -8.13 -28.35
CA THR B 58 -16.58 -6.88 -27.65
C THR B 58 -18.03 -6.95 -27.17
N ILE B 59 -18.23 -6.69 -25.89
CA ILE B 59 -19.54 -6.74 -25.28
C ILE B 59 -19.81 -5.37 -24.63
N TYR B 60 -21.02 -4.86 -24.81
CA TYR B 60 -21.37 -3.56 -24.26
C TYR B 60 -22.69 -3.64 -23.54
N ASP B 61 -22.98 -2.63 -22.73
CA ASP B 61 -24.27 -2.58 -22.05
C ASP B 61 -25.20 -2.16 -23.19
N PRO B 62 -26.32 -2.88 -23.36
CA PRO B 62 -27.32 -2.58 -24.40
C PRO B 62 -27.78 -1.14 -24.38
N LYS B 63 -27.75 -0.52 -23.21
CA LYS B 63 -28.14 0.88 -23.06
C LYS B 63 -27.48 1.79 -24.08
N PHE B 64 -26.26 1.46 -24.46
CA PHE B 64 -25.51 2.26 -25.42
C PHE B 64 -25.90 2.08 -26.88
N GLN B 65 -26.78 1.10 -27.12
CA GLN B 65 -27.27 0.75 -28.45
C GLN B 65 -26.39 1.04 -29.67
N ASP B 66 -25.28 0.29 -29.77
CA ASP B 66 -24.34 0.39 -30.88
C ASP B 66 -23.54 1.70 -30.98
N ARG B 67 -23.78 2.64 -30.08
CA ARG B 67 -23.06 3.90 -30.12
C ARG B 67 -21.60 3.77 -29.67
N ALA B 68 -21.33 2.80 -28.79
CA ALA B 68 -19.96 2.63 -28.30
C ALA B 68 -19.19 1.51 -28.97
N THR B 69 -17.94 1.80 -29.32
CA THR B 69 -17.06 0.83 -29.96
C THR B 69 -15.73 0.75 -29.20
N ILE B 70 -15.45 -0.39 -28.62
CA ILE B 70 -14.20 -0.60 -27.91
C ILE B 70 -13.23 -1.37 -28.84
N SER B 71 -11.97 -0.93 -28.87
CA SER B 71 -10.95 -1.55 -29.71
C SER B 71 -9.57 -1.54 -29.02
N ALA B 72 -8.57 -2.08 -29.69
CA ALA B 72 -7.23 -2.10 -29.13
C ALA B 72 -6.17 -2.33 -30.20
N ASP B 73 -5.01 -1.71 -30.00
CA ASP B 73 -3.90 -1.82 -30.92
C ASP B 73 -2.71 -2.38 -30.14
N ASN B 74 -2.40 -3.65 -30.38
CA ASN B 74 -1.28 -4.33 -29.72
C ASN B 74 0.04 -3.63 -29.92
N SER B 75 0.28 -3.16 -31.15
CA SER B 75 1.52 -2.47 -31.46
C SER B 75 1.74 -1.23 -30.62
N LYS B 76 0.65 -0.60 -30.17
CA LYS B 76 0.74 0.59 -29.35
C LYS B 76 0.44 0.28 -27.89
N ASN B 77 0.03 -0.97 -27.63
CA ASN B 77 -0.30 -1.43 -26.28
C ASN B 77 -1.35 -0.45 -25.68
N THR B 78 -2.25 -0.02 -26.54
CA THR B 78 -3.31 0.94 -26.20
C THR B 78 -4.69 0.38 -26.51
N ALA B 79 -5.65 0.71 -25.65
CA ALA B 79 -7.03 0.30 -25.85
C ALA B 79 -7.79 1.59 -26.19
N TYR B 80 -8.94 1.46 -26.83
CA TYR B 80 -9.71 2.62 -27.22
C TYR B 80 -11.19 2.50 -26.91
N LEU B 81 -11.85 3.63 -26.71
CA LEU B 81 -13.30 3.65 -26.50
C LEU B 81 -13.80 4.78 -27.39
N GLN B 82 -14.73 4.42 -28.28
CA GLN B 82 -15.32 5.36 -29.23
C GLN B 82 -16.82 5.46 -28.95
N MET B 83 -17.36 6.68 -28.92
CA MET B 83 -18.78 6.85 -28.70
C MET B 83 -19.33 7.95 -29.61
N ASN B 84 -20.42 7.66 -30.31
CA ASN B 84 -21.05 8.62 -31.22
C ASN B 84 -22.37 9.15 -30.66
N SER B 85 -22.95 10.14 -31.34
CA SER B 85 -24.22 10.76 -30.94
C SER B 85 -24.31 11.03 -29.42
N LEU B 86 -23.29 11.73 -28.90
CA LEU B 86 -23.24 12.02 -27.49
C LEU B 86 -24.35 12.93 -27.01
N ARG B 87 -24.86 12.61 -25.84
CA ARG B 87 -25.87 13.42 -25.20
C ARG B 87 -25.41 13.83 -23.82
N ALA B 88 -26.16 14.74 -23.22
CA ALA B 88 -25.88 15.29 -21.89
C ALA B 88 -25.52 14.24 -20.83
N GLU B 89 -26.21 13.12 -20.84
CA GLU B 89 -25.98 12.03 -19.89
C GLU B 89 -24.66 11.28 -20.11
N ASP B 90 -23.94 11.61 -21.17
CA ASP B 90 -22.68 10.94 -21.44
C ASP B 90 -21.58 11.77 -20.81
N THR B 91 -21.92 12.95 -20.31
CA THR B 91 -20.95 13.78 -19.62
C THR B 91 -20.47 12.98 -18.40
N ALA B 92 -19.19 12.63 -18.38
CA ALA B 92 -18.65 11.81 -17.29
C ALA B 92 -17.16 11.62 -17.32
N VAL B 93 -16.64 11.14 -16.20
CA VAL B 93 -15.23 10.83 -16.09
C VAL B 93 -15.19 9.40 -16.60
N TYR B 94 -14.42 9.16 -17.64
CA TYR B 94 -14.33 7.80 -18.20
C TYR B 94 -13.03 7.14 -17.75
N TYR B 95 -13.17 5.93 -17.23
CA TYR B 95 -12.02 5.16 -16.79
C TYR B 95 -11.80 3.97 -17.68
N CYS B 96 -10.54 3.57 -17.70
CA CYS B 96 -10.05 2.43 -18.44
C CYS B 96 -9.62 1.48 -17.32
N ALA B 97 -10.07 0.22 -17.36
CA ALA B 97 -9.70 -0.73 -16.31
C ALA B 97 -9.24 -2.08 -16.80
N ARG B 98 -8.24 -2.65 -16.12
CA ARG B 98 -7.73 -3.97 -16.45
C ARG B 98 -8.45 -4.97 -15.56
N ASP B 99 -8.79 -6.11 -16.16
CA ASP B 99 -9.50 -7.18 -15.47
C ASP B 99 -8.63 -8.42 -15.24
N THR B 100 -8.71 -8.93 -14.02
CA THR B 100 -8.05 -10.16 -13.63
C THR B 100 -9.15 -10.84 -12.83
N ALA B 101 -9.55 -12.03 -13.25
CA ALA B 101 -10.59 -12.80 -12.57
C ALA B 101 -11.90 -12.03 -12.37
N ALA B 102 -12.22 -11.20 -13.36
CA ALA B 102 -13.45 -10.41 -13.39
C ALA B 102 -13.56 -9.24 -12.41
N TYR B 103 -12.45 -8.90 -11.75
CA TYR B 103 -12.45 -7.74 -10.86
C TYR B 103 -11.42 -6.78 -11.48
N PHE B 104 -11.54 -5.49 -11.20
CA PHE B 104 -10.62 -4.52 -11.78
C PHE B 104 -9.36 -4.32 -10.94
N ASP B 105 -8.20 -4.77 -11.40
CA ASP B 105 -6.96 -4.60 -10.64
C ASP B 105 -6.20 -3.28 -10.87
N TYR B 106 -6.32 -2.70 -12.06
CA TYR B 106 -5.67 -1.43 -12.32
C TYR B 106 -6.57 -0.47 -13.05
N TRP B 107 -6.36 0.81 -12.82
CA TRP B 107 -7.19 1.83 -13.44
C TRP B 107 -6.39 2.98 -13.93
N GLY B 108 -6.88 3.63 -14.97
CA GLY B 108 -6.20 4.84 -15.45
C GLY B 108 -6.59 5.99 -14.53
N GLN B 109 -6.02 7.16 -14.73
CA GLN B 109 -6.36 8.29 -13.88
C GLN B 109 -7.79 8.80 -14.13
N GLY B 110 -8.30 8.61 -15.34
CA GLY B 110 -9.64 9.07 -15.68
C GLY B 110 -9.64 10.31 -16.56
N THR B 111 -10.49 10.30 -17.57
CA THR B 111 -10.58 11.45 -18.46
C THR B 111 -12.01 11.99 -18.52
N LEU B 112 -12.15 13.29 -18.27
CA LEU B 112 -13.46 13.94 -18.27
C LEU B 112 -13.93 14.32 -19.67
N VAL B 113 -15.12 13.86 -20.04
CA VAL B 113 -15.74 14.19 -21.32
C VAL B 113 -16.99 15.03 -20.96
N THR B 114 -17.00 16.28 -21.40
CA THR B 114 -18.11 17.20 -21.13
C THR B 114 -18.90 17.38 -22.42
N VAL B 115 -20.18 17.04 -22.39
CA VAL B 115 -21.03 17.22 -23.58
C VAL B 115 -21.96 18.40 -23.39
N SER B 116 -21.74 19.45 -24.17
CA SER B 116 -22.52 20.67 -24.04
C SER B 116 -22.36 21.60 -25.23
N SER B 117 -23.39 22.40 -25.51
CA SER B 117 -23.31 23.36 -26.62
C SER B 117 -22.96 24.76 -26.12
N ALA B 118 -22.72 24.87 -24.82
CA ALA B 118 -22.35 26.12 -24.16
C ALA B 118 -21.01 26.68 -24.62
N SER B 119 -20.90 28.00 -24.62
CA SER B 119 -19.67 28.71 -25.03
C SER B 119 -18.91 29.19 -23.79
N THR B 120 -17.60 29.39 -23.93
CA THR B 120 -16.80 29.85 -22.80
C THR B 120 -17.28 31.22 -22.33
N LYS B 121 -17.45 31.34 -21.01
CA LYS B 121 -17.94 32.55 -20.41
C LYS B 121 -17.46 32.75 -18.98
N GLY B 122 -16.87 33.92 -18.74
CA GLY B 122 -16.40 34.27 -17.42
C GLY B 122 -17.56 34.55 -16.50
N PRO B 123 -17.39 34.35 -15.19
CA PRO B 123 -18.46 34.58 -14.21
C PRO B 123 -18.67 36.03 -13.81
N SER B 124 -19.88 36.30 -13.34
CA SER B 124 -20.25 37.60 -12.79
C SER B 124 -20.07 37.26 -11.30
N VAL B 125 -19.42 38.14 -10.54
CA VAL B 125 -19.23 37.87 -9.12
C VAL B 125 -19.99 38.90 -8.30
N PHE B 126 -20.99 38.42 -7.56
CA PHE B 126 -21.85 39.27 -6.72
C PHE B 126 -21.64 39.06 -5.22
N PRO B 127 -21.79 40.13 -4.44
CA PRO B 127 -21.62 40.08 -2.98
C PRO B 127 -22.80 39.44 -2.27
N LEU B 128 -22.47 38.77 -1.17
CA LEU B 128 -23.43 38.16 -0.28
C LEU B 128 -23.05 38.94 0.98
N ALA B 129 -23.53 40.17 1.09
CA ALA B 129 -23.22 41.07 2.21
C ALA B 129 -23.82 40.70 3.56
N PRO B 130 -23.07 40.95 4.66
CA PRO B 130 -23.50 40.67 6.03
C PRO B 130 -24.83 41.33 6.37
N SER B 131 -25.61 40.68 7.25
CA SER B 131 -26.92 41.20 7.63
C SER B 131 -26.87 42.48 8.47
N SER B 132 -25.79 42.66 9.23
CA SER B 132 -25.59 43.83 10.08
C SER B 132 -26.72 44.03 11.09
N GLY B 137 -25.84 37.19 18.08
CA GLY B 137 -24.59 36.43 18.16
C GLY B 137 -23.39 37.24 17.71
N GLY B 138 -22.19 36.75 18.05
CA GLY B 138 -20.97 37.44 17.66
C GLY B 138 -20.38 36.99 16.34
N THR B 139 -21.13 36.22 15.57
CA THR B 139 -20.66 35.72 14.27
C THR B 139 -21.56 36.08 13.09
N ALA B 140 -20.94 36.57 12.03
CA ALA B 140 -21.65 36.94 10.82
C ALA B 140 -21.10 36.14 9.63
N ALA B 141 -21.93 35.98 8.60
CA ALA B 141 -21.52 35.27 7.41
C ALA B 141 -21.60 36.25 6.25
N LEU B 142 -20.64 36.15 5.34
CA LEU B 142 -20.61 37.00 4.16
C LEU B 142 -20.05 36.14 3.03
N GLY B 143 -20.17 36.62 1.79
CA GLY B 143 -19.68 35.83 0.69
C GLY B 143 -19.77 36.36 -0.72
N CYS B 144 -19.57 35.46 -1.68
CA CYS B 144 -19.59 35.77 -3.09
C CYS B 144 -20.35 34.73 -3.89
N LEU B 145 -21.18 35.22 -4.80
CA LEU B 145 -21.95 34.35 -5.66
C LEU B 145 -21.23 34.45 -7.01
N VAL B 146 -20.56 33.38 -7.40
CA VAL B 146 -19.82 33.32 -8.65
C VAL B 146 -20.78 32.67 -9.64
N LYS B 147 -21.44 33.51 -10.42
CA LYS B 147 -22.48 33.08 -11.34
C LYS B 147 -22.28 33.12 -12.85
N ASP B 148 -22.93 32.17 -13.51
CA ASP B 148 -22.96 32.03 -14.96
C ASP B 148 -21.62 31.88 -15.68
N TYR B 149 -20.90 30.81 -15.36
CA TYR B 149 -19.62 30.60 -16.03
C TYR B 149 -19.57 29.24 -16.69
N PHE B 150 -18.67 29.11 -17.65
CA PHE B 150 -18.47 27.89 -18.38
C PHE B 150 -17.13 27.95 -19.11
N PRO B 151 -16.35 26.87 -19.02
CA PRO B 151 -16.72 25.67 -18.26
C PRO B 151 -16.07 25.70 -16.88
N GLU B 152 -16.11 24.57 -16.19
CA GLU B 152 -15.46 24.47 -14.89
C GLU B 152 -13.95 24.40 -15.18
N PRO B 153 -13.11 24.77 -14.20
CA PRO B 153 -13.55 25.22 -12.88
C PRO B 153 -13.31 26.71 -12.66
N VAL B 154 -13.58 27.13 -11.43
CA VAL B 154 -13.39 28.51 -11.01
C VAL B 154 -12.76 28.40 -9.61
N THR B 155 -11.74 29.19 -9.34
CA THR B 155 -11.11 29.15 -8.02
C THR B 155 -11.53 30.36 -7.20
N VAL B 156 -11.67 30.16 -5.89
CA VAL B 156 -12.05 31.23 -4.98
C VAL B 156 -11.14 31.24 -3.76
N SER B 157 -10.67 32.43 -3.39
CA SER B 157 -9.80 32.64 -2.24
C SER B 157 -10.32 33.89 -1.57
N TRP B 158 -9.95 34.10 -0.31
CA TRP B 158 -10.36 35.30 0.41
C TRP B 158 -9.11 36.05 0.92
N ASN B 159 -9.11 37.37 0.75
CA ASN B 159 -8.00 38.25 1.16
C ASN B 159 -6.67 37.73 0.64
N SER B 160 -6.61 37.53 -0.67
CA SER B 160 -5.42 37.01 -1.36
C SER B 160 -5.00 35.61 -0.89
N GLY B 161 -5.65 35.10 0.16
CA GLY B 161 -5.32 33.79 0.69
C GLY B 161 -5.11 33.85 2.19
N ALA B 162 -5.05 35.06 2.74
CA ALA B 162 -4.85 35.28 4.16
C ALA B 162 -6.07 34.97 5.04
N LEU B 163 -7.07 34.31 4.47
CA LEU B 163 -8.28 33.97 5.21
C LEU B 163 -8.77 32.61 4.73
N THR B 164 -8.65 31.62 5.62
CA THR B 164 -9.05 30.25 5.29
C THR B 164 -10.04 29.68 6.29
N SER B 165 -9.90 30.07 7.56
CA SER B 165 -10.81 29.57 8.58
C SER B 165 -12.23 30.02 8.35
N GLY B 166 -13.16 29.09 8.53
CA GLY B 166 -14.57 29.38 8.37
C GLY B 166 -15.05 29.51 6.93
N VAL B 167 -14.13 29.29 5.99
CA VAL B 167 -14.43 29.38 4.57
C VAL B 167 -15.03 28.11 4.00
N HIS B 168 -16.12 28.27 3.25
CA HIS B 168 -16.82 27.17 2.59
C HIS B 168 -17.11 27.51 1.15
N THR B 169 -16.38 26.88 0.24
CA THR B 169 -16.58 27.09 -1.18
C THR B 169 -17.35 25.86 -1.68
N PHE B 170 -18.66 26.06 -1.86
CA PHE B 170 -19.55 25.00 -2.29
C PHE B 170 -19.28 24.44 -3.69
N PRO B 171 -19.64 23.17 -3.92
CA PRO B 171 -19.44 22.57 -5.23
C PRO B 171 -20.35 23.32 -6.21
N ALA B 172 -19.93 23.47 -7.45
CA ALA B 172 -20.74 24.15 -8.44
C ALA B 172 -21.90 23.30 -8.89
N VAL B 173 -22.95 23.96 -9.41
CA VAL B 173 -24.10 23.25 -9.94
C VAL B 173 -24.34 23.70 -11.36
N LEU B 174 -24.87 22.80 -12.17
CA LEU B 174 -25.18 23.07 -13.57
C LEU B 174 -26.62 23.56 -13.66
N GLN B 175 -26.79 24.79 -14.12
CA GLN B 175 -28.12 25.39 -14.29
C GLN B 175 -28.73 24.97 -15.61
N SER B 176 -30.06 25.08 -15.72
CA SER B 176 -30.74 24.70 -16.96
C SER B 176 -30.22 25.49 -18.17
N SER B 177 -29.47 26.56 -17.92
CA SER B 177 -28.91 27.40 -18.98
C SER B 177 -27.63 26.80 -19.59
N GLY B 178 -27.09 25.78 -18.92
CA GLY B 178 -25.86 25.16 -19.38
C GLY B 178 -24.63 25.80 -18.78
N LEU B 179 -24.85 26.79 -17.92
CA LEU B 179 -23.78 27.54 -17.26
C LEU B 179 -23.68 27.14 -15.79
N TYR B 180 -22.51 27.31 -15.20
CA TYR B 180 -22.29 26.95 -13.82
C TYR B 180 -22.40 28.11 -12.83
N SER B 181 -22.79 27.77 -11.62
CA SER B 181 -22.93 28.75 -10.55
C SER B 181 -22.38 28.15 -9.25
N LEU B 182 -21.82 29.01 -8.42
CA LEU B 182 -21.20 28.58 -7.19
C LEU B 182 -21.16 29.71 -6.18
N SER B 183 -21.11 29.33 -4.91
CA SER B 183 -21.06 30.30 -3.85
C SER B 183 -19.95 29.97 -2.86
N SER B 184 -19.25 30.99 -2.38
CA SER B 184 -18.21 30.81 -1.39
C SER B 184 -18.55 31.73 -0.24
N VAL B 185 -18.69 31.17 0.95
CA VAL B 185 -19.04 31.95 2.11
C VAL B 185 -17.97 31.85 3.18
N VAL B 186 -18.05 32.78 4.13
CA VAL B 186 -17.13 32.81 5.25
C VAL B 186 -17.83 33.40 6.47
N THR B 187 -17.57 32.81 7.64
CA THR B 187 -18.14 33.33 8.88
C THR B 187 -17.01 34.00 9.64
N VAL B 188 -17.26 35.26 10.03
CA VAL B 188 -16.29 36.09 10.74
C VAL B 188 -16.96 36.74 11.95
N PRO B 189 -16.15 37.33 12.87
CA PRO B 189 -16.73 37.98 14.05
C PRO B 189 -17.56 39.19 13.59
N SER B 190 -18.71 39.43 14.21
CA SER B 190 -19.54 40.58 13.83
C SER B 190 -18.86 41.93 14.11
N SER B 191 -17.94 41.95 15.07
CA SER B 191 -17.24 43.18 15.45
C SER B 191 -16.30 43.71 14.36
N SER B 192 -15.67 42.80 13.60
CA SER B 192 -14.74 43.19 12.54
C SER B 192 -15.38 43.80 11.28
N LEU B 193 -16.72 43.86 11.24
CA LEU B 193 -17.42 44.44 10.10
C LEU B 193 -17.19 45.94 10.00
N GLY B 194 -16.20 46.30 9.20
CA GLY B 194 -15.80 47.69 9.02
C GLY B 194 -14.30 47.76 9.21
N THR B 195 -13.84 47.27 10.36
CA THR B 195 -12.42 47.27 10.68
C THR B 195 -11.62 46.39 9.71
N GLN B 196 -12.10 45.17 9.47
CA GLN B 196 -11.45 44.23 8.57
C GLN B 196 -12.08 44.25 7.18
N THR B 197 -11.24 44.19 6.14
CA THR B 197 -11.70 44.19 4.76
C THR B 197 -11.67 42.78 4.14
N TYR B 198 -12.82 42.34 3.63
CA TYR B 198 -12.95 41.01 3.02
C TYR B 198 -13.12 41.10 1.52
N ILE B 199 -12.21 40.44 0.82
CA ILE B 199 -12.24 40.43 -0.63
C ILE B 199 -12.17 38.98 -1.11
N CYS B 200 -13.09 38.57 -1.99
CA CYS B 200 -13.03 37.21 -2.52
C CYS B 200 -12.36 37.30 -3.89
N ASN B 201 -11.37 36.43 -4.08
CA ASN B 201 -10.62 36.43 -5.31
C ASN B 201 -11.06 35.28 -6.20
N VAL B 202 -11.77 35.64 -7.27
CA VAL B 202 -12.28 34.67 -8.21
C VAL B 202 -11.43 34.63 -9.46
N ASN B 203 -11.18 33.42 -9.94
CA ASN B 203 -10.39 33.25 -11.12
C ASN B 203 -10.96 32.13 -11.98
N HIS B 204 -11.21 32.45 -13.24
CA HIS B 204 -11.73 31.51 -14.22
C HIS B 204 -10.74 31.57 -15.38
N LYS B 205 -9.82 30.60 -15.41
CA LYS B 205 -8.77 30.52 -16.42
C LYS B 205 -9.20 30.49 -17.90
N PRO B 206 -10.22 29.67 -18.25
CA PRO B 206 -10.66 29.58 -19.66
C PRO B 206 -11.10 30.87 -20.34
N SER B 207 -11.50 31.86 -19.56
CA SER B 207 -11.94 33.13 -20.09
C SER B 207 -11.02 34.26 -19.63
N ASN B 208 -9.97 33.87 -18.91
CA ASN B 208 -8.99 34.80 -18.34
C ASN B 208 -9.69 35.90 -17.56
N THR B 209 -10.58 35.47 -16.69
CA THR B 209 -11.35 36.37 -15.86
C THR B 209 -10.79 36.33 -14.45
N LYS B 210 -10.40 37.50 -13.96
CA LYS B 210 -9.89 37.63 -12.61
C LYS B 210 -10.68 38.79 -11.99
N VAL B 211 -11.44 38.47 -10.95
CA VAL B 211 -12.26 39.46 -10.26
C VAL B 211 -11.96 39.49 -8.76
N ASP B 212 -11.89 40.69 -8.20
CA ASP B 212 -11.65 40.87 -6.78
C ASP B 212 -12.81 41.70 -6.26
N LYS B 213 -13.78 41.04 -5.64
CA LYS B 213 -14.94 41.74 -5.14
C LYS B 213 -14.83 42.01 -3.66
N LYS B 214 -15.03 43.28 -3.27
CA LYS B 214 -15.00 43.66 -1.87
C LYS B 214 -16.44 43.45 -1.40
N VAL B 215 -16.62 42.79 -0.25
CA VAL B 215 -17.95 42.52 0.29
C VAL B 215 -18.16 43.31 1.57
N GLU B 216 -19.23 44.11 1.60
CA GLU B 216 -19.54 44.94 2.76
C GLU B 216 -21.06 45.13 2.92
N PRO B 217 -21.52 45.49 4.13
CA PRO B 217 -22.94 45.71 4.42
C PRO B 217 -23.56 46.93 3.73
N ASP C 1 28.75 5.62 21.68
CA ASP C 1 27.50 5.48 20.96
C ASP C 1 26.30 5.69 21.89
N ILE C 2 25.16 6.06 21.32
CA ILE C 2 23.93 6.24 22.09
C ILE C 2 23.25 4.88 22.19
N GLN C 3 22.87 4.49 23.40
CA GLN C 3 22.21 3.21 23.65
C GLN C 3 20.68 3.30 23.60
N MET C 4 20.05 2.58 22.68
CA MET C 4 18.59 2.58 22.55
C MET C 4 18.05 1.29 23.16
N THR C 5 17.27 1.39 24.23
CA THR C 5 16.71 0.19 24.80
C THR C 5 15.21 0.10 24.53
N GLN C 6 14.77 -0.91 23.78
CA GLN C 6 13.35 -1.09 23.50
C GLN C 6 12.74 -2.03 24.50
N SER C 7 11.47 -1.78 24.84
CA SER C 7 10.74 -2.60 25.80
C SER C 7 9.30 -2.79 25.34
N PRO C 8 8.78 -4.03 25.38
CA PRO C 8 9.46 -5.25 25.83
C PRO C 8 10.15 -5.89 24.63
N SER C 9 10.92 -6.96 24.85
CA SER C 9 11.57 -7.64 23.73
C SER C 9 10.52 -8.35 22.88
N SER C 10 9.47 -8.83 23.51
CA SER C 10 8.40 -9.47 22.76
C SER C 10 7.08 -9.23 23.49
N LEU C 11 5.99 -9.08 22.75
CA LEU C 11 4.70 -8.88 23.39
C LEU C 11 3.59 -9.69 22.73
N SER C 12 2.73 -10.26 23.56
CA SER C 12 1.62 -11.09 23.10
C SER C 12 0.36 -10.24 23.01
N ALA C 13 -0.24 -10.23 21.84
CA ALA C 13 -1.45 -9.47 21.68
C ALA C 13 -2.48 -10.17 20.81
N SER C 14 -3.69 -9.66 20.86
CA SER C 14 -4.80 -10.19 20.09
C SER C 14 -5.28 -9.12 19.10
N VAL C 15 -5.95 -9.56 18.04
CA VAL C 15 -6.45 -8.63 17.06
C VAL C 15 -7.43 -7.69 17.76
N GLY C 16 -7.28 -6.39 17.50
CA GLY C 16 -8.15 -5.41 18.14
C GLY C 16 -7.53 -4.69 19.33
N ASP C 17 -6.47 -5.26 19.92
CA ASP C 17 -5.82 -4.65 21.07
C ASP C 17 -5.10 -3.34 20.79
N ARG C 18 -4.90 -2.56 21.86
CA ARG C 18 -4.14 -1.32 21.75
C ARG C 18 -2.75 -1.73 22.25
N VAL C 19 -1.76 -1.62 21.38
CA VAL C 19 -0.42 -2.03 21.74
C VAL C 19 0.56 -0.89 21.82
N THR C 20 1.41 -0.92 22.85
CA THR C 20 2.43 0.10 23.05
C THR C 20 3.81 -0.50 23.26
N ILE C 21 4.76 0.06 22.52
CA ILE C 21 6.15 -0.35 22.55
C ILE C 21 6.97 0.90 22.87
N THR C 22 7.91 0.81 23.82
CA THR C 22 8.72 1.97 24.15
C THR C 22 10.20 1.84 23.78
N CYS C 23 10.84 2.98 23.62
CA CYS C 23 12.25 3.06 23.26
C CYS C 23 12.82 4.14 24.19
N ARG C 24 13.95 3.85 24.81
N ARG C 24 13.94 3.84 24.84
CA ARG C 24 14.61 4.75 25.74
CA ARG C 24 14.59 4.77 25.75
C ARG C 24 16.05 5.00 25.30
C ARG C 24 16.02 5.00 25.28
N ALA C 25 16.38 6.26 25.04
CA ALA C 25 17.72 6.63 24.61
C ALA C 25 18.48 6.94 25.89
N SER C 26 19.79 6.75 25.85
CA SER C 26 20.63 7.00 27.01
C SER C 26 20.70 8.49 27.33
N ARG C 27 20.53 9.31 26.29
CA ARG C 27 20.55 10.76 26.42
C ARG C 27 19.54 11.39 25.44
N ASP C 28 19.25 12.68 25.62
CA ASP C 28 18.31 13.41 24.79
C ASP C 28 18.66 13.31 23.30
N ILE C 29 17.72 12.84 22.48
CA ILE C 29 17.98 12.75 21.05
C ILE C 29 17.21 13.72 20.15
N LYS C 30 16.67 14.80 20.74
CA LYS C 30 15.92 15.85 20.03
C LYS C 30 14.83 15.34 19.09
N SER C 31 14.15 14.29 19.50
CA SER C 31 13.08 13.73 18.69
C SER C 31 13.56 13.16 17.33
N TYR C 32 14.86 13.00 17.17
CA TYR C 32 15.40 12.43 15.93
C TYR C 32 15.28 10.92 16.07
N LEU C 33 14.03 10.45 16.04
CA LEU C 33 13.70 9.04 16.24
C LEU C 33 12.68 8.54 15.20
N ASN C 34 13.01 7.44 14.53
CA ASN C 34 12.15 6.81 13.51
C ASN C 34 11.72 5.43 14.01
N TRP C 35 10.64 4.90 13.45
CA TRP C 35 10.13 3.57 13.83
C TRP C 35 9.94 2.73 12.57
N TYR C 36 10.34 1.46 12.65
CA TYR C 36 10.21 0.57 11.51
C TYR C 36 9.56 -0.75 11.85
N GLN C 37 8.98 -1.35 10.82
CA GLN C 37 8.32 -2.63 10.92
C GLN C 37 9.10 -3.55 10.02
N GLN C 38 9.24 -4.79 10.45
CA GLN C 38 9.96 -5.79 9.65
C GLN C 38 9.31 -7.10 9.82
N LYS C 39 9.15 -7.75 8.67
CA LYS C 39 8.56 -9.08 8.59
C LYS C 39 9.67 -10.03 8.12
N PRO C 40 9.60 -11.30 8.52
CA PRO C 40 10.58 -12.34 8.17
C PRO C 40 11.01 -12.40 6.71
N GLY C 41 12.31 -12.22 6.49
CA GLY C 41 12.88 -12.28 5.17
C GLY C 41 12.69 -11.04 4.29
N LYS C 42 12.04 -10.01 4.82
CA LYS C 42 11.80 -8.78 4.05
C LYS C 42 12.55 -7.58 4.64
N ALA C 43 12.81 -6.58 3.82
CA ALA C 43 13.46 -5.36 4.27
C ALA C 43 12.46 -4.58 5.17
N PRO C 44 12.98 -3.73 6.08
CA PRO C 44 12.13 -2.94 6.99
C PRO C 44 11.28 -1.93 6.25
N LYS C 45 10.24 -1.45 6.92
CA LYS C 45 9.35 -0.43 6.36
C LYS C 45 9.17 0.69 7.38
N VAL C 46 9.36 1.92 6.94
CA VAL C 46 9.18 3.06 7.83
C VAL C 46 7.71 3.21 8.25
N LEU C 47 7.48 3.61 9.50
CA LEU C 47 6.14 3.83 10.01
C LEU C 47 6.05 5.29 10.50
N ILE C 48 6.98 5.67 11.36
CA ILE C 48 7.01 6.99 11.97
C ILE C 48 8.39 7.64 11.88
N TYR C 49 8.41 8.94 11.64
CA TYR C 49 9.68 9.65 11.60
C TYR C 49 9.55 10.88 12.49
N TYR C 50 10.69 11.46 12.88
CA TYR C 50 10.75 12.64 13.74
C TYR C 50 9.88 12.50 14.98
N ALA C 51 9.92 11.28 15.53
CA ALA C 51 9.22 10.90 16.74
C ALA C 51 7.72 10.85 16.70
N THR C 52 7.09 11.78 15.96
CA THR C 52 5.64 11.83 15.92
C THR C 52 4.95 11.90 14.55
N SER C 53 5.69 12.01 13.45
CA SER C 53 5.07 12.07 12.12
C SER C 53 4.78 10.72 11.46
N LEU C 54 3.54 10.56 11.02
CA LEU C 54 3.08 9.36 10.32
C LEU C 54 3.64 9.47 8.92
N ALA C 55 4.41 8.47 8.49
CA ALA C 55 5.01 8.51 7.16
C ALA C 55 3.93 8.30 6.11
N GLU C 56 4.18 8.77 4.89
CA GLU C 56 3.20 8.66 3.83
C GLU C 56 2.78 7.22 3.52
N GLY C 57 1.49 7.01 3.38
CA GLY C 57 0.94 5.71 3.05
C GLY C 57 0.83 4.73 4.21
N VAL C 58 1.23 5.16 5.40
CA VAL C 58 1.18 4.28 6.55
C VAL C 58 -0.19 4.35 7.24
N PRO C 59 -0.77 3.19 7.55
CA PRO C 59 -2.07 3.12 8.22
C PRO C 59 -2.06 4.01 9.48
N SER C 60 -3.12 4.79 9.61
CA SER C 60 -3.25 5.73 10.71
C SER C 60 -3.31 5.11 12.11
N ARG C 61 -3.43 3.79 12.21
CA ARG C 61 -3.50 3.16 13.54
C ARG C 61 -2.14 3.20 14.22
N PHE C 62 -1.11 3.52 13.44
CA PHE C 62 0.24 3.62 13.95
C PHE C 62 0.48 5.07 14.32
N SER C 63 0.99 5.31 15.52
CA SER C 63 1.30 6.67 15.92
C SER C 63 2.48 6.72 16.88
N GLY C 64 3.26 7.78 16.74
CA GLY C 64 4.41 7.96 17.60
C GLY C 64 4.24 9.13 18.55
N SER C 65 4.81 8.99 19.74
CA SER C 65 4.79 10.05 20.72
C SER C 65 6.08 10.05 21.53
N GLY C 66 6.34 11.17 22.22
CA GLY C 66 7.53 11.30 23.02
C GLY C 66 8.50 12.39 22.62
N SER C 67 9.49 12.58 23.48
CA SER C 67 10.52 13.59 23.28
C SER C 67 11.57 13.34 24.35
N GLY C 68 12.71 14.01 24.23
CA GLY C 68 13.77 13.81 25.19
C GLY C 68 14.43 12.46 25.00
N THR C 69 14.23 11.56 25.96
CA THR C 69 14.80 10.23 25.89
C THR C 69 13.74 9.15 25.83
N ASP C 70 12.48 9.53 26.05
CA ASP C 70 11.37 8.58 26.06
C ASP C 70 10.46 8.65 24.84
N TYR C 71 10.33 7.55 24.13
CA TYR C 71 9.50 7.52 22.94
C TYR C 71 8.62 6.32 22.94
N THR C 72 7.44 6.46 22.35
CA THR C 72 6.56 5.31 22.25
C THR C 72 5.86 5.20 20.90
N LEU C 73 5.78 3.96 20.43
CA LEU C 73 5.10 3.62 19.19
C LEU C 73 3.80 2.96 19.63
N THR C 74 2.67 3.50 19.17
CA THR C 74 1.38 2.93 19.52
C THR C 74 0.63 2.42 18.31
N ILE C 75 0.08 1.22 18.43
CA ILE C 75 -0.73 0.60 17.36
C ILE C 75 -2.13 0.53 17.99
N SER C 76 -3.02 1.45 17.60
CA SER C 76 -4.35 1.53 18.19
C SER C 76 -5.35 0.38 17.99
N SER C 77 -5.25 -0.35 16.89
CA SER C 77 -6.17 -1.47 16.66
C SER C 77 -5.37 -2.53 15.94
N LEU C 78 -4.74 -3.40 16.72
CA LEU C 78 -3.90 -4.45 16.18
C LEU C 78 -4.57 -5.33 15.12
N GLN C 79 -4.01 -5.30 13.91
CA GLN C 79 -4.50 -6.07 12.77
C GLN C 79 -3.60 -7.30 12.49
N PRO C 80 -4.16 -8.39 11.90
CA PRO C 80 -3.38 -9.60 11.60
C PRO C 80 -2.06 -9.32 10.92
N GLU C 81 -2.08 -8.39 9.98
CA GLU C 81 -0.90 -7.99 9.24
C GLU C 81 0.09 -7.17 10.07
N ASP C 82 -0.28 -6.84 11.32
CA ASP C 82 0.61 -6.07 12.18
C ASP C 82 1.60 -6.92 12.99
N PHE C 83 1.37 -8.23 13.03
CA PHE C 83 2.26 -9.14 13.74
C PHE C 83 3.58 -9.18 12.99
N ALA C 84 4.61 -8.64 13.65
CA ALA C 84 5.92 -8.52 13.06
C ALA C 84 6.87 -8.03 14.12
N THR C 85 8.03 -7.59 13.67
CA THR C 85 9.03 -7.02 14.57
C THR C 85 9.16 -5.50 14.33
N TYR C 86 9.26 -4.75 15.43
CA TYR C 86 9.37 -3.30 15.40
C TYR C 86 10.70 -2.79 15.97
N TYR C 87 11.30 -1.81 15.31
CA TYR C 87 12.58 -1.23 15.72
C TYR C 87 12.56 0.29 15.74
N CYS C 88 13.26 0.89 16.73
CA CYS C 88 13.38 2.34 16.72
C CYS C 88 14.76 2.63 16.11
N LEU C 89 14.91 3.79 15.51
CA LEU C 89 16.17 4.20 14.93
C LEU C 89 16.44 5.57 15.54
N GLN C 90 17.66 5.78 15.99
CA GLN C 90 18.03 7.04 16.60
C GLN C 90 19.04 7.74 15.72
N HIS C 91 18.78 9.01 15.40
CA HIS C 91 19.74 9.77 14.61
C HIS C 91 20.17 11.09 15.29
N GLY C 92 20.05 11.13 16.62
CA GLY C 92 20.45 12.31 17.38
C GLY C 92 21.97 12.48 17.48
N GLU C 93 22.69 11.46 17.00
CA GLU C 93 24.15 11.42 16.99
C GLU C 93 24.61 10.36 15.99
N SER C 94 25.76 10.61 15.38
CA SER C 94 26.35 9.64 14.46
C SER C 94 27.28 8.80 15.35
N PRO C 95 27.25 7.47 15.21
CA PRO C 95 26.43 6.63 14.33
C PRO C 95 24.98 6.44 14.77
N TRP C 96 24.10 6.23 13.79
CA TRP C 96 22.70 6.00 14.09
C TRP C 96 22.63 4.59 14.63
N THR C 97 21.73 4.37 15.56
CA THR C 97 21.60 3.05 16.15
C THR C 97 20.12 2.67 16.34
N PHE C 98 19.86 1.37 16.23
CA PHE C 98 18.54 0.79 16.37
C PHE C 98 18.36 0.15 17.72
N GLY C 99 17.10 0.00 18.13
CA GLY C 99 16.80 -0.69 19.37
C GLY C 99 16.98 -2.18 19.08
N GLN C 100 16.88 -3.02 20.10
CA GLN C 100 17.08 -4.45 19.90
C GLN C 100 15.90 -5.08 19.19
N GLY C 101 14.76 -4.40 19.22
CA GLY C 101 13.59 -4.90 18.55
C GLY C 101 12.51 -5.35 19.52
N THR C 102 11.29 -5.45 19.02
CA THR C 102 10.14 -5.90 19.79
C THR C 102 9.31 -6.70 18.81
N LYS C 103 9.21 -8.00 19.07
CA LYS C 103 8.43 -8.88 18.22
C LYS C 103 7.05 -8.96 18.83
N VAL C 104 6.04 -8.66 18.00
CA VAL C 104 4.65 -8.72 18.42
C VAL C 104 4.12 -10.02 17.84
N GLU C 105 3.76 -10.94 18.74
CA GLU C 105 3.27 -12.25 18.35
C GLU C 105 1.88 -12.49 18.85
N ILE C 106 1.22 -13.49 18.27
CA ILE C 106 -0.16 -13.82 18.61
C ILE C 106 -0.41 -14.50 19.94
N LYS C 107 -1.28 -13.90 20.76
CA LYS C 107 -1.63 -14.49 22.05
C LYS C 107 -2.68 -15.57 21.84
N ARG C 108 -2.54 -16.64 22.60
CA ARG C 108 -3.47 -17.76 22.55
C ARG C 108 -3.38 -18.42 23.91
N THR C 109 -4.20 -19.43 24.16
CA THR C 109 -4.18 -20.11 25.45
C THR C 109 -2.90 -20.95 25.65
N VAL C 110 -2.54 -21.15 26.92
CA VAL C 110 -1.38 -21.93 27.31
C VAL C 110 -1.48 -23.36 26.78
N ALA C 111 -0.45 -23.78 26.05
CA ALA C 111 -0.41 -25.10 25.46
C ALA C 111 0.88 -25.79 25.87
N ALA C 112 0.73 -26.89 26.60
CA ALA C 112 1.88 -27.67 27.06
C ALA C 112 2.56 -28.44 25.93
N PRO C 113 3.90 -28.45 25.91
CA PRO C 113 4.63 -29.17 24.86
C PRO C 113 4.55 -30.67 25.03
N SER C 114 4.45 -31.40 23.92
CA SER C 114 4.49 -32.85 24.00
C SER C 114 6.00 -33.07 23.78
N VAL C 115 6.66 -33.72 24.74
CA VAL C 115 8.10 -33.96 24.69
C VAL C 115 8.52 -35.35 24.20
N PHE C 116 9.56 -35.39 23.36
CA PHE C 116 10.08 -36.63 22.79
C PHE C 116 11.61 -36.62 22.78
N ILE C 117 12.25 -37.75 23.05
CA ILE C 117 13.72 -37.82 23.02
C ILE C 117 14.19 -38.88 22.01
N PHE C 118 15.21 -38.54 21.23
CA PHE C 118 15.74 -39.45 20.21
C PHE C 118 17.21 -39.77 20.48
N PRO C 119 17.55 -41.07 20.52
CA PRO C 119 18.95 -41.47 20.77
C PRO C 119 19.69 -41.39 19.45
N PRO C 120 21.04 -41.41 19.50
CA PRO C 120 21.78 -41.36 18.24
C PRO C 120 21.54 -42.64 17.45
N SER C 121 21.47 -42.51 16.13
CA SER C 121 21.24 -43.65 15.25
C SER C 121 22.53 -44.46 15.15
N ASP C 122 22.39 -45.77 14.89
CA ASP C 122 23.55 -46.64 14.77
C ASP C 122 24.47 -46.17 13.65
N GLU C 123 23.87 -45.68 12.57
CA GLU C 123 24.64 -45.18 11.45
C GLU C 123 25.50 -43.96 11.78
N GLN C 124 25.04 -43.10 12.71
CA GLN C 124 25.84 -41.93 13.09
C GLN C 124 26.99 -42.34 14.04
N LEU C 125 26.68 -43.22 14.98
CA LEU C 125 27.67 -43.70 15.93
C LEU C 125 28.86 -44.27 15.19
N LYS C 126 28.57 -44.96 14.07
CA LYS C 126 29.58 -45.56 13.20
C LYS C 126 30.56 -44.53 12.66
N SER C 127 30.12 -43.28 12.54
CA SER C 127 30.98 -42.23 12.02
C SER C 127 31.77 -41.51 13.12
N GLY C 128 31.61 -41.97 14.36
CA GLY C 128 32.33 -41.37 15.47
C GLY C 128 31.68 -40.28 16.32
N THR C 129 30.50 -39.78 15.93
CA THR C 129 29.82 -38.74 16.69
C THR C 129 28.49 -39.25 17.24
N ALA C 130 27.90 -38.48 18.14
CA ALA C 130 26.63 -38.81 18.80
C ALA C 130 25.74 -37.58 19.00
N SER C 131 24.56 -37.55 18.38
CA SER C 131 23.64 -36.43 18.58
C SER C 131 22.38 -36.95 19.23
N VAL C 132 22.02 -36.37 20.38
CA VAL C 132 20.80 -36.76 21.06
C VAL C 132 19.82 -35.60 20.83
N VAL C 133 18.64 -35.89 20.29
CA VAL C 133 17.66 -34.84 20.02
C VAL C 133 16.44 -34.86 20.94
N CYS C 134 16.15 -33.69 21.51
CA CYS C 134 14.98 -33.50 22.39
C CYS C 134 13.99 -32.58 21.65
N LEU C 135 12.77 -33.06 21.47
CA LEU C 135 11.74 -32.30 20.77
C LEU C 135 10.60 -31.83 21.66
N LEU C 136 10.33 -30.52 21.61
CA LEU C 136 9.20 -29.92 22.33
C LEU C 136 8.21 -29.56 21.21
N ASN C 137 7.10 -30.30 21.13
CA ASN C 137 6.13 -30.07 20.06
C ASN C 137 4.87 -29.27 20.41
N ASN C 138 4.55 -28.33 19.53
CA ASN C 138 3.36 -27.46 19.61
C ASN C 138 2.99 -26.89 20.99
N PHE C 139 3.79 -25.94 21.47
CA PHE C 139 3.58 -25.33 22.77
C PHE C 139 3.41 -23.80 22.73
N TYR C 140 2.86 -23.25 23.81
CA TYR C 140 2.62 -21.81 23.95
C TYR C 140 2.46 -21.52 25.43
N PRO C 141 3.08 -20.45 25.93
CA PRO C 141 3.93 -19.48 25.24
C PRO C 141 5.31 -20.00 24.83
N ARG C 142 6.12 -19.11 24.26
CA ARG C 142 7.46 -19.42 23.76
C ARG C 142 8.47 -19.85 24.82
N GLU C 143 8.54 -19.14 25.93
CA GLU C 143 9.48 -19.48 26.99
C GLU C 143 9.45 -20.95 27.39
N ALA C 144 10.59 -21.61 27.30
CA ALA C 144 10.72 -23.01 27.67
C ALA C 144 12.16 -23.27 28.08
N LYS C 145 12.34 -23.98 29.19
CA LYS C 145 13.69 -24.29 29.65
C LYS C 145 13.94 -25.77 29.40
N VAL C 146 14.94 -26.03 28.57
CA VAL C 146 15.33 -27.40 28.25
C VAL C 146 16.74 -27.66 28.78
N GLN C 147 16.81 -28.55 29.77
CA GLN C 147 18.10 -28.90 30.34
C GLN C 147 18.44 -30.35 30.07
N TRP C 148 19.69 -30.57 29.71
CA TRP C 148 20.16 -31.92 29.43
C TRP C 148 20.78 -32.54 30.68
N LYS C 149 20.47 -33.81 30.91
CA LYS C 149 21.00 -34.51 32.08
C LYS C 149 21.55 -35.85 31.67
N VAL C 150 22.85 -36.03 31.88
CA VAL C 150 23.57 -37.26 31.54
C VAL C 150 23.99 -37.91 32.87
N ASP C 151 23.33 -39.01 33.21
CA ASP C 151 23.57 -39.70 34.48
C ASP C 151 23.40 -38.71 35.63
N ASN C 152 22.29 -37.97 35.58
CA ASN C 152 21.96 -36.97 36.59
C ASN C 152 22.89 -35.75 36.60
N ALA C 153 23.82 -35.68 35.64
CA ALA C 153 24.74 -34.57 35.56
C ALA C 153 24.24 -33.52 34.58
N LEU C 154 24.10 -32.28 35.05
CA LEU C 154 23.63 -31.15 34.25
C LEU C 154 24.66 -30.75 33.19
N GLN C 155 24.20 -30.69 31.94
CA GLN C 155 25.07 -30.34 30.82
C GLN C 155 25.14 -28.85 30.57
N SER C 156 26.22 -28.41 29.94
CA SER C 156 26.44 -27.01 29.61
C SER C 156 27.42 -26.85 28.45
N GLY C 157 27.08 -25.98 27.49
CA GLY C 157 27.97 -25.73 26.36
C GLY C 157 28.02 -26.75 25.23
N ASN C 158 27.30 -27.87 25.36
CA ASN C 158 27.33 -28.88 24.31
C ASN C 158 25.97 -29.13 23.64
N SER C 159 25.05 -28.17 23.76
CA SER C 159 23.74 -28.27 23.15
C SER C 159 23.39 -27.00 22.38
N GLN C 160 22.49 -27.14 21.42
CA GLN C 160 22.02 -26.01 20.63
C GLN C 160 20.52 -26.15 20.38
N GLU C 161 19.79 -25.04 20.43
CA GLU C 161 18.37 -25.14 20.16
C GLU C 161 17.92 -24.36 18.97
N SER C 162 16.76 -24.72 18.47
CA SER C 162 16.18 -24.07 17.30
C SER C 162 14.68 -24.07 17.50
N VAL C 163 14.04 -22.95 17.17
CA VAL C 163 12.61 -22.81 17.34
C VAL C 163 11.98 -22.41 16.04
N THR C 164 10.78 -22.92 15.79
CA THR C 164 10.06 -22.55 14.58
C THR C 164 9.35 -21.23 14.87
N GLU C 165 8.79 -20.62 13.83
CA GLU C 165 8.02 -19.40 13.96
C GLU C 165 6.62 -19.91 14.35
N GLN C 166 5.80 -19.05 14.92
CA GLN C 166 4.45 -19.44 15.32
C GLN C 166 3.69 -20.12 14.18
N ASP C 167 3.07 -21.25 14.46
CA ASP C 167 2.34 -21.98 13.43
C ASP C 167 1.18 -21.13 12.92
N SER C 168 0.94 -21.15 11.61
CA SER C 168 -0.15 -20.37 11.01
C SER C 168 -1.55 -20.86 11.40
N LYS C 169 -1.67 -22.14 11.74
CA LYS C 169 -2.96 -22.70 12.13
C LYS C 169 -3.28 -22.61 13.63
N ASP C 170 -2.42 -23.18 14.48
CA ASP C 170 -2.67 -23.15 15.93
C ASP C 170 -1.89 -22.14 16.77
N SER C 171 -1.04 -21.35 16.13
CA SER C 171 -0.25 -20.32 16.82
C SER C 171 0.68 -20.83 17.94
N THR C 172 1.08 -22.09 17.84
CA THR C 172 1.98 -22.65 18.84
C THR C 172 3.43 -22.56 18.33
N TYR C 173 4.35 -23.07 19.13
CA TYR C 173 5.76 -23.11 18.78
C TYR C 173 6.33 -24.52 18.92
N SER C 174 7.42 -24.79 18.23
CA SER C 174 8.08 -26.09 18.32
C SER C 174 9.57 -25.81 18.50
N LEU C 175 10.22 -26.63 19.32
CA LEU C 175 11.63 -26.45 19.60
C LEU C 175 12.37 -27.79 19.61
N SER C 176 13.64 -27.73 19.23
CA SER C 176 14.48 -28.90 19.18
C SER C 176 15.77 -28.52 19.85
N SER C 177 16.24 -29.39 20.75
CA SER C 177 17.51 -29.18 21.42
C SER C 177 18.35 -30.39 21.02
N THR C 178 19.56 -30.12 20.53
CA THR C 178 20.47 -31.17 20.10
C THR C 178 21.73 -31.19 20.96
N LEU C 179 21.91 -32.28 21.69
CA LEU C 179 23.09 -32.49 22.53
C LEU C 179 24.08 -33.22 21.61
N THR C 180 25.24 -32.63 21.37
CA THR C 180 26.23 -33.26 20.49
C THR C 180 27.49 -33.70 21.23
N LEU C 181 27.81 -34.98 21.13
CA LEU C 181 28.98 -35.57 21.76
C LEU C 181 29.76 -36.47 20.81
N SER C 182 31.03 -36.72 21.13
CA SER C 182 31.86 -37.65 20.36
C SER C 182 31.38 -39.02 20.81
N LYS C 183 31.61 -40.06 20.00
CA LYS C 183 31.19 -41.41 20.39
C LYS C 183 31.88 -41.79 21.71
N ALA C 184 33.15 -41.43 21.83
CA ALA C 184 33.91 -41.70 23.03
C ALA C 184 33.20 -41.18 24.27
N ASP C 185 32.89 -39.87 24.28
CA ASP C 185 32.20 -39.25 25.41
C ASP C 185 30.80 -39.83 25.63
N TYR C 186 30.11 -40.09 24.53
CA TYR C 186 28.79 -40.66 24.63
C TYR C 186 28.82 -42.00 25.37
N GLU C 187 29.83 -42.82 25.09
CA GLU C 187 29.93 -44.14 25.72
C GLU C 187 30.35 -44.18 27.19
N LYS C 188 30.73 -43.02 27.73
CA LYS C 188 31.15 -42.91 29.13
C LYS C 188 30.01 -42.84 30.14
N HIS C 189 28.77 -42.75 29.66
CA HIS C 189 27.60 -42.64 30.54
C HIS C 189 26.42 -43.44 29.97
N LYS C 190 25.46 -43.82 30.83
CA LYS C 190 24.32 -44.61 30.36
C LYS C 190 22.96 -43.91 30.24
N VAL C 191 22.58 -43.14 31.26
CA VAL C 191 21.30 -42.44 31.27
C VAL C 191 21.34 -41.07 30.60
N TYR C 192 20.50 -40.91 29.58
CA TYR C 192 20.43 -39.65 28.83
C TYR C 192 19.03 -39.06 28.96
N ALA C 193 18.95 -37.82 29.42
CA ALA C 193 17.65 -37.18 29.61
C ALA C 193 17.53 -35.68 29.39
N CYS C 194 16.36 -35.26 28.92
CA CYS C 194 16.11 -33.84 28.75
C CYS C 194 14.88 -33.49 29.59
N GLU C 195 15.08 -32.54 30.50
CA GLU C 195 14.03 -32.06 31.40
C GLU C 195 13.49 -30.73 30.87
N VAL C 196 12.20 -30.70 30.58
CA VAL C 196 11.53 -29.51 30.05
C VAL C 196 10.66 -28.79 31.09
N THR C 197 10.93 -27.50 31.27
CA THR C 197 10.16 -26.66 32.19
C THR C 197 9.37 -25.67 31.36
N HIS C 198 8.05 -25.66 31.55
CA HIS C 198 7.16 -24.76 30.81
C HIS C 198 5.91 -24.49 31.64
N GLN C 199 5.37 -23.28 31.47
CA GLN C 199 4.17 -22.82 32.19
C GLN C 199 2.98 -23.79 32.09
N GLY C 200 2.87 -24.47 30.96
CA GLY C 200 1.79 -25.43 30.75
C GLY C 200 1.89 -26.78 31.45
N LEU C 201 2.94 -26.99 32.25
CA LEU C 201 3.09 -28.25 32.97
C LEU C 201 3.32 -28.02 34.46
N SER C 202 2.60 -28.81 35.28
CA SER C 202 2.65 -28.74 36.75
C SER C 202 4.06 -28.61 37.30
N SER C 203 4.88 -29.60 36.95
CA SER C 203 6.27 -29.68 37.35
C SER C 203 7.01 -30.21 36.13
N PRO C 204 8.31 -29.97 36.05
CA PRO C 204 9.17 -30.40 34.94
C PRO C 204 8.94 -31.81 34.41
N VAL C 205 8.84 -31.91 33.08
CA VAL C 205 8.65 -33.20 32.40
C VAL C 205 10.05 -33.70 32.00
N THR C 206 10.32 -34.97 32.25
CA THR C 206 11.63 -35.55 31.93
C THR C 206 11.55 -36.75 30.99
N LYS C 207 12.25 -36.66 29.86
CA LYS C 207 12.30 -37.78 28.93
C LYS C 207 13.73 -38.31 28.92
N SER C 208 13.86 -39.64 28.99
CA SER C 208 15.16 -40.28 29.03
C SER C 208 15.19 -41.67 28.44
N PHE C 209 16.40 -42.20 28.24
CA PHE C 209 16.62 -43.54 27.71
C PHE C 209 17.99 -44.04 28.19
N ASN C 210 18.09 -45.34 28.48
CA ASN C 210 19.34 -45.96 28.92
C ASN C 210 20.12 -46.24 27.67
N ARG C 211 21.38 -45.79 27.60
CA ARG C 211 22.20 -45.99 26.40
C ARG C 211 22.26 -47.40 25.85
N GLY C 212 22.11 -47.50 24.54
CA GLY C 212 22.12 -48.80 23.87
C GLY C 212 20.84 -49.59 24.05
N GLU C 213 20.59 -50.00 25.30
CA GLU C 213 19.42 -50.80 25.66
C GLU C 213 18.19 -49.98 26.07
N ASP D 1 -31.80 -6.08 -17.45
CA ASP D 1 -30.61 -6.36 -16.66
C ASP D 1 -30.87 -6.69 -15.19
N ILE D 2 -29.84 -7.16 -14.49
CA ILE D 2 -29.93 -7.52 -13.08
C ILE D 2 -29.87 -6.28 -12.21
N GLN D 3 -30.82 -6.19 -11.28
CA GLN D 3 -30.91 -5.06 -10.37
C GLN D 3 -30.13 -5.34 -9.09
N MET D 4 -29.19 -4.47 -8.74
CA MET D 4 -28.45 -4.64 -7.49
C MET D 4 -28.88 -3.53 -6.55
N THR D 5 -29.54 -3.87 -5.43
CA THR D 5 -29.95 -2.87 -4.44
C THR D 5 -28.97 -2.91 -3.25
N GLN D 6 -28.30 -1.79 -2.99
CA GLN D 6 -27.34 -1.74 -1.91
C GLN D 6 -27.93 -1.01 -0.71
N SER D 7 -27.71 -1.54 0.49
CA SER D 7 -28.23 -0.93 1.71
C SER D 7 -27.17 -0.81 2.79
N PRO D 8 -27.12 0.32 3.52
CA PRO D 8 -28.03 1.47 3.34
C PRO D 8 -27.35 2.40 2.35
N SER D 9 -28.00 3.51 2.01
CA SER D 9 -27.40 4.46 1.08
C SER D 9 -26.24 5.22 1.73
N SER D 10 -26.31 5.39 3.05
CA SER D 10 -25.24 6.04 3.78
C SER D 10 -25.30 5.58 5.22
N LEU D 11 -24.16 5.47 5.87
CA LEU D 11 -24.16 5.06 7.27
C LEU D 11 -23.14 5.84 8.09
N SER D 12 -23.54 6.14 9.32
CA SER D 12 -22.68 6.89 10.24
C SER D 12 -21.97 5.93 11.16
N ALA D 13 -20.67 6.08 11.26
CA ALA D 13 -19.90 5.20 12.10
C ALA D 13 -18.71 5.90 12.75
N SER D 14 -18.18 5.26 13.78
CA SER D 14 -17.04 5.81 14.51
C SER D 14 -15.85 4.89 14.30
N VAL D 15 -14.65 5.43 14.50
CA VAL D 15 -13.44 4.62 14.37
C VAL D 15 -13.55 3.44 15.33
N GLY D 16 -13.23 2.25 14.85
CA GLY D 16 -13.29 1.05 15.68
C GLY D 16 -14.56 0.23 15.52
N ASP D 17 -15.61 0.83 14.97
CA ASP D 17 -16.88 0.13 14.79
C ASP D 17 -16.79 -1.00 13.79
N ARG D 18 -17.72 -1.93 13.92
CA ARG D 18 -17.81 -3.02 12.99
C ARG D 18 -18.97 -2.62 12.08
N VAL D 19 -18.67 -2.40 10.79
CA VAL D 19 -19.73 -2.00 9.87
C VAL D 19 -20.07 -3.02 8.82
N THR D 20 -21.36 -3.03 8.50
CA THR D 20 -21.97 -3.95 7.57
C THR D 20 -22.72 -3.28 6.41
N ILE D 21 -22.39 -3.66 5.18
CA ILE D 21 -23.02 -3.11 3.98
C ILE D 21 -23.56 -4.29 3.17
N THR D 22 -24.85 -4.27 2.86
CA THR D 22 -25.46 -5.35 2.09
C THR D 22 -25.80 -5.01 0.65
N CYS D 23 -25.83 -6.05 -0.18
CA CYS D 23 -26.13 -5.91 -1.60
C CYS D 23 -27.09 -7.07 -1.92
N ARG D 24 -28.20 -6.77 -2.59
CA ARG D 24 -29.17 -7.79 -2.97
C ARG D 24 -29.45 -7.77 -4.48
N ALA D 25 -29.20 -8.90 -5.12
CA ALA D 25 -29.44 -9.03 -6.55
C ALA D 25 -30.86 -9.48 -6.72
N SER D 26 -31.43 -9.15 -7.88
CA SER D 26 -32.80 -9.53 -8.18
C SER D 26 -32.92 -11.05 -8.36
N ARG D 27 -31.81 -11.71 -8.68
CA ARG D 27 -31.76 -13.17 -8.85
C ARG D 27 -30.37 -13.70 -8.53
N ASP D 28 -30.26 -15.02 -8.44
CA ASP D 28 -29.01 -15.71 -8.15
C ASP D 28 -27.87 -15.29 -9.09
N ILE D 29 -26.76 -14.79 -8.51
CA ILE D 29 -25.65 -14.36 -9.34
C ILE D 29 -24.37 -15.22 -9.21
N LYS D 30 -24.52 -16.43 -8.69
CA LYS D 30 -23.42 -17.41 -8.52
C LYS D 30 -22.14 -16.88 -7.86
N SER D 31 -22.30 -16.01 -6.87
CA SER D 31 -21.15 -15.42 -6.21
C SER D 31 -20.27 -14.54 -7.11
N TYR D 32 -20.72 -14.23 -8.31
CA TYR D 32 -19.96 -13.36 -9.21
C TYR D 32 -20.25 -11.93 -8.77
N LEU D 33 -19.66 -11.55 -7.64
CA LEU D 33 -19.88 -10.25 -7.02
C LEU D 33 -18.54 -9.71 -6.48
N ASN D 34 -18.25 -8.45 -6.79
CA ASN D 34 -17.02 -7.78 -6.34
C ASN D 34 -17.39 -6.58 -5.48
N TRP D 35 -16.45 -6.08 -4.69
CA TRP D 35 -16.71 -4.90 -3.86
C TRP D 35 -15.62 -3.86 -4.10
N TYR D 36 -16.01 -2.59 -4.17
CA TYR D 36 -15.05 -1.52 -4.41
C TYR D 36 -15.19 -0.40 -3.42
N GLN D 37 -14.08 0.29 -3.23
CA GLN D 37 -14.00 1.45 -2.37
C GLN D 37 -13.62 2.61 -3.29
N GLN D 38 -14.23 3.75 -3.08
CA GLN D 38 -13.91 4.92 -3.87
C GLN D 38 -13.90 6.15 -3.00
N LYS D 39 -12.90 7.00 -3.22
CA LYS D 39 -12.77 8.24 -2.49
C LYS D 39 -12.92 9.37 -3.49
N PRO D 40 -13.36 10.54 -3.03
CA PRO D 40 -13.59 11.73 -3.85
C PRO D 40 -12.53 12.05 -4.90
N GLY D 41 -12.94 12.10 -6.17
CA GLY D 41 -12.03 12.41 -7.26
C GLY D 41 -11.03 11.35 -7.70
N LYS D 42 -11.06 10.17 -7.07
CA LYS D 42 -10.14 9.06 -7.41
C LYS D 42 -10.87 7.88 -8.05
N ALA D 43 -10.10 7.01 -8.69
CA ALA D 43 -10.63 5.81 -9.30
C ALA D 43 -10.98 4.81 -8.16
N PRO D 44 -11.91 3.89 -8.42
CA PRO D 44 -12.25 2.94 -7.38
C PRO D 44 -11.10 1.96 -7.13
N LYS D 45 -11.21 1.19 -6.06
CA LYS D 45 -10.17 0.21 -5.72
C LYS D 45 -10.91 -1.05 -5.32
N VAL D 46 -10.44 -2.20 -5.80
CA VAL D 46 -11.03 -3.48 -5.46
C VAL D 46 -10.69 -3.85 -4.01
N LEU D 47 -11.62 -4.53 -3.33
CA LEU D 47 -11.42 -4.98 -1.95
C LEU D 47 -11.69 -6.48 -1.93
N ILE D 48 -12.85 -6.86 -2.46
CA ILE D 48 -13.29 -8.25 -2.47
C ILE D 48 -13.74 -8.70 -3.87
N TYR D 49 -13.45 -9.95 -4.22
CA TYR D 49 -13.88 -10.50 -5.50
C TYR D 49 -14.43 -11.90 -5.21
N TYR D 50 -15.28 -12.38 -6.12
CA TYR D 50 -15.91 -13.70 -6.00
C TYR D 50 -16.65 -13.86 -4.68
N ALA D 51 -17.29 -12.77 -4.26
CA ALA D 51 -18.07 -12.72 -3.03
C ALA D 51 -17.31 -12.78 -1.72
N THR D 52 -16.28 -13.62 -1.64
CA THR D 52 -15.56 -13.77 -0.38
C THR D 52 -14.04 -13.72 -0.40
N SER D 53 -13.44 -13.51 -1.56
CA SER D 53 -11.98 -13.44 -1.62
C SER D 53 -11.40 -12.05 -1.42
N LEU D 54 -10.50 -11.95 -0.45
CA LEU D 54 -9.81 -10.73 -0.11
C LEU D 54 -8.78 -10.52 -1.21
N ALA D 55 -8.84 -9.39 -1.91
CA ALA D 55 -7.90 -9.13 -3.00
C ALA D 55 -6.48 -8.79 -2.51
N GLU D 56 -5.48 -9.09 -3.33
CA GLU D 56 -4.10 -8.82 -2.95
C GLU D 56 -3.84 -7.41 -2.42
N GLY D 57 -3.15 -7.32 -1.29
CA GLY D 57 -2.80 -6.02 -0.72
C GLY D 57 -3.87 -5.30 0.05
N VAL D 58 -5.07 -5.86 0.10
CA VAL D 58 -6.18 -5.24 0.82
C VAL D 58 -6.14 -5.58 2.31
N PRO D 59 -6.29 -4.56 3.16
CA PRO D 59 -6.28 -4.79 4.61
C PRO D 59 -7.28 -5.88 4.98
N SER D 60 -6.86 -6.74 5.91
CA SER D 60 -7.69 -7.87 6.33
C SER D 60 -8.97 -7.54 7.10
N ARG D 61 -9.16 -6.29 7.49
CA ARG D 61 -10.39 -5.92 8.20
C ARG D 61 -11.60 -5.93 7.25
N PHE D 62 -11.31 -5.94 5.95
CA PHE D 62 -12.35 -6.01 4.93
C PHE D 62 -12.60 -7.48 4.65
N SER D 63 -13.86 -7.90 4.67
CA SER D 63 -14.19 -9.28 4.37
C SER D 63 -15.55 -9.35 3.68
N GLY D 64 -15.69 -10.32 2.78
CA GLY D 64 -16.91 -10.50 2.04
C GLY D 64 -17.58 -11.81 2.40
N SER D 65 -18.90 -11.83 2.31
CA SER D 65 -19.67 -13.02 2.62
C SER D 65 -20.94 -13.04 1.80
N GLY D 66 -21.55 -14.22 1.69
CA GLY D 66 -22.79 -14.34 0.95
C GLY D 66 -22.79 -15.31 -0.22
N SER D 67 -23.98 -15.56 -0.74
CA SER D 67 -24.17 -16.45 -1.87
C SER D 67 -25.61 -16.24 -2.30
N GLY D 68 -25.95 -16.73 -3.49
CA GLY D 68 -27.30 -16.57 -4.00
C GLY D 68 -27.57 -15.16 -4.49
N THR D 69 -28.40 -14.44 -3.75
CA THR D 69 -28.76 -13.07 -4.10
C THR D 69 -28.30 -12.09 -3.01
N ASP D 70 -27.94 -12.61 -1.84
CA ASP D 70 -27.54 -11.79 -0.73
C ASP D 70 -26.05 -11.83 -0.43
N TYR D 71 -25.45 -10.65 -0.39
CA TYR D 71 -24.03 -10.51 -0.17
C TYR D 71 -23.78 -9.41 0.83
N THR D 72 -22.69 -9.56 1.57
CA THR D 72 -22.36 -8.56 2.58
C THR D 72 -20.87 -8.27 2.68
N LEU D 73 -20.55 -6.97 2.72
CA LEU D 73 -19.18 -6.49 2.88
C LEU D 73 -19.04 -6.05 4.34
N THR D 74 -18.09 -6.64 5.04
CA THR D 74 -17.85 -6.32 6.44
C THR D 74 -16.49 -5.65 6.63
N ILE D 75 -16.48 -4.56 7.40
CA ILE D 75 -15.24 -3.84 7.75
C ILE D 75 -15.20 -4.00 9.27
N SER D 76 -14.37 -4.92 9.75
CA SER D 76 -14.31 -5.23 11.17
C SER D 76 -13.77 -4.20 12.18
N SER D 77 -12.95 -3.26 11.72
CA SER D 77 -12.42 -2.28 12.68
C SER D 77 -12.26 -1.00 11.88
N LEU D 78 -13.33 -0.22 11.81
CA LEU D 78 -13.32 0.99 11.01
C LEU D 78 -12.19 1.95 11.29
N GLN D 79 -11.40 2.24 10.27
CA GLN D 79 -10.28 3.15 10.35
C GLN D 79 -10.58 4.50 9.67
N PRO D 80 -9.89 5.58 10.06
CA PRO D 80 -10.08 6.91 9.47
C PRO D 80 -10.06 6.86 7.94
N GLU D 81 -9.12 6.08 7.39
CA GLU D 81 -8.97 5.97 5.94
C GLU D 81 -10.08 5.16 5.30
N ASP D 82 -10.93 4.56 6.11
CA ASP D 82 -12.05 3.76 5.60
C ASP D 82 -13.31 4.56 5.26
N PHE D 83 -13.36 5.83 5.65
CA PHE D 83 -14.52 6.67 5.31
C PHE D 83 -14.45 7.02 3.84
N ALA D 84 -15.41 6.50 3.10
CA ALA D 84 -15.46 6.69 1.66
C ALA D 84 -16.77 6.09 1.18
N THR D 85 -16.85 5.84 -0.13
CA THR D 85 -18.05 5.22 -0.71
C THR D 85 -17.73 3.79 -1.20
N TYR D 86 -18.66 2.88 -0.97
CA TYR D 86 -18.50 1.47 -1.36
C TYR D 86 -19.55 1.01 -2.38
N TYR D 87 -19.11 0.18 -3.33
CA TYR D 87 -20.00 -0.32 -4.37
C TYR D 87 -19.85 -1.80 -4.60
N CYS D 88 -20.96 -2.48 -4.89
CA CYS D 88 -20.86 -3.88 -5.24
C CYS D 88 -20.92 -3.91 -6.77
N LEU D 89 -20.31 -4.92 -7.38
CA LEU D 89 -20.33 -5.10 -8.83
C LEU D 89 -20.81 -6.52 -9.06
N GLN D 90 -21.76 -6.65 -9.96
CA GLN D 90 -22.38 -7.92 -10.29
C GLN D 90 -21.92 -8.34 -11.69
N HIS D 91 -21.43 -9.57 -11.82
CA HIS D 91 -21.04 -10.09 -13.13
C HIS D 91 -21.69 -11.45 -13.44
N GLY D 92 -22.83 -11.69 -12.81
CA GLY D 92 -23.57 -12.92 -13.02
C GLY D 92 -24.25 -12.95 -14.39
N GLU D 93 -24.28 -11.79 -15.03
CA GLU D 93 -24.87 -11.62 -16.35
C GLU D 93 -24.34 -10.36 -17.00
N SER D 94 -24.22 -10.36 -18.31
CA SER D 94 -23.81 -9.14 -19.00
C SER D 94 -25.13 -8.43 -19.30
N PRO D 95 -25.19 -7.10 -19.13
CA PRO D 95 -24.14 -6.19 -18.65
C PRO D 95 -23.87 -6.27 -17.15
N TRP D 96 -22.63 -5.95 -16.75
CA TRP D 96 -22.26 -5.93 -15.35
C TRP D 96 -22.86 -4.66 -14.75
N THR D 97 -23.37 -4.74 -13.53
CA THR D 97 -23.94 -3.56 -12.91
C THR D 97 -23.45 -3.38 -11.48
N PHE D 98 -23.40 -2.12 -11.08
CA PHE D 98 -22.97 -1.74 -9.76
C PHE D 98 -24.17 -1.37 -8.93
N GLY D 99 -24.01 -1.47 -7.61
CA GLY D 99 -25.08 -1.06 -6.71
C GLY D 99 -25.05 0.46 -6.71
N GLN D 100 -26.04 1.09 -6.09
CA GLN D 100 -26.14 2.55 -6.05
C GLN D 100 -25.04 3.19 -5.21
N GLY D 101 -24.47 2.44 -4.26
CA GLY D 101 -23.40 2.97 -3.44
C GLY D 101 -23.80 3.13 -2.00
N THR D 102 -22.79 3.17 -1.12
CA THR D 102 -23.00 3.34 0.31
C THR D 102 -21.87 4.22 0.79
N LYS D 103 -22.22 5.44 1.21
CA LYS D 103 -21.25 6.38 1.73
C LYS D 103 -21.14 6.18 3.25
N VAL D 104 -19.92 5.92 3.69
CA VAL D 104 -19.64 5.74 5.10
C VAL D 104 -19.05 7.05 5.61
N GLU D 105 -19.80 7.71 6.47
CA GLU D 105 -19.34 8.99 6.98
C GLU D 105 -19.18 8.97 8.48
N ILE D 106 -18.39 9.91 8.98
CA ILE D 106 -18.06 10.05 10.39
C ILE D 106 -19.20 10.50 11.30
N LYS D 107 -19.48 9.69 12.32
CA LYS D 107 -20.52 10.01 13.31
C LYS D 107 -19.95 11.00 14.33
N ARG D 108 -20.79 11.96 14.73
CA ARG D 108 -20.43 12.95 15.75
C ARG D 108 -21.73 13.42 16.41
N THR D 109 -21.64 14.31 17.39
CA THR D 109 -22.85 14.79 18.04
C THR D 109 -23.67 15.68 17.12
N VAL D 110 -24.97 15.70 17.35
CA VAL D 110 -25.89 16.54 16.59
C VAL D 110 -25.50 18.00 16.76
N ALA D 111 -25.35 18.69 15.64
CA ALA D 111 -24.99 20.09 15.64
C ALA D 111 -25.97 20.85 14.73
N ALA D 112 -26.67 21.81 15.35
CA ALA D 112 -27.64 22.64 14.68
C ALA D 112 -26.98 23.63 13.72
N PRO D 113 -27.61 23.85 12.56
CA PRO D 113 -27.05 24.80 11.60
C PRO D 113 -27.27 26.23 12.03
N SER D 114 -26.32 27.10 11.70
CA SER D 114 -26.53 28.51 11.96
C SER D 114 -27.01 28.97 10.55
N VAL D 115 -28.21 29.51 10.48
CA VAL D 115 -28.84 29.94 9.23
C VAL D 115 -28.73 31.43 8.89
N PHE D 116 -28.46 31.73 7.62
CA PHE D 116 -28.32 33.11 7.13
C PHE D 116 -29.01 33.24 5.76
N ILE D 117 -29.63 34.40 5.51
CA ILE D 117 -30.28 34.67 4.23
C ILE D 117 -29.59 35.85 3.54
N PHE D 118 -29.39 35.75 2.22
CA PHE D 118 -28.76 36.84 1.48
C PHE D 118 -29.66 37.30 0.32
N PRO D 119 -29.98 38.60 0.29
CA PRO D 119 -30.83 39.09 -0.80
C PRO D 119 -30.01 39.36 -2.05
N PRO D 120 -30.66 39.50 -3.21
CA PRO D 120 -29.97 39.77 -4.46
C PRO D 120 -29.23 41.09 -4.34
N SER D 121 -28.01 41.15 -4.84
CA SER D 121 -27.23 42.40 -4.81
C SER D 121 -27.81 43.35 -5.86
N ASP D 122 -27.62 44.66 -5.66
CA ASP D 122 -28.10 45.65 -6.62
C ASP D 122 -27.44 45.49 -8.00
N GLU D 123 -26.19 45.04 -7.99
CA GLU D 123 -25.44 44.83 -9.24
C GLU D 123 -26.06 43.69 -10.09
N GLN D 124 -26.60 42.66 -9.44
CA GLN D 124 -27.23 41.55 -10.17
C GLN D 124 -28.62 41.93 -10.70
N LEU D 125 -29.41 42.64 -9.88
CA LEU D 125 -30.75 43.09 -10.28
C LEU D 125 -30.65 43.92 -11.54
N LYS D 126 -29.58 44.71 -11.63
CA LYS D 126 -29.31 45.56 -12.78
C LYS D 126 -29.14 44.75 -14.08
N SER D 127 -28.79 43.48 -13.96
CA SER D 127 -28.63 42.65 -15.15
C SER D 127 -29.89 41.87 -15.49
N GLY D 128 -30.97 42.08 -14.74
CA GLY D 128 -32.22 41.38 -15.01
C GLY D 128 -32.57 40.09 -14.26
N THR D 129 -31.68 39.58 -13.42
CA THR D 129 -31.99 38.35 -12.69
C THR D 129 -31.84 38.60 -11.20
N ALA D 130 -32.33 37.67 -10.40
CA ALA D 130 -32.22 37.79 -8.95
C ALA D 130 -32.03 36.45 -8.32
N SER D 131 -30.96 36.29 -7.54
CA SER D 131 -30.80 35.03 -6.85
C SER D 131 -30.66 35.26 -5.35
N VAL D 132 -31.51 34.56 -4.60
CA VAL D 132 -31.52 34.66 -3.15
C VAL D 132 -30.81 33.42 -2.57
N VAL D 133 -29.84 33.66 -1.70
CA VAL D 133 -29.10 32.55 -1.13
C VAL D 133 -29.32 32.29 0.36
N CYS D 134 -29.64 31.04 0.68
CA CYS D 134 -29.85 30.61 2.06
C CYS D 134 -28.67 29.72 2.44
N LEU D 135 -28.00 30.05 3.55
CA LEU D 135 -26.84 29.32 4.04
C LEU D 135 -27.10 28.58 5.33
N LEU D 136 -26.79 27.29 5.34
CA LEU D 136 -26.90 26.42 6.51
C LEU D 136 -25.44 26.12 6.83
N ASN D 137 -24.93 26.73 7.90
CA ASN D 137 -23.55 26.57 8.29
C ASN D 137 -23.25 25.58 9.42
N ASN D 138 -22.23 24.76 9.17
CA ASN D 138 -21.70 23.77 10.09
C ASN D 138 -22.70 22.97 10.92
N PHE D 139 -23.42 22.05 10.28
CA PHE D 139 -24.40 21.24 10.99
C PHE D 139 -24.16 19.71 10.86
N TYR D 140 -24.82 18.95 11.71
CA TYR D 140 -24.75 17.50 11.71
C TYR D 140 -25.98 16.97 12.42
N PRO D 141 -26.65 15.93 11.88
CA PRO D 141 -26.35 15.13 10.67
C PRO D 141 -26.63 15.84 9.33
N ARG D 142 -26.36 15.12 8.25
CA ARG D 142 -26.54 15.63 6.89
C ARG D 142 -27.96 16.04 6.50
N GLU D 143 -28.95 15.20 6.81
CA GLU D 143 -30.32 15.52 6.47
C GLU D 143 -30.79 16.91 6.95
N ALA D 144 -31.27 17.71 6.00
CA ALA D 144 -31.75 19.05 6.29
C ALA D 144 -32.82 19.43 5.26
N LYS D 145 -33.94 19.96 5.73
CA LYS D 145 -35.01 20.38 4.82
C LYS D 145 -35.00 21.90 4.71
N VAL D 146 -34.76 22.38 3.50
CA VAL D 146 -34.74 23.82 3.24
C VAL D 146 -35.86 24.16 2.27
N GLN D 147 -36.86 24.87 2.76
CA GLN D 147 -37.99 25.28 1.94
C GLN D 147 -37.98 26.79 1.78
N TRP D 148 -38.30 27.24 0.58
CA TRP D 148 -38.36 28.65 0.30
C TRP D 148 -39.81 29.14 0.38
N LYS D 149 -40.00 30.30 1.00
CA LYS D 149 -41.34 30.87 1.14
C LYS D 149 -41.31 32.31 0.66
N VAL D 150 -42.13 32.60 -0.35
CA VAL D 150 -42.20 33.95 -0.93
C VAL D 150 -43.62 34.43 -0.64
N ASP D 151 -43.77 35.39 0.29
CA ASP D 151 -45.09 35.90 0.73
C ASP D 151 -45.89 34.70 1.23
N ASN D 152 -45.24 33.86 2.03
CA ASN D 152 -45.85 32.66 2.58
C ASN D 152 -46.25 31.60 1.56
N ALA D 153 -45.83 31.77 0.31
CA ALA D 153 -46.13 30.79 -0.72
C ALA D 153 -44.90 29.87 -0.88
N LEU D 154 -45.15 28.57 -0.76
CA LEU D 154 -44.14 27.53 -0.88
C LEU D 154 -43.64 27.43 -2.32
N GLN D 155 -42.33 27.57 -2.51
CA GLN D 155 -41.74 27.49 -3.85
C GLN D 155 -41.33 26.08 -4.21
N SER D 156 -41.23 25.82 -5.52
CA SER D 156 -40.81 24.52 -6.02
C SER D 156 -40.28 24.66 -7.44
N GLY D 157 -39.22 23.91 -7.74
CA GLY D 157 -38.62 23.91 -9.06
C GLY D 157 -37.71 25.07 -9.40
N ASN D 158 -37.61 26.07 -8.53
CA ASN D 158 -36.75 27.23 -8.82
C ASN D 158 -35.55 27.39 -7.88
N SER D 159 -35.23 26.33 -7.15
CA SER D 159 -34.07 26.36 -6.26
C SER D 159 -33.13 25.17 -6.49
N GLN D 160 -31.86 25.36 -6.13
CA GLN D 160 -30.84 24.31 -6.23
C GLN D 160 -29.98 24.31 -4.97
N GLU D 161 -29.68 23.11 -4.48
CA GLU D 161 -28.87 22.95 -3.28
C GLU D 161 -27.47 22.46 -3.60
N SER D 162 -26.56 22.72 -2.68
CA SER D 162 -25.18 22.29 -2.81
C SER D 162 -24.67 22.07 -1.40
N VAL D 163 -23.98 20.96 -1.18
CA VAL D 163 -23.43 20.67 0.15
C VAL D 163 -21.96 20.38 0.08
N THR D 164 -21.25 20.75 1.13
CA THR D 164 -19.82 20.46 1.18
C THR D 164 -19.64 19.04 1.68
N GLU D 165 -18.40 18.55 1.63
CA GLU D 165 -18.06 17.23 2.17
C GLU D 165 -17.90 17.49 3.67
N GLN D 166 -17.94 16.45 4.48
CA GLN D 166 -17.76 16.60 5.93
C GLN D 166 -16.46 17.36 6.22
N ASP D 167 -16.52 18.36 7.09
CA ASP D 167 -15.33 19.13 7.41
C ASP D 167 -14.26 18.24 8.05
N SER D 168 -13.00 18.49 7.71
CA SER D 168 -11.88 17.73 8.22
C SER D 168 -11.68 17.92 9.73
N LYS D 169 -12.00 19.11 10.23
CA LYS D 169 -11.83 19.41 11.64
C LYS D 169 -13.01 19.01 12.52
N ASP D 170 -14.17 19.60 12.27
CA ASP D 170 -15.36 19.35 13.08
C ASP D 170 -16.31 18.28 12.59
N SER D 171 -16.13 17.78 11.37
CA SER D 171 -16.99 16.73 10.82
C SER D 171 -18.44 17.16 10.55
N THR D 172 -18.67 18.46 10.42
CA THR D 172 -20.02 18.94 10.13
C THR D 172 -20.15 19.14 8.61
N TYR D 173 -21.33 19.57 8.20
CA TYR D 173 -21.60 19.85 6.80
C TYR D 173 -22.12 21.28 6.68
N SER D 174 -22.06 21.83 5.47
CA SER D 174 -22.59 23.14 5.17
C SER D 174 -23.37 23.01 3.88
N LEU D 175 -24.43 23.78 3.76
CA LEU D 175 -25.29 23.70 2.59
C LEU D 175 -25.75 25.09 2.17
N SER D 176 -25.99 25.24 0.87
CA SER D 176 -26.47 26.49 0.34
C SER D 176 -27.59 26.20 -0.63
N SER D 177 -28.70 26.92 -0.44
CA SER D 177 -29.85 26.81 -1.30
C SER D 177 -29.96 28.13 -2.02
N THR D 178 -30.01 28.06 -3.35
CA THR D 178 -30.10 29.25 -4.17
C THR D 178 -31.42 29.27 -4.93
N LEU D 179 -32.25 30.27 -4.62
CA LEU D 179 -33.53 30.47 -5.29
C LEU D 179 -33.19 31.40 -6.42
N THR D 180 -33.57 31.07 -7.64
CA THR D 180 -33.27 31.94 -8.78
C THR D 180 -34.54 32.44 -9.46
N LEU D 181 -34.65 33.76 -9.60
CA LEU D 181 -35.81 34.38 -10.25
C LEU D 181 -35.39 35.49 -11.17
N SER D 182 -36.25 35.81 -12.13
CA SER D 182 -36.01 36.93 -13.05
C SER D 182 -36.31 38.17 -12.21
N LYS D 183 -35.80 39.34 -12.60
CA LYS D 183 -36.07 40.57 -11.85
C LYS D 183 -37.58 40.83 -11.81
N ALA D 184 -38.25 40.59 -12.93
CA ALA D 184 -39.69 40.82 -13.00
C ALA D 184 -40.43 40.01 -11.95
N ASP D 185 -40.16 38.71 -11.90
CA ASP D 185 -40.82 37.83 -10.93
C ASP D 185 -40.44 38.17 -9.49
N TYR D 186 -39.18 38.50 -9.28
CA TYR D 186 -38.69 38.86 -7.96
C TYR D 186 -39.42 40.12 -7.46
N GLU D 187 -39.73 41.06 -8.36
CA GLU D 187 -40.41 42.29 -7.95
C GLU D 187 -41.91 42.19 -7.67
N LYS D 188 -42.49 41.03 -7.92
CA LYS D 188 -43.91 40.89 -7.67
C LYS D 188 -44.30 40.37 -6.29
N HIS D 189 -43.32 40.27 -5.39
CA HIS D 189 -43.55 39.81 -4.02
C HIS D 189 -42.56 40.54 -3.13
N LYS D 190 -42.87 40.66 -1.84
CA LYS D 190 -41.94 41.38 -0.97
C LYS D 190 -41.27 40.62 0.16
N VAL D 191 -41.93 39.63 0.75
CA VAL D 191 -41.31 38.85 1.83
C VAL D 191 -40.65 37.60 1.27
N TYR D 192 -39.34 37.49 1.50
CA TYR D 192 -38.55 36.35 1.06
C TYR D 192 -37.99 35.59 2.24
N ALA D 193 -38.29 34.29 2.32
CA ALA D 193 -37.84 33.48 3.44
C ALA D 193 -37.42 32.02 3.19
N CYS D 194 -36.43 31.56 3.95
CA CYS D 194 -36.02 30.16 3.87
C CYS D 194 -36.26 29.53 5.24
N GLU D 195 -37.02 28.45 5.26
CA GLU D 195 -37.35 27.73 6.48
C GLU D 195 -36.54 26.43 6.55
N VAL D 196 -35.69 26.36 7.56
CA VAL D 196 -34.82 25.20 7.78
C VAL D 196 -35.32 24.23 8.85
N THR D 197 -35.46 22.96 8.47
CA THR D 197 -35.88 21.89 9.37
C THR D 197 -34.68 20.92 9.56
N HIS D 198 -34.26 20.72 10.80
CA HIS D 198 -33.11 19.84 11.10
C HIS D 198 -33.27 19.28 12.53
N GLN D 199 -32.80 18.06 12.77
CA GLN D 199 -32.96 17.46 14.10
C GLN D 199 -32.33 18.24 15.26
N GLY D 200 -31.33 19.07 14.96
CA GLY D 200 -30.69 19.87 15.99
C GLY D 200 -31.48 21.09 16.45
N LEU D 201 -32.53 21.45 15.71
CA LEU D 201 -33.40 22.55 16.10
C LEU D 201 -34.70 22.03 16.71
N SER D 202 -35.14 22.63 17.81
CA SER D 202 -36.39 22.19 18.47
C SER D 202 -37.62 22.43 17.59
N SER D 203 -37.53 23.45 16.73
CA SER D 203 -38.60 23.79 15.79
C SER D 203 -37.96 24.48 14.58
N PRO D 204 -38.60 24.40 13.40
CA PRO D 204 -38.06 25.03 12.19
C PRO D 204 -37.64 26.49 12.32
N VAL D 205 -36.47 26.80 11.77
CA VAL D 205 -35.94 28.16 11.80
C VAL D 205 -36.17 28.87 10.48
N THR D 206 -36.60 30.12 10.57
CA THR D 206 -36.89 30.93 9.39
C THR D 206 -36.09 32.20 9.38
N LYS D 207 -35.36 32.42 8.30
CA LYS D 207 -34.61 33.65 8.15
C LYS D 207 -35.30 34.37 7.00
N SER D 208 -35.36 35.69 7.09
CA SER D 208 -36.03 36.46 6.05
C SER D 208 -35.67 37.91 6.00
N PHE D 209 -36.15 38.54 4.93
CA PHE D 209 -35.97 39.95 4.69
C PHE D 209 -37.14 40.41 3.82
N ASN D 210 -37.38 41.73 3.82
CA ASN D 210 -38.43 42.31 2.99
C ASN D 210 -37.70 42.99 1.85
N ARG D 211 -38.17 42.78 0.62
CA ARG D 211 -37.53 43.35 -0.58
C ARG D 211 -37.35 44.87 -0.50
N GLY D 212 -36.11 45.32 -0.71
CA GLY D 212 -35.81 46.75 -0.63
C GLY D 212 -35.41 47.24 0.77
N GLU D 213 -36.37 47.83 1.48
CA GLU D 213 -36.13 48.36 2.82
C GLU D 213 -35.92 47.27 3.87
N GLN E 1 14.46 29.57 33.92
CA GLN E 1 14.42 29.38 32.47
C GLN E 1 15.81 29.03 31.90
N ALA E 2 16.83 29.10 32.75
CA ALA E 2 18.23 28.79 32.40
C ALA E 2 19.00 29.90 31.70
N VAL E 3 20.17 30.22 32.24
CA VAL E 3 21.05 31.27 31.72
C VAL E 3 22.37 30.66 31.21
N VAL E 4 22.76 31.05 30.01
CA VAL E 4 23.99 30.57 29.38
C VAL E 4 24.99 31.73 29.33
N THR E 5 26.09 31.62 30.08
CA THR E 5 27.07 32.71 30.13
C THR E 5 28.38 32.44 29.40
N GLN E 6 28.85 33.45 28.68
CA GLN E 6 30.10 33.41 27.93
C GLN E 6 30.95 34.62 28.37
N GLU E 7 32.28 34.52 28.17
CA GLU E 7 33.19 35.62 28.50
C GLU E 7 32.77 36.79 27.61
N SER E 8 32.72 38.01 28.17
CA SER E 8 32.32 39.19 27.39
C SER E 8 33.19 39.36 26.17
N ALA E 9 34.50 39.44 26.38
CA ALA E 9 35.43 39.65 25.30
C ALA E 9 36.75 39.01 25.59
N LEU E 10 37.46 38.62 24.54
CA LEU E 10 38.78 38.02 24.69
C LEU E 10 39.68 38.52 23.59
N THR E 11 40.94 38.75 23.96
CA THR E 11 41.91 39.22 23.00
C THR E 11 43.07 38.25 22.84
N SER E 12 43.41 37.99 21.58
CA SER E 12 44.48 37.06 21.25
C SER E 12 45.31 37.62 20.12
N SER E 13 46.33 36.87 19.72
CA SER E 13 47.23 37.29 18.65
C SER E 13 47.29 36.21 17.61
N PRO E 14 47.65 36.57 16.38
CA PRO E 14 47.72 35.52 15.36
C PRO E 14 48.71 34.41 15.78
N GLY E 15 48.30 33.15 15.59
CA GLY E 15 49.13 32.01 15.93
C GLY E 15 48.77 31.41 17.28
N GLU E 16 48.06 32.16 18.09
CA GLU E 16 47.69 31.71 19.42
C GLU E 16 46.59 30.65 19.41
N THR E 17 46.50 29.93 20.53
CA THR E 17 45.47 28.91 20.73
C THR E 17 44.57 29.54 21.80
N VAL E 18 43.33 29.79 21.41
CA VAL E 18 42.37 30.42 22.31
C VAL E 18 41.14 29.56 22.62
N THR E 19 40.65 29.67 23.85
CA THR E 19 39.52 28.89 24.30
C THR E 19 38.39 29.71 24.85
N LEU E 20 37.26 29.66 24.15
CA LEU E 20 36.07 30.36 24.58
C LEU E 20 35.25 29.30 25.29
N THR E 21 34.57 29.67 26.39
CA THR E 21 33.76 28.68 27.09
C THR E 21 32.31 29.10 27.20
N CYS E 22 31.49 28.12 27.54
CA CYS E 22 30.06 28.28 27.64
C CYS E 22 29.52 27.55 28.87
N ARG E 23 28.98 28.31 29.81
CA ARG E 23 28.46 27.72 31.04
C ARG E 23 26.93 27.73 31.16
N SER E 24 26.41 26.64 31.70
CA SER E 24 24.99 26.47 31.93
C SER E 24 24.73 26.72 33.40
N SER E 25 23.67 27.46 33.70
CA SER E 25 23.31 27.76 35.09
C SER E 25 22.65 26.59 35.84
N THR E 26 22.10 25.63 35.11
CA THR E 26 21.42 24.48 35.71
C THR E 26 22.37 23.44 36.26
N GLY E 27 23.54 23.33 35.65
CA GLY E 27 24.52 22.36 36.08
C GLY E 27 25.55 22.20 35.00
N ALA E 28 26.20 21.04 34.98
CA ALA E 28 27.22 20.75 33.98
C ALA E 28 26.65 20.71 32.57
N VAL E 29 27.40 21.24 31.59
CA VAL E 29 26.94 21.17 30.20
C VAL E 29 27.14 19.73 29.82
N THR E 30 26.13 19.14 29.19
CA THR E 30 26.15 17.73 28.82
C THR E 30 25.93 17.54 27.31
N THR E 31 26.19 16.34 26.79
CA THR E 31 25.98 16.11 25.34
C THR E 31 24.51 16.29 24.97
N SER E 32 23.61 16.16 25.94
CA SER E 32 22.19 16.34 25.72
C SER E 32 21.85 17.81 25.43
N ASN E 33 22.79 18.71 25.75
CA ASN E 33 22.60 20.14 25.50
C ASN E 33 22.95 20.51 24.08
N TYR E 34 23.47 19.55 23.32
CA TYR E 34 23.84 19.78 21.92
C TYR E 34 24.54 21.10 21.67
N ALA E 35 25.49 21.44 22.54
CA ALA E 35 26.25 22.69 22.41
C ALA E 35 26.48 23.05 20.94
N ASN E 36 26.15 24.28 20.60
CA ASN E 36 26.25 24.82 19.24
C ASN E 36 27.02 26.16 19.29
N TRP E 37 27.93 26.36 18.35
CA TRP E 37 28.71 27.58 18.30
C TRP E 37 28.50 28.26 16.95
N VAL E 38 28.20 29.55 17.02
CA VAL E 38 27.93 30.35 15.83
C VAL E 38 28.83 31.57 15.81
N GLN E 39 29.40 31.86 14.65
CA GLN E 39 30.28 33.01 14.44
C GLN E 39 29.54 34.19 13.77
N GLU E 40 29.53 35.34 14.43
CA GLU E 40 28.90 36.54 13.86
C GLU E 40 29.98 37.52 13.41
N LYS E 41 30.21 37.59 12.10
CA LYS E 41 31.19 38.53 11.57
C LYS E 41 30.52 39.88 11.26
N PRO E 42 31.32 40.95 11.08
CA PRO E 42 30.77 42.28 10.78
C PRO E 42 29.81 42.29 9.59
N ASP E 43 28.73 43.06 9.74
CA ASP E 43 27.65 43.24 8.76
C ASP E 43 26.58 42.17 8.97
N HIS E 44 26.48 41.71 10.22
CA HIS E 44 25.52 40.69 10.65
C HIS E 44 25.53 39.38 9.82
N LEU E 45 26.71 38.79 9.66
CA LEU E 45 26.85 37.56 8.89
C LEU E 45 27.12 36.38 9.80
N PHE E 46 26.10 35.55 10.03
CA PHE E 46 26.23 34.38 10.89
C PHE E 46 26.62 33.13 10.11
N THR E 47 27.43 32.29 10.75
CA THR E 47 27.93 31.05 10.18
C THR E 47 28.17 30.05 11.30
N GLY E 48 27.63 28.85 11.14
CA GLY E 48 27.80 27.84 12.15
C GLY E 48 29.25 27.40 12.23
N VAL E 49 29.72 27.13 13.43
CA VAL E 49 31.10 26.70 13.60
C VAL E 49 31.13 25.24 14.05
N ILE E 50 30.46 24.98 15.17
CA ILE E 50 30.37 23.68 15.78
C ILE E 50 28.91 23.33 16.08
N GLY E 51 28.57 22.07 15.91
CA GLY E 51 27.23 21.62 16.24
C GLY E 51 27.39 20.29 16.97
N GLY E 52 26.39 19.88 17.74
CA GLY E 52 26.48 18.61 18.45
C GLY E 52 27.69 18.44 19.36
N THR E 53 27.98 19.50 20.12
CA THR E 53 29.09 19.56 21.08
C THR E 53 30.47 19.62 20.47
N ASN E 54 30.78 18.70 19.57
CA ASN E 54 32.11 18.65 19.00
C ASN E 54 32.23 18.34 17.53
N ASN E 55 31.21 18.67 16.76
CA ASN E 55 31.27 18.41 15.34
C ASN E 55 31.50 19.70 14.59
N ARG E 56 32.59 19.72 13.85
CA ARG E 56 32.92 20.86 13.03
C ARG E 56 31.94 20.83 11.85
N ALA E 57 31.29 21.95 11.59
CA ALA E 57 30.33 22.05 10.48
C ALA E 57 31.11 21.93 9.17
N PRO E 58 30.55 21.25 8.15
CA PRO E 58 31.27 21.12 6.87
C PRO E 58 31.76 22.46 6.33
N GLY E 59 33.02 22.50 5.89
CA GLY E 59 33.59 23.72 5.36
C GLY E 59 34.49 24.46 6.34
N VAL E 60 34.20 24.29 7.63
CA VAL E 60 34.95 24.93 8.69
C VAL E 60 36.38 24.36 8.84
N PRO E 61 37.39 25.26 8.91
CA PRO E 61 38.83 24.96 9.04
C PRO E 61 39.13 24.04 10.21
N ALA E 62 40.11 23.15 10.05
CA ALA E 62 40.46 22.18 11.07
C ALA E 62 40.96 22.81 12.38
N ARG E 63 41.29 24.10 12.36
CA ARG E 63 41.75 24.79 13.57
C ARG E 63 40.67 25.05 14.62
N PHE E 64 39.41 24.91 14.22
CA PHE E 64 38.29 25.09 15.14
C PHE E 64 37.88 23.70 15.64
N SER E 65 37.56 23.59 16.92
CA SER E 65 37.12 22.33 17.49
C SER E 65 36.37 22.65 18.75
N GLY E 66 35.43 21.78 19.09
CA GLY E 66 34.61 21.97 20.26
C GLY E 66 34.67 20.80 21.19
N SER E 67 34.31 21.03 22.46
CA SER E 67 34.37 19.94 23.42
C SER E 67 33.79 20.34 24.75
N LEU E 68 33.92 19.41 25.70
CA LEU E 68 33.48 19.63 27.07
C LEU E 68 34.76 19.57 27.91
N ILE E 69 35.04 20.66 28.62
CA ILE E 69 36.20 20.77 29.50
C ILE E 69 35.58 21.17 30.83
N GLY E 70 35.68 20.27 31.80
CA GLY E 70 35.09 20.53 33.09
C GLY E 70 33.60 20.41 32.91
N ASP E 71 32.85 21.35 33.48
CA ASP E 71 31.40 21.31 33.33
C ASP E 71 30.88 22.38 32.37
N LYS E 72 31.72 22.71 31.39
CA LYS E 72 31.40 23.73 30.38
C LYS E 72 31.70 23.25 28.97
N ALA E 73 30.99 23.81 28.00
CA ALA E 73 31.24 23.50 26.59
C ALA E 73 32.33 24.48 26.17
N ALA E 74 33.15 24.11 25.19
CA ALA E 74 34.23 24.98 24.76
C ALA E 74 34.54 24.93 23.28
N LEU E 75 34.99 26.06 22.76
CA LEU E 75 35.41 26.21 21.37
C LEU E 75 36.90 26.57 21.39
N THR E 76 37.74 25.71 20.84
CA THR E 76 39.18 25.95 20.84
C THR E 76 39.60 26.32 19.43
N ILE E 77 40.40 27.38 19.32
CA ILE E 77 40.90 27.82 18.03
C ILE E 77 42.41 27.64 18.12
N THR E 78 42.91 26.68 17.36
CA THR E 78 44.32 26.32 17.36
C THR E 78 45.07 27.03 16.26
N GLY E 79 45.63 28.19 16.60
CA GLY E 79 46.35 28.97 15.60
C GLY E 79 45.40 30.00 15.03
N ALA E 80 44.85 30.81 15.93
CA ALA E 80 43.92 31.86 15.59
C ALA E 80 44.41 32.73 14.44
N GLN E 81 43.61 32.85 13.40
CA GLN E 81 44.01 33.69 12.27
C GLN E 81 43.28 35.03 12.37
N THR E 82 43.68 36.01 11.55
CA THR E 82 43.02 37.32 11.57
C THR E 82 41.56 37.18 11.12
N GLU E 83 41.35 36.31 10.14
CA GLU E 83 40.01 36.04 9.61
C GLU E 83 39.05 35.56 10.70
N ASP E 84 39.58 35.06 11.81
CA ASP E 84 38.77 34.55 12.92
C ASP E 84 38.22 35.60 13.89
N GLU E 85 38.57 36.87 13.70
CA GLU E 85 38.05 37.92 14.59
C GLU E 85 36.55 38.02 14.33
N ALA E 86 35.77 37.85 15.39
CA ALA E 86 34.32 37.89 15.29
C ALA E 86 33.71 37.73 16.67
N ILE E 87 32.38 37.66 16.71
CA ILE E 87 31.64 37.43 17.94
C ILE E 87 31.17 35.97 17.88
N TYR E 88 31.43 35.21 18.94
CA TYR E 88 31.05 33.81 18.94
C TYR E 88 29.94 33.54 19.93
N PHE E 89 28.83 33.05 19.41
CA PHE E 89 27.71 32.74 20.28
C PHE E 89 27.64 31.26 20.50
N CYS E 90 27.24 30.91 21.72
CA CYS E 90 27.06 29.57 22.18
C CYS E 90 25.57 29.37 22.38
N ALA E 91 25.08 28.16 22.13
CA ALA E 91 23.67 27.84 22.34
C ALA E 91 23.54 26.44 22.91
N LEU E 92 22.71 26.30 23.94
CA LEU E 92 22.48 24.99 24.57
C LEU E 92 21.00 24.64 24.49
N TRP E 93 20.75 23.35 24.29
CA TRP E 93 19.42 22.81 24.16
C TRP E 93 18.96 22.19 25.48
N TYR E 94 17.78 22.60 25.93
CA TYR E 94 17.19 22.11 27.17
C TYR E 94 15.87 21.39 26.91
N SER E 95 15.99 20.20 26.31
CA SER E 95 14.84 19.34 26.01
C SER E 95 13.88 19.80 24.90
N ASN E 96 13.42 21.04 24.97
CA ASN E 96 12.47 21.56 24.00
C ASN E 96 12.72 22.96 23.49
N HIS E 97 13.85 23.56 23.83
CA HIS E 97 14.19 24.91 23.37
C HIS E 97 15.66 25.22 23.49
N TRP E 98 16.07 26.24 22.76
CA TRP E 98 17.45 26.68 22.78
C TRP E 98 17.54 27.96 23.60
N VAL E 99 18.68 28.15 24.26
CA VAL E 99 18.97 29.36 25.03
C VAL E 99 20.36 29.75 24.61
N PHE E 100 20.52 30.99 24.18
CA PHE E 100 21.82 31.48 23.74
C PHE E 100 22.61 32.15 24.84
N GLY E 101 23.93 32.11 24.70
CA GLY E 101 24.77 32.78 25.66
C GLY E 101 24.91 34.18 25.12
N GLY E 102 25.42 35.10 25.95
CA GLY E 102 25.61 36.48 25.52
C GLY E 102 26.62 36.73 24.41
N GLY E 103 27.37 35.70 24.01
CA GLY E 103 28.37 35.87 22.96
C GLY E 103 29.71 36.38 23.47
N THR E 104 30.77 36.07 22.72
CA THR E 104 32.11 36.50 23.09
C THR E 104 32.76 37.20 21.93
N LYS E 105 33.15 38.46 22.10
CA LYS E 105 33.79 39.15 20.99
C LYS E 105 35.25 38.77 21.08
N LEU E 106 35.75 38.13 20.04
CA LEU E 106 37.14 37.71 20.01
C LEU E 106 37.91 38.63 19.10
N THR E 107 38.99 39.18 19.65
CA THR E 107 39.85 40.08 18.89
C THR E 107 41.16 39.37 18.53
N VAL E 108 41.51 39.42 17.26
CA VAL E 108 42.76 38.84 16.82
C VAL E 108 43.61 40.01 16.34
N LEU E 109 44.44 40.48 17.27
CA LEU E 109 45.36 41.62 17.10
C LEU E 109 46.05 41.73 15.75
N GLY E 110 45.70 42.78 15.02
CA GLY E 110 46.27 43.04 13.70
C GLY E 110 46.94 44.40 13.67
N GLN E 111 47.02 45.06 14.82
CA GLN E 111 47.65 46.37 14.94
C GLN E 111 47.94 46.71 16.38
N PRO E 112 48.76 47.75 16.63
CA PRO E 112 49.08 48.15 18.00
C PRO E 112 47.83 48.60 18.78
N LYS E 113 47.91 48.45 20.11
CA LYS E 113 46.83 48.86 20.99
C LYS E 113 46.66 50.37 20.80
N SER E 114 45.46 50.85 21.02
CA SER E 114 45.21 52.27 20.87
C SER E 114 44.21 52.74 21.92
N SER E 115 44.62 53.74 22.70
CA SER E 115 43.77 54.30 23.74
C SER E 115 42.73 55.21 23.09
N PRO E 116 41.55 55.34 23.74
CA PRO E 116 40.47 56.18 23.21
C PRO E 116 40.74 57.66 23.33
N SER E 117 40.42 58.39 22.27
CA SER E 117 40.50 59.85 22.25
C SER E 117 39.08 60.20 22.72
N VAL E 118 38.98 60.92 23.82
CA VAL E 118 37.71 61.27 24.40
C VAL E 118 37.43 62.76 24.27
N ASN E 119 36.18 63.11 23.98
CA ASN E 119 35.79 64.52 23.83
C ASN E 119 34.40 64.65 24.45
N LEU E 120 34.28 65.52 25.44
CA LEU E 120 33.01 65.73 26.13
C LEU E 120 32.44 67.10 25.73
N PHE E 121 31.17 67.13 25.35
CA PHE E 121 30.54 68.38 24.94
C PHE E 121 29.44 68.82 25.88
N PRO E 122 29.40 70.14 26.17
CA PRO E 122 28.39 70.71 27.06
C PRO E 122 27.13 70.89 26.24
N PRO E 123 25.98 71.15 26.88
CA PRO E 123 24.75 71.34 26.11
C PRO E 123 24.78 72.73 25.45
N SER E 124 24.23 72.84 24.26
CA SER E 124 24.19 74.12 23.54
C SER E 124 23.16 75.05 24.18
N SER E 125 23.32 76.35 23.99
CA SER E 125 22.33 77.28 24.53
C SER E 125 20.99 77.06 23.81
N GLU E 126 21.05 76.63 22.55
CA GLU E 126 19.82 76.38 21.80
C GLU E 126 19.00 75.28 22.47
N GLU E 127 19.63 74.15 22.78
CA GLU E 127 18.91 73.06 23.44
C GLU E 127 18.44 73.42 24.85
N LEU E 128 19.19 74.25 25.57
CA LEU E 128 18.78 74.64 26.94
C LEU E 128 17.46 75.42 26.87
N LYS E 129 17.23 76.09 25.73
CA LYS E 129 15.98 76.82 25.54
C LYS E 129 14.80 75.86 25.60
N THR E 130 15.01 74.56 25.32
CA THR E 130 13.93 73.59 25.38
C THR E 130 13.80 73.00 26.78
N LYS E 131 14.55 73.57 27.73
CA LYS E 131 14.53 73.11 29.12
C LYS E 131 15.11 71.71 29.31
N LYS E 132 15.96 71.31 28.36
CA LYS E 132 16.63 70.02 28.39
C LYS E 132 18.12 70.22 28.14
N ALA E 133 18.93 69.25 28.56
CA ALA E 133 20.38 69.36 28.38
C ALA E 133 21.01 68.01 28.07
N THR E 134 21.83 67.98 27.04
CA THR E 134 22.50 66.74 26.68
C THR E 134 24.01 66.92 26.63
N LEU E 135 24.72 66.06 27.33
CA LEU E 135 26.19 66.10 27.32
C LEU E 135 26.57 65.02 26.33
N VAL E 136 27.43 65.36 25.39
CA VAL E 136 27.85 64.38 24.39
C VAL E 136 29.33 64.03 24.59
N CYS E 137 29.59 62.73 24.73
CA CYS E 137 30.95 62.21 24.91
C CYS E 137 31.33 61.36 23.71
N THR E 138 32.20 61.87 22.85
CA THR E 138 32.64 61.09 21.68
C THR E 138 33.90 60.31 22.04
N ILE E 139 33.96 59.05 21.61
CA ILE E 139 35.08 58.17 21.91
C ILE E 139 35.55 57.52 20.62
N THR E 140 36.74 57.90 20.15
CA THR E 140 37.26 57.36 18.90
C THR E 140 38.68 56.78 18.97
N GLU E 141 39.08 56.10 17.90
CA GLU E 141 40.41 55.54 17.77
C GLU E 141 40.89 54.58 18.88
N PHE E 142 40.05 53.64 19.29
CA PHE E 142 40.45 52.71 20.32
C PHE E 142 40.51 51.28 19.82
N TYR E 143 41.52 50.55 20.30
CA TYR E 143 41.72 49.17 19.87
C TYR E 143 42.46 48.33 20.91
N PRO E 144 41.94 47.14 21.24
CA PRO E 144 40.73 46.50 20.70
C PRO E 144 39.42 47.24 21.06
N GLY E 145 38.34 46.90 20.33
CA GLY E 145 37.04 47.56 20.51
C GLY E 145 36.17 47.23 21.69
N ALA E 146 36.66 47.53 22.88
CA ALA E 146 35.93 47.27 24.13
C ALA E 146 36.28 48.37 25.14
N VAL E 147 35.25 49.04 25.64
CA VAL E 147 35.41 50.10 26.64
C VAL E 147 34.18 50.15 27.54
N ARG E 148 34.35 50.79 28.67
CA ARG E 148 33.24 50.98 29.59
C ARG E 148 33.22 52.49 29.86
N VAL E 149 32.03 53.09 29.83
CA VAL E 149 31.90 54.53 30.06
C VAL E 149 31.19 54.82 31.38
N ASP E 150 31.66 55.83 32.08
CA ASP E 150 31.02 56.22 33.33
C ASP E 150 30.99 57.73 33.40
N TRP E 151 29.98 58.27 34.08
CA TRP E 151 29.82 59.71 34.20
C TRP E 151 29.89 60.16 35.65
N LYS E 152 30.33 61.38 35.86
CA LYS E 152 30.41 61.96 37.20
C LYS E 152 29.88 63.39 37.16
N ALA E 153 29.23 63.80 38.23
CA ALA E 153 28.72 65.16 38.34
C ALA E 153 29.23 65.64 39.69
N ASP E 154 30.10 66.64 39.66
CA ASP E 154 30.70 67.24 40.85
C ASP E 154 31.36 66.24 41.80
N GLY E 155 32.02 65.23 41.23
CA GLY E 155 32.71 64.27 42.06
C GLY E 155 31.93 63.03 42.44
N THR E 156 30.64 62.96 42.13
CA THR E 156 29.87 61.76 42.49
C THR E 156 29.40 61.07 41.24
N PRO E 157 29.30 59.74 41.29
CA PRO E 157 28.87 58.89 40.17
C PRO E 157 27.42 59.12 39.79
N VAL E 158 27.11 59.01 38.49
CA VAL E 158 25.72 59.14 38.08
C VAL E 158 25.33 57.73 37.68
N THR E 159 24.14 57.33 38.11
CA THR E 159 23.65 55.99 37.85
C THR E 159 22.42 55.95 36.92
N GLN E 160 21.87 57.12 36.63
CA GLN E 160 20.68 57.25 35.77
C GLN E 160 20.88 58.36 34.73
N GLY E 161 20.18 58.27 33.60
CA GLY E 161 20.30 59.30 32.60
C GLY E 161 21.42 59.19 31.58
N ASP E 162 22.18 58.11 31.64
CA ASP E 162 23.29 57.86 30.71
C ASP E 162 22.92 56.80 29.69
N GLU E 163 23.48 56.90 28.49
CA GLU E 163 23.24 55.91 27.44
C GLU E 163 24.47 55.88 26.53
N THR E 164 25.03 54.68 26.31
CA THR E 164 26.22 54.51 25.51
C THR E 164 26.01 53.58 24.31
N THR E 165 26.56 53.94 23.17
CA THR E 165 26.44 53.13 21.97
C THR E 165 27.41 51.96 22.00
N GLN E 166 27.04 50.90 21.27
CA GLN E 166 27.87 49.70 21.19
C GLN E 166 29.00 50.10 20.22
N PRO E 167 30.25 49.75 20.54
CA PRO E 167 31.39 50.08 19.66
C PRO E 167 31.23 49.57 18.21
N SER E 168 31.57 50.42 17.25
CA SER E 168 31.49 50.06 15.84
C SER E 168 32.84 50.43 15.28
N LYS E 169 33.31 49.72 14.25
CA LYS E 169 34.62 50.06 13.72
C LYS E 169 34.70 51.11 12.64
N GLN E 170 35.69 51.97 12.76
CA GLN E 170 35.90 53.06 11.81
C GLN E 170 36.67 52.56 10.60
N SER E 171 37.01 53.47 9.70
CA SER E 171 37.71 53.07 8.49
C SER E 171 39.11 52.50 8.73
N ASN E 172 39.82 52.97 9.75
CA ASN E 172 41.16 52.46 10.05
C ASN E 172 41.15 51.20 10.93
N ASN E 173 40.00 50.55 11.02
CA ASN E 173 39.80 49.32 11.81
C ASN E 173 39.82 49.47 13.34
N LYS E 174 40.08 50.69 13.85
CA LYS E 174 40.00 50.91 15.29
C LYS E 174 38.50 51.08 15.57
N TYR E 175 38.12 51.42 16.80
CA TYR E 175 36.71 51.57 17.11
C TYR E 175 36.30 52.96 17.59
N MET E 176 35.01 53.24 17.46
CA MET E 176 34.42 54.51 17.87
C MET E 176 33.14 54.19 18.63
N ALA E 177 32.74 55.10 19.51
CA ALA E 177 31.54 54.91 20.31
C ALA E 177 31.09 56.25 20.86
N SER E 178 29.93 56.30 21.49
CA SER E 178 29.45 57.57 22.00
C SER E 178 28.57 57.38 23.20
N SER E 179 28.58 58.35 24.10
CA SER E 179 27.75 58.29 25.29
C SER E 179 27.01 59.62 25.52
N TYR E 180 25.83 59.51 26.10
CA TYR E 180 25.01 60.67 26.34
C TYR E 180 24.56 60.82 27.79
N LEU E 181 24.64 62.03 28.32
CA LEU E 181 24.15 62.24 29.66
C LEU E 181 23.00 63.23 29.51
N THR E 182 21.81 62.73 29.80
CA THR E 182 20.57 63.48 29.69
C THR E 182 20.14 64.12 31.02
N LEU E 183 20.07 65.44 31.03
CA LEU E 183 19.67 66.20 32.20
C LEU E 183 18.63 67.24 31.79
N THR E 184 17.93 67.80 32.78
CA THR E 184 16.98 68.87 32.50
C THR E 184 17.85 70.11 32.57
N ALA E 185 17.38 71.23 32.04
CA ALA E 185 18.18 72.46 32.10
C ALA E 185 18.44 72.85 33.56
N GLU E 186 17.53 72.48 34.45
CA GLU E 186 17.64 72.78 35.88
C GLU E 186 18.84 72.09 36.48
N ALA E 187 18.90 70.78 36.29
CA ALA E 187 20.01 69.99 36.82
C ALA E 187 21.33 70.50 36.26
N TRP E 188 21.36 70.88 34.98
CA TRP E 188 22.60 71.39 34.39
C TRP E 188 23.05 72.68 35.07
N GLU E 189 22.09 73.51 35.47
CA GLU E 189 22.38 74.79 36.10
C GLU E 189 22.79 74.63 37.57
N SER E 190 22.21 73.63 38.24
CA SER E 190 22.51 73.41 39.66
C SER E 190 23.87 72.78 39.99
N HIS E 191 24.47 72.08 39.03
CA HIS E 191 25.77 71.44 39.24
C HIS E 191 26.82 72.16 38.40
N SER E 192 28.11 72.01 38.75
CA SER E 192 29.14 72.72 38.01
C SER E 192 30.22 71.90 37.30
N SER E 193 30.39 70.64 37.68
CA SER E 193 31.40 69.83 37.02
C SER E 193 30.86 68.51 36.50
N TYR E 194 31.18 68.23 35.24
CA TYR E 194 30.75 66.99 34.60
C TYR E 194 31.91 66.28 33.95
N SER E 195 31.99 64.98 34.18
CA SER E 195 33.05 64.17 33.62
C SER E 195 32.58 62.93 32.89
N CYS E 196 33.26 62.66 31.78
CA CYS E 196 33.00 61.48 30.96
C CYS E 196 34.25 60.62 31.16
N HIS E 197 34.05 59.44 31.74
CA HIS E 197 35.07 58.43 32.03
C HIS E 197 35.02 57.31 30.99
N VAL E 198 36.15 57.04 30.32
CA VAL E 198 36.18 55.94 29.35
C VAL E 198 37.36 55.05 29.76
N THR E 199 37.04 53.81 30.14
CA THR E 199 38.03 52.83 30.55
C THR E 199 38.27 51.82 29.46
N HIS E 200 39.55 51.64 29.12
CA HIS E 200 39.99 50.75 28.07
C HIS E 200 41.21 50.01 28.57
N GLU E 201 41.16 48.68 28.51
CA GLU E 201 42.28 47.86 28.98
C GLU E 201 42.64 48.24 30.42
N GLY E 202 41.63 48.45 31.26
CA GLY E 202 41.88 48.79 32.64
C GLY E 202 42.31 50.21 32.96
N GLN E 203 42.63 51.05 31.97
CA GLN E 203 43.05 52.41 32.29
C GLN E 203 41.95 53.40 31.94
N SER E 204 41.55 54.21 32.91
CA SER E 204 40.51 55.19 32.69
C SER E 204 40.99 56.52 32.08
N VAL E 205 40.38 56.90 30.94
CA VAL E 205 40.66 58.17 30.26
C VAL E 205 39.46 59.07 30.58
N GLU E 206 39.73 60.29 31.03
CA GLU E 206 38.69 61.22 31.46
C GLU E 206 38.70 62.61 30.81
N LYS E 207 37.51 63.18 30.65
CA LYS E 207 37.33 64.53 30.13
C LYS E 207 36.33 65.23 31.06
N SER E 208 36.58 66.51 31.34
CA SER E 208 35.71 67.27 32.24
C SER E 208 35.38 68.63 31.67
N LEU E 209 34.42 69.29 32.30
CA LEU E 209 34.02 70.64 31.88
C LEU E 209 33.25 71.36 32.99
N SER E 210 33.08 72.68 32.83
CA SER E 210 32.34 73.50 33.79
C SER E 210 31.31 74.38 33.06
N GLU F 1 25.91 26.39 -4.04
CA GLU F 1 25.92 26.45 -2.58
C GLU F 1 24.56 26.80 -1.98
N VAL F 2 24.40 26.47 -0.70
CA VAL F 2 23.18 26.73 0.04
C VAL F 2 23.03 28.23 0.32
N GLN F 3 21.80 28.74 0.19
CA GLN F 3 21.51 30.14 0.46
C GLN F 3 20.14 30.25 1.10
N LEU F 4 20.01 31.21 2.01
CA LEU F 4 18.78 31.48 2.71
C LEU F 4 18.53 32.98 2.59
N GLN F 5 17.77 33.39 1.58
CA GLN F 5 17.46 34.81 1.32
C GLN F 5 16.16 35.20 2.03
N GLN F 6 16.25 36.15 2.96
CA GLN F 6 15.09 36.61 3.71
C GLN F 6 14.52 37.88 3.08
N SER F 7 13.27 38.20 3.42
CA SER F 7 12.61 39.37 2.88
C SER F 7 13.08 40.69 3.52
N GLY F 8 12.81 41.79 2.83
CA GLY F 8 13.22 43.11 3.27
C GLY F 8 12.66 43.71 4.56
N PRO F 9 13.29 44.80 5.04
CA PRO F 9 12.91 45.51 6.25
C PRO F 9 11.43 45.84 6.35
N GLU F 10 10.98 46.05 7.58
CA GLU F 10 9.60 46.33 7.88
C GLU F 10 9.52 47.48 8.88
N LEU F 11 8.49 48.31 8.75
CA LEU F 11 8.24 49.44 9.66
C LEU F 11 6.74 49.51 9.82
N VAL F 12 6.27 49.25 11.04
CA VAL F 12 4.83 49.23 11.33
C VAL F 12 4.50 49.70 12.74
N LYS F 13 3.22 49.99 12.97
CA LYS F 13 2.76 50.46 14.27
C LYS F 13 2.37 49.30 15.18
N PRO F 14 2.25 49.56 16.50
CA PRO F 14 1.88 48.51 17.46
C PRO F 14 0.54 47.96 17.10
N GLY F 15 0.34 46.68 17.40
CA GLY F 15 -0.93 46.04 17.09
C GLY F 15 -0.96 45.39 15.72
N ALA F 16 -0.09 45.86 14.82
CA ALA F 16 0.00 45.31 13.47
C ALA F 16 0.55 43.87 13.49
N SER F 17 0.78 43.34 12.29
CA SER F 17 1.31 41.99 12.14
C SER F 17 2.25 41.95 10.96
N VAL F 18 3.19 41.01 10.99
CA VAL F 18 4.17 40.90 9.92
C VAL F 18 4.48 39.44 9.63
N LYS F 19 4.71 39.15 8.36
CA LYS F 19 5.01 37.79 7.94
C LYS F 19 6.28 37.82 7.11
N ILE F 20 7.36 37.31 7.72
CA ILE F 20 8.67 37.26 7.09
C ILE F 20 8.86 35.93 6.35
N SER F 21 9.57 35.98 5.25
CA SER F 21 9.81 34.80 4.46
C SER F 21 11.31 34.54 4.38
N CYS F 22 11.67 33.29 4.08
CA CYS F 22 13.07 32.85 3.97
C CYS F 22 13.09 31.86 2.82
N LYS F 23 13.68 32.28 1.72
CA LYS F 23 13.76 31.44 0.56
C LYS F 23 15.01 30.59 0.61
N ALA F 24 14.83 29.31 0.96
CA ALA F 24 15.94 28.37 1.05
C ALA F 24 16.20 27.70 -0.29
N SER F 25 17.43 27.80 -0.79
CA SER F 25 17.78 27.18 -2.05
C SER F 25 19.19 26.60 -2.01
N GLY F 26 19.49 25.70 -2.95
CA GLY F 26 20.81 25.11 -3.01
C GLY F 26 20.94 23.77 -2.31
N TYR F 27 19.82 23.23 -1.86
CA TYR F 27 19.81 21.94 -1.19
C TYR F 27 18.39 21.37 -1.08
N SER F 28 18.29 20.14 -0.58
CA SER F 28 16.99 19.50 -0.40
C SER F 28 16.28 20.09 0.81
N PHE F 29 15.22 20.83 0.53
CA PHE F 29 14.42 21.54 1.52
C PHE F 29 13.90 20.77 2.72
N THR F 30 13.39 19.58 2.49
CA THR F 30 12.80 18.78 3.56
C THR F 30 13.80 18.03 4.44
N GLY F 31 15.09 18.16 4.14
CA GLY F 31 16.11 17.44 4.91
C GLY F 31 16.95 18.19 5.93
N HIS F 32 16.49 19.34 6.40
CA HIS F 32 17.20 20.11 7.41
C HIS F 32 16.14 20.91 8.16
N LEU F 33 16.37 21.17 9.44
CA LEU F 33 15.43 21.95 10.20
C LEU F 33 15.64 23.43 9.86
N LEU F 34 14.62 24.24 10.10
CA LEU F 34 14.73 25.68 9.88
C LEU F 34 14.28 26.32 11.17
N ASN F 35 15.18 27.09 11.75
CA ASN F 35 14.92 27.78 13.00
C ASN F 35 14.70 29.26 12.73
N TRP F 36 14.08 29.93 13.70
CA TRP F 36 13.85 31.37 13.63
C TRP F 36 14.43 31.95 14.90
N VAL F 37 15.34 32.90 14.72
CA VAL F 37 16.04 33.56 15.83
C VAL F 37 15.80 35.07 15.85
N LYS F 38 15.66 35.60 17.05
CA LYS F 38 15.43 37.02 17.28
C LYS F 38 16.64 37.71 17.92
N GLN F 39 17.16 38.74 17.24
CA GLN F 39 18.30 39.54 17.73
C GLN F 39 17.84 40.93 18.13
N SER F 40 17.90 41.20 19.43
CA SER F 40 17.50 42.48 20.01
C SER F 40 18.69 43.42 20.23
N HIS F 41 18.56 44.67 19.78
CA HIS F 41 19.59 45.70 19.96
C HIS F 41 20.87 45.55 19.16
N GLY F 42 21.08 44.42 18.50
CA GLY F 42 22.29 44.23 17.73
C GLY F 42 23.18 43.14 18.33
N LYS F 43 22.84 42.72 19.55
CA LYS F 43 23.53 41.68 20.28
C LYS F 43 22.41 40.86 20.93
N ASN F 44 22.72 39.87 21.75
CA ASN F 44 21.70 39.05 22.42
C ASN F 44 20.72 38.36 21.46
N LEU F 45 20.83 37.04 21.38
CA LEU F 45 20.01 36.22 20.52
C LEU F 45 18.96 35.45 21.30
N GLU F 46 17.83 35.17 20.65
CA GLU F 46 16.73 34.43 21.27
C GLU F 46 16.13 33.48 20.23
N TRP F 47 15.93 32.22 20.61
CA TRP F 47 15.36 31.22 19.71
C TRP F 47 13.83 31.28 19.79
N ILE F 48 13.17 31.43 18.65
CA ILE F 48 11.71 31.51 18.62
C ILE F 48 11.06 30.13 18.51
N GLY F 49 11.54 29.36 17.53
CA GLY F 49 11.02 28.03 17.33
C GLY F 49 11.68 27.36 16.13
N LEU F 50 11.29 26.12 15.88
CA LEU F 50 11.84 25.38 14.75
C LEU F 50 10.69 24.82 13.94
N VAL F 51 11.00 24.48 12.71
CA VAL F 51 10.03 23.84 11.83
C VAL F 51 10.73 22.77 11.00
N HIS F 52 10.08 21.63 10.86
CA HIS F 52 10.60 20.52 10.05
C HIS F 52 9.85 20.73 8.74
N PRO F 53 10.56 21.12 7.68
CA PRO F 53 9.94 21.36 6.37
C PRO F 53 9.27 20.20 5.67
N HIS F 54 9.56 18.96 6.07
CA HIS F 54 8.94 17.82 5.41
C HIS F 54 7.44 17.74 5.69
N ASN F 55 6.99 18.29 6.80
CA ASN F 55 5.57 18.19 7.12
C ASN F 55 5.06 19.31 8.04
N GLY F 56 5.87 20.35 8.19
CA GLY F 56 5.52 21.49 9.02
C GLY F 56 5.40 21.25 10.50
N ALA F 57 6.05 20.21 11.03
CA ALA F 57 5.98 19.97 12.48
C ALA F 57 6.75 21.12 13.14
N ILE F 58 6.20 21.66 14.23
CA ILE F 58 6.83 22.79 14.88
C ILE F 58 7.04 22.63 16.38
N THR F 59 8.05 23.35 16.88
CA THR F 59 8.36 23.38 18.28
C THR F 59 8.62 24.87 18.53
N TYR F 60 7.80 25.45 19.41
CA TYR F 60 7.89 26.86 19.77
C TYR F 60 8.50 27.05 21.14
N ASN F 61 9.22 28.15 21.29
CA ASN F 61 9.77 28.53 22.59
C ASN F 61 8.49 29.04 23.26
N GLN F 62 8.24 28.65 24.50
CA GLN F 62 7.02 29.10 25.18
C GLN F 62 6.89 30.61 25.33
N LYS F 63 8.01 31.35 25.34
CA LYS F 63 7.97 32.81 25.45
C LYS F 63 7.31 33.45 24.21
N PHE F 64 7.32 32.73 23.09
CA PHE F 64 6.73 33.24 21.85
C PHE F 64 5.54 32.41 21.33
N LYS F 65 5.02 31.46 22.12
CA LYS F 65 3.92 30.61 21.65
C LYS F 65 2.72 31.37 21.11
N ASP F 66 2.46 32.57 21.63
CA ASP F 66 1.33 33.32 21.15
C ASP F 66 1.67 34.48 20.23
N LYS F 67 2.96 34.72 20.01
CA LYS F 67 3.36 35.82 19.15
C LYS F 67 3.74 35.37 17.75
N ALA F 68 4.51 34.30 17.65
CA ALA F 68 4.94 33.80 16.35
C ALA F 68 4.13 32.61 15.87
N THR F 69 4.13 32.43 14.55
CA THR F 69 3.44 31.32 13.93
C THR F 69 4.36 30.88 12.80
N LEU F 70 4.94 29.69 12.97
CA LEU F 70 5.88 29.14 12.00
C LEU F 70 5.16 28.36 10.94
N THR F 71 5.55 28.62 9.70
CA THR F 71 4.90 27.99 8.58
C THR F 71 5.91 27.74 7.46
N VAL F 72 5.61 26.77 6.61
CA VAL F 72 6.50 26.43 5.51
C VAL F 72 5.65 26.13 4.26
N ASP F 73 6.26 26.28 3.09
CA ASP F 73 5.60 26.05 1.81
C ASP F 73 6.61 25.31 0.93
N ARG F 74 6.35 24.03 0.68
CA ARG F 74 7.25 23.17 -0.07
C ARG F 74 7.36 23.38 -1.59
N SER F 75 6.31 23.90 -2.21
CA SER F 75 6.36 24.12 -3.66
C SER F 75 7.39 25.17 -4.05
N SER F 76 7.60 26.15 -3.17
CA SER F 76 8.59 27.22 -3.43
C SER F 76 9.78 27.20 -2.44
N THR F 77 9.87 26.13 -1.64
CA THR F 77 10.93 25.93 -0.66
C THR F 77 11.19 27.19 0.17
N THR F 78 10.14 27.72 0.79
CA THR F 78 10.23 28.94 1.59
C THR F 78 9.66 28.72 2.97
N ALA F 79 10.28 29.34 3.97
CA ALA F 79 9.82 29.23 5.35
C ALA F 79 9.26 30.60 5.70
N TYR F 80 8.30 30.65 6.63
CA TYR F 80 7.71 31.93 7.02
C TYR F 80 7.50 31.99 8.52
N ILE F 81 7.54 33.20 9.06
CA ILE F 81 7.25 33.44 10.47
C ILE F 81 6.34 34.68 10.49
N GLU F 82 5.16 34.50 11.07
CA GLU F 82 4.22 35.59 11.16
C GLU F 82 4.17 36.05 12.61
N LEU F 83 4.52 37.31 12.83
CA LEU F 83 4.48 37.92 14.16
C LEU F 83 3.19 38.75 14.24
N VAL F 84 2.43 38.58 15.31
CA VAL F 84 1.18 39.31 15.47
C VAL F 84 1.13 40.13 16.77
N ARG F 85 0.15 41.03 16.87
CA ARG F 85 -0.01 41.89 18.05
C ARG F 85 1.30 42.58 18.46
N LEU F 86 2.01 43.08 17.46
CA LEU F 86 3.30 43.74 17.67
C LEU F 86 3.31 44.93 18.62
N THR F 87 4.34 44.98 19.46
CA THR F 87 4.56 46.07 20.39
C THR F 87 5.98 46.53 20.09
N SER F 88 6.43 47.61 20.73
CA SER F 88 7.79 48.10 20.48
C SER F 88 8.81 47.03 20.90
N ASN F 89 8.42 46.17 21.84
CA ASN F 89 9.28 45.09 22.34
C ASN F 89 9.63 44.07 21.25
N ASP F 90 8.92 44.10 20.11
CA ASP F 90 9.18 43.17 19.02
C ASP F 90 10.09 43.70 17.95
N SER F 91 10.56 44.94 18.12
CA SER F 91 11.48 45.53 17.14
C SER F 91 12.79 44.80 17.38
N ALA F 92 13.32 44.18 16.33
CA ALA F 92 14.55 43.41 16.39
C ALA F 92 14.82 42.85 15.02
N VAL F 93 15.98 42.25 14.81
CA VAL F 93 16.29 41.63 13.52
C VAL F 93 15.98 40.15 13.64
N TYR F 94 15.26 39.59 12.67
CA TYR F 94 14.89 38.18 12.72
C TYR F 94 15.67 37.38 11.72
N TYR F 95 16.21 36.26 12.19
CA TYR F 95 17.00 35.38 11.34
C TYR F 95 16.39 34.01 11.23
N CYS F 96 16.61 33.42 10.07
CA CYS F 96 16.14 32.08 9.73
C CYS F 96 17.46 31.29 9.70
N ALA F 97 17.48 30.12 10.32
CA ALA F 97 18.72 29.33 10.37
C ALA F 97 18.55 27.85 10.18
N ARG F 98 19.30 27.32 9.22
CA ARG F 98 19.27 25.91 8.88
C ARG F 98 19.99 25.03 9.93
N GLU F 99 19.45 23.85 10.20
CA GLU F 99 20.04 22.96 11.18
C GLU F 99 20.04 21.53 10.69
N ASP F 100 21.22 20.93 10.64
CA ASP F 100 21.39 19.55 10.21
C ASP F 100 21.00 18.58 11.33
N PHE F 101 20.50 17.42 10.95
CA PHE F 101 20.15 16.47 11.96
C PHE F 101 20.64 15.09 11.62
N ARG F 102 21.65 15.03 10.75
CA ARG F 102 22.25 13.77 10.32
C ARG F 102 23.58 13.38 10.97
N TYR F 103 24.50 14.34 11.13
CA TYR F 103 25.81 14.05 11.72
C TYR F 103 26.59 15.18 12.40
N HIS F 104 26.37 16.42 11.97
CA HIS F 104 27.02 17.58 12.56
C HIS F 104 25.78 18.41 12.86
N TYR F 105 25.31 18.33 14.09
CA TYR F 105 24.05 19.01 14.41
C TYR F 105 24.15 20.52 14.56
N SER F 106 24.80 21.10 13.56
CA SER F 106 25.06 22.52 13.48
C SER F 106 24.05 23.42 12.79
N MET F 107 23.98 24.66 13.26
CA MET F 107 23.14 25.67 12.65
C MET F 107 24.13 26.29 11.66
N ASP F 108 24.27 25.65 10.51
CA ASP F 108 25.25 26.06 9.51
C ASP F 108 25.00 27.30 8.68
N TYR F 109 23.92 27.29 7.89
CA TYR F 109 23.60 28.44 7.06
C TYR F 109 22.53 29.32 7.65
N TRP F 110 22.83 30.62 7.71
CA TRP F 110 21.92 31.62 8.26
C TRP F 110 21.52 32.61 7.17
N GLY F 111 20.27 33.10 7.26
CA GLY F 111 19.79 34.07 6.30
C GLY F 111 20.39 35.40 6.72
N GLN F 112 20.40 36.41 5.83
CA GLN F 112 20.97 37.69 6.20
C GLN F 112 20.17 38.45 7.26
N GLY F 113 18.97 37.95 7.59
CA GLY F 113 18.12 38.58 8.60
C GLY F 113 17.13 39.62 8.09
N THR F 114 16.07 39.85 8.86
CA THR F 114 15.03 40.82 8.49
C THR F 114 14.77 41.76 9.66
N SER F 115 14.99 43.05 9.42
CA SER F 115 14.79 44.06 10.45
C SER F 115 13.34 44.47 10.63
N VAL F 116 12.85 44.34 11.85
CA VAL F 116 11.48 44.73 12.15
C VAL F 116 11.49 45.88 13.14
N THR F 117 10.83 46.96 12.76
CA THR F 117 10.73 48.13 13.62
C THR F 117 9.26 48.37 13.88
N VAL F 118 8.90 48.34 15.17
CA VAL F 118 7.56 48.55 15.66
C VAL F 118 7.54 49.80 16.55
N SER F 119 6.91 50.86 16.06
CA SER F 119 6.81 52.13 16.80
C SER F 119 5.52 52.89 16.47
N SER F 120 5.05 53.67 17.45
CA SER F 120 3.85 54.49 17.28
C SER F 120 4.27 55.92 16.92
N ALA F 121 5.53 56.08 16.58
CA ALA F 121 6.09 57.37 16.24
C ALA F 121 5.69 57.82 14.85
N LYS F 122 5.53 59.14 14.69
CA LYS F 122 5.17 59.71 13.40
C LYS F 122 6.43 60.32 12.80
N THR F 123 6.43 60.54 11.48
CA THR F 123 7.59 61.13 10.85
C THR F 123 7.88 62.51 11.45
N THR F 124 9.02 62.67 12.09
CA THR F 124 9.39 63.95 12.68
C THR F 124 10.85 64.28 12.37
N PRO F 125 11.09 65.52 11.92
CA PRO F 125 12.45 65.97 11.58
C PRO F 125 13.27 66.19 12.85
N PRO F 126 14.60 66.14 12.73
CA PRO F 126 15.44 66.36 13.91
C PRO F 126 15.69 67.82 14.22
N SER F 127 16.05 68.10 15.47
CA SER F 127 16.45 69.44 15.88
C SER F 127 17.96 69.23 15.93
N VAL F 128 18.71 70.12 15.27
CA VAL F 128 20.15 70.01 15.21
C VAL F 128 20.81 71.02 16.13
N TYR F 129 21.61 70.53 17.08
CA TYR F 129 22.29 71.37 18.05
C TYR F 129 23.81 71.31 17.91
N PRO F 130 24.47 72.46 17.99
CA PRO F 130 25.93 72.48 17.84
C PRO F 130 26.67 71.94 19.06
N LEU F 131 27.75 71.22 18.78
CA LEU F 131 28.60 70.65 19.80
C LEU F 131 29.91 71.40 19.65
N ALA F 132 30.10 72.37 20.53
CA ALA F 132 31.29 73.20 20.57
C ALA F 132 31.95 73.01 21.92
N PRO F 133 33.29 73.05 21.96
CA PRO F 133 34.07 72.87 23.19
C PRO F 133 34.32 74.16 23.93
N VAL F 134 34.49 74.07 25.24
CA VAL F 134 34.85 75.24 26.05
C VAL F 134 35.44 74.83 27.39
N CYS F 135 36.43 73.93 27.31
CA CYS F 135 37.13 73.45 28.49
C CYS F 135 38.17 74.53 28.85
N GLY F 136 38.42 75.42 27.89
CA GLY F 136 39.37 76.49 28.09
C GLY F 136 39.94 76.96 26.77
N ASP F 137 41.24 76.73 26.60
CA ASP F 137 41.98 77.12 25.39
C ASP F 137 42.31 75.89 24.52
N THR F 138 43.23 76.10 23.57
CA THR F 138 43.67 75.01 22.70
C THR F 138 44.76 74.16 23.39
N THR F 139 44.39 72.93 23.74
CA THR F 139 45.26 71.95 24.39
C THR F 139 46.01 71.11 23.34
N GLY F 140 45.85 71.51 22.08
CA GLY F 140 46.49 70.83 20.96
C GLY F 140 46.29 71.69 19.72
N SER F 141 46.94 71.32 18.63
CA SER F 141 46.79 72.07 17.39
C SER F 141 45.49 71.66 16.69
N SER F 142 44.81 70.67 17.25
CA SER F 142 43.57 70.17 16.71
C SER F 142 42.38 70.49 17.62
N VAL F 143 41.20 70.66 17.02
CA VAL F 143 39.96 70.94 17.75
C VAL F 143 38.83 70.10 17.15
N THR F 144 38.00 69.54 18.02
CA THR F 144 36.91 68.69 17.59
C THR F 144 35.56 69.34 17.84
N LEU F 145 34.78 69.48 16.77
CA LEU F 145 33.44 70.08 16.82
C LEU F 145 32.45 69.02 16.39
N GLY F 146 31.18 69.21 16.71
CA GLY F 146 30.16 68.26 16.31
C GLY F 146 28.75 68.85 16.26
N CYS F 147 27.77 68.03 15.91
N CYS F 147 27.79 67.99 15.92
CA CYS F 147 26.37 68.48 15.88
CA CYS F 147 26.38 68.35 15.80
C CYS F 147 25.47 67.34 16.31
C CYS F 147 25.52 67.26 16.38
N LEU F 148 24.65 67.63 17.31
CA LEU F 148 23.73 66.69 17.91
C LEU F 148 22.44 66.68 17.07
N VAL F 149 22.20 65.58 16.36
CA VAL F 149 20.99 65.47 15.55
C VAL F 149 19.99 64.75 16.44
N LYS F 150 19.13 65.54 17.06
CA LYS F 150 18.18 65.04 18.05
C LYS F 150 16.68 64.94 17.73
N GLY F 151 16.10 63.82 18.16
CA GLY F 151 14.68 63.57 18.02
C GLY F 151 14.08 63.44 16.64
N TYR F 152 14.56 62.49 15.83
CA TYR F 152 13.99 62.32 14.50
C TYR F 152 13.38 60.96 14.31
N PHE F 153 12.61 60.82 13.25
CA PHE F 153 11.96 59.55 12.90
C PHE F 153 11.40 59.60 11.49
N PRO F 154 11.62 58.54 10.70
CA PRO F 154 12.37 57.35 11.13
C PRO F 154 13.82 57.49 10.70
N GLU F 155 14.57 56.41 10.82
CA GLU F 155 15.96 56.42 10.38
C GLU F 155 15.91 56.39 8.87
N PRO F 156 16.94 56.93 8.19
CA PRO F 156 18.15 57.55 8.77
C PRO F 156 18.23 59.08 8.55
N VAL F 157 19.43 59.62 8.72
CA VAL F 157 19.74 61.03 8.51
C VAL F 157 21.14 60.97 7.98
N THR F 158 21.51 61.91 7.12
CA THR F 158 22.87 61.92 6.61
C THR F 158 23.51 63.15 7.22
N LEU F 159 24.83 63.23 7.15
CA LEU F 159 25.50 64.36 7.73
C LEU F 159 26.83 64.64 7.04
N THR F 160 27.04 65.89 6.63
CA THR F 160 28.30 66.26 5.99
C THR F 160 28.84 67.53 6.63
N TRP F 161 30.06 67.88 6.27
CA TRP F 161 30.68 69.04 6.84
C TRP F 161 31.20 69.98 5.77
N ASN F 162 30.76 71.24 5.86
CA ASN F 162 31.11 72.27 4.89
C ASN F 162 30.75 71.75 3.49
N SER F 163 29.53 71.22 3.41
CA SER F 163 28.95 70.69 2.19
C SER F 163 29.73 69.55 1.55
N GLY F 164 30.67 68.98 2.30
CA GLY F 164 31.47 67.88 1.79
C GLY F 164 32.93 68.25 1.72
N SER F 165 33.24 69.53 1.89
CA SER F 165 34.63 70.02 1.85
C SER F 165 35.49 69.35 2.90
N LEU F 166 35.00 69.27 4.14
CA LEU F 166 35.75 68.63 5.19
C LEU F 166 35.28 67.18 5.19
N SER F 167 36.12 66.29 4.67
CA SER F 167 35.79 64.86 4.58
C SER F 167 36.66 64.01 5.52
N SER F 168 37.87 64.50 5.78
CA SER F 168 38.79 63.82 6.66
C SER F 168 38.51 64.18 8.11
N GLY F 169 38.68 63.21 9.02
CA GLY F 169 38.46 63.45 10.43
C GLY F 169 36.99 63.58 10.80
N VAL F 170 36.15 62.94 10.00
CA VAL F 170 34.72 62.97 10.25
C VAL F 170 34.26 61.64 10.80
N HIS F 171 33.52 61.68 11.90
CA HIS F 171 32.96 60.48 12.53
C HIS F 171 31.46 60.69 12.77
N THR F 172 30.65 59.80 12.24
CA THR F 172 29.20 59.88 12.44
C THR F 172 28.82 58.59 13.17
N PHE F 173 28.43 58.76 14.41
CA PHE F 173 28.07 57.67 15.30
C PHE F 173 26.69 57.04 15.10
N PRO F 174 26.47 55.85 15.69
CA PRO F 174 25.17 55.17 15.54
C PRO F 174 24.10 55.87 16.35
N ALA F 175 22.86 55.66 15.96
CA ALA F 175 21.75 56.27 16.65
C ALA F 175 21.34 55.51 17.88
N VAL F 176 20.86 56.25 18.88
CA VAL F 176 20.33 55.67 20.10
C VAL F 176 18.85 56.05 20.14
N LEU F 177 18.04 55.26 20.84
CA LEU F 177 16.62 55.52 20.91
C LEU F 177 16.25 56.18 22.23
N GLN F 178 15.95 57.48 22.18
CA GLN F 178 15.54 58.26 23.35
C GLN F 178 14.05 58.50 23.27
N SER F 179 13.31 57.88 24.17
CA SER F 179 11.87 58.01 24.25
C SER F 179 11.17 58.05 22.90
N ASP F 180 11.23 56.91 22.20
CA ASP F 180 10.58 56.72 20.90
C ASP F 180 11.17 57.43 19.68
N LEU F 181 12.10 58.37 19.90
CA LEU F 181 12.73 59.09 18.79
C LEU F 181 14.23 58.78 18.74
N TYR F 182 14.84 58.98 17.58
CA TYR F 182 16.24 58.68 17.42
C TYR F 182 17.13 59.90 17.57
N THR F 183 18.34 59.68 18.08
CA THR F 183 19.35 60.72 18.25
C THR F 183 20.69 60.12 17.79
N LEU F 184 21.54 60.97 17.26
CA LEU F 184 22.83 60.56 16.74
C LEU F 184 23.74 61.77 16.80
N SER F 185 25.03 61.55 16.62
CA SER F 185 25.97 62.65 16.64
C SER F 185 27.05 62.44 15.61
N SER F 186 27.57 63.55 15.11
CA SER F 186 28.64 63.52 14.15
C SER F 186 29.65 64.54 14.65
N SER F 187 30.92 64.32 14.33
CA SER F 187 31.96 65.24 14.72
C SER F 187 32.97 65.37 13.60
N VAL F 188 33.75 66.43 13.67
CA VAL F 188 34.80 66.69 12.70
C VAL F 188 35.96 67.26 13.47
N THR F 189 37.17 66.84 13.13
CA THR F 189 38.35 67.35 13.80
C THR F 189 39.14 68.16 12.80
N VAL F 190 39.32 69.45 13.09
CA VAL F 190 40.05 70.36 12.22
C VAL F 190 41.17 71.08 12.97
N THR F 191 42.09 71.68 12.22
CA THR F 191 43.19 72.40 12.84
C THR F 191 42.64 73.61 13.61
N SER F 192 43.28 73.94 14.73
CA SER F 192 42.87 75.07 15.58
C SER F 192 42.98 76.43 14.92
N SER F 193 43.88 76.57 13.96
CA SER F 193 44.04 77.82 13.24
C SER F 193 42.86 78.01 12.28
N THR F 194 42.16 76.90 12.00
CA THR F 194 40.99 76.88 11.10
C THR F 194 39.69 77.36 11.72
N TRP F 195 39.52 77.18 13.03
CA TRP F 195 38.27 77.59 13.67
C TRP F 195 38.51 78.35 14.97
N PRO F 196 37.71 79.40 15.25
CA PRO F 196 36.58 79.94 14.49
C PRO F 196 36.93 80.99 13.45
N SER F 197 38.18 81.05 13.01
CA SER F 197 38.57 82.04 12.00
C SER F 197 37.92 81.67 10.66
N GLN F 198 37.83 80.36 10.41
CA GLN F 198 37.25 79.79 9.20
C GLN F 198 36.02 79.02 9.69
N SER F 199 34.88 79.22 9.02
CA SER F 199 33.63 78.57 9.42
C SER F 199 33.53 77.06 9.18
N VAL F 200 32.83 76.39 10.10
CA VAL F 200 32.58 74.94 10.04
C VAL F 200 31.07 74.80 10.19
N THR F 201 30.45 74.08 9.25
CA THR F 201 29.00 73.93 9.23
C THR F 201 28.57 72.50 8.97
N CYS F 202 27.64 72.00 9.80
N CYS F 202 27.69 71.97 9.81
CA CYS F 202 27.11 70.64 9.70
CA CYS F 202 27.22 70.61 9.56
C CYS F 202 25.84 70.60 8.83
C CYS F 202 25.96 70.70 8.72
N ASN F 203 25.84 69.76 7.79
CA ASN F 203 24.68 69.67 6.88
C ASN F 203 23.89 68.40 7.15
N VAL F 204 22.77 68.54 7.85
CA VAL F 204 21.93 67.40 8.18
C VAL F 204 20.75 67.27 7.21
N ALA F 205 20.45 66.05 6.82
CA ALA F 205 19.34 65.81 5.92
C ALA F 205 18.53 64.67 6.46
N HIS F 206 17.22 64.83 6.47
CA HIS F 206 16.32 63.80 6.94
C HIS F 206 15.35 63.47 5.82
N PRO F 207 15.75 62.59 4.90
CA PRO F 207 14.97 62.15 3.74
C PRO F 207 13.50 61.87 3.99
N ALA F 208 13.20 61.17 5.09
CA ALA F 208 11.81 60.83 5.40
C ALA F 208 10.90 62.04 5.57
N SER F 209 11.44 63.14 6.06
CA SER F 209 10.62 64.34 6.27
C SER F 209 11.00 65.43 5.30
N SER F 210 11.82 65.07 4.32
CA SER F 210 12.31 65.99 3.30
C SER F 210 12.78 67.33 3.89
N THR F 211 13.56 67.19 4.97
CA THR F 211 14.13 68.30 5.72
C THR F 211 15.67 68.37 5.59
N LYS F 212 16.22 69.58 5.55
CA LYS F 212 17.65 69.81 5.47
C LYS F 212 17.94 70.93 6.47
N VAL F 213 19.01 70.79 7.24
CA VAL F 213 19.36 71.80 8.22
C VAL F 213 20.85 72.02 8.19
N ASP F 214 21.24 73.29 8.18
CA ASP F 214 22.64 73.64 8.20
C ASP F 214 22.92 74.30 9.55
N LYS F 215 23.84 73.73 10.32
CA LYS F 215 24.16 74.33 11.62
C LYS F 215 25.60 74.79 11.68
N LYS F 216 25.77 76.10 11.77
CA LYS F 216 27.08 76.71 11.86
C LYS F 216 27.52 76.60 13.32
N ILE F 217 28.71 76.04 13.52
CA ILE F 217 29.25 75.86 14.86
C ILE F 217 30.07 77.06 15.30
N VAL F 218 29.59 77.78 16.32
CA VAL F 218 30.31 78.93 16.81
C VAL F 218 30.73 78.74 18.26
N PRO F 219 31.79 79.45 18.71
CA PRO F 219 32.35 79.40 20.06
C PRO F 219 31.34 79.75 21.15
N LYS F 220 31.41 79.03 22.27
CA LYS F 220 30.50 79.25 23.41
C LYS F 220 30.65 80.62 24.09
N GLN G 1 -33.25 -33.97 -4.39
CA GLN G 1 -31.99 -33.48 -4.93
C GLN G 1 -32.16 -32.84 -6.32
N ALA G 2 -33.36 -32.96 -6.89
CA ALA G 2 -33.71 -32.40 -8.20
C ALA G 2 -33.26 -33.23 -9.41
N VAL G 3 -34.21 -33.55 -10.28
CA VAL G 3 -33.94 -34.34 -11.47
C VAL G 3 -34.19 -33.51 -12.74
N VAL G 4 -33.26 -33.58 -13.67
CA VAL G 4 -33.34 -32.83 -14.92
C VAL G 4 -33.60 -33.84 -16.05
N THR G 5 -34.74 -33.72 -16.73
CA THR G 5 -35.09 -34.65 -17.78
C THR G 5 -35.09 -34.10 -19.21
N GLN G 6 -34.47 -34.84 -20.12
CA GLN G 6 -34.40 -34.47 -21.54
C GLN G 6 -34.98 -35.63 -22.35
N GLU G 7 -35.37 -35.35 -23.59
CA GLU G 7 -35.90 -36.37 -24.52
C GLU G 7 -34.77 -37.39 -24.73
N SER G 8 -35.05 -38.68 -24.63
CA SER G 8 -34.00 -39.67 -24.80
C SER G 8 -33.29 -39.56 -26.16
N ALA G 9 -34.08 -39.55 -27.24
CA ALA G 9 -33.50 -39.43 -28.57
C ALA G 9 -34.44 -38.66 -29.50
N LEU G 10 -33.85 -37.99 -30.49
CA LEU G 10 -34.63 -37.23 -31.48
C LEU G 10 -34.01 -37.41 -32.85
N THR G 11 -34.87 -37.54 -33.86
CA THR G 11 -34.39 -37.69 -35.21
C THR G 11 -34.87 -36.56 -36.13
N SER G 12 -33.93 -35.99 -36.89
CA SER G 12 -34.24 -34.90 -37.80
C SER G 12 -33.53 -35.10 -39.13
N SER G 13 -33.72 -34.16 -40.05
CA SER G 13 -33.10 -34.24 -41.37
C SER G 13 -32.34 -32.95 -41.64
N PRO G 14 -31.42 -32.98 -42.60
CA PRO G 14 -30.66 -31.76 -42.89
C PRO G 14 -31.62 -30.66 -43.31
N GLY G 15 -31.39 -29.47 -42.76
CA GLY G 15 -32.20 -28.30 -43.08
C GLY G 15 -33.35 -28.09 -42.15
N GLU G 16 -33.69 -29.10 -41.35
CA GLU G 16 -34.80 -28.99 -40.41
C GLU G 16 -34.48 -28.08 -39.22
N THR G 17 -35.52 -27.65 -38.50
CA THR G 17 -35.38 -26.84 -37.30
C THR G 17 -35.78 -27.78 -36.16
N VAL G 18 -34.84 -28.10 -35.28
CA VAL G 18 -35.09 -29.02 -34.16
C VAL G 18 -35.05 -28.33 -32.79
N THR G 19 -35.87 -28.81 -31.87
CA THR G 19 -35.95 -28.24 -30.56
C THR G 19 -35.80 -29.28 -29.45
N LEU G 20 -34.67 -29.18 -28.74
CA LEU G 20 -34.38 -30.06 -27.63
C LEU G 20 -34.83 -29.30 -26.40
N THR G 21 -35.42 -29.99 -25.42
CA THR G 21 -35.88 -29.32 -24.23
C THR G 21 -35.27 -29.91 -22.96
N CYS G 22 -35.33 -29.14 -21.89
CA CYS G 22 -34.75 -29.50 -20.61
C CYS G 22 -35.68 -29.10 -19.49
N ARG G 23 -36.20 -30.08 -18.76
CA ARG G 23 -37.14 -29.84 -17.69
C ARG G 23 -36.62 -30.05 -16.29
N SER G 24 -37.02 -29.15 -15.39
CA SER G 24 -36.64 -29.22 -14.00
C SER G 24 -37.79 -29.81 -13.21
N SER G 25 -37.46 -30.70 -12.28
CA SER G 25 -38.46 -31.35 -11.44
C SER G 25 -39.01 -30.46 -10.31
N THR G 26 -38.26 -29.43 -9.91
CA THR G 26 -38.66 -28.54 -8.83
C THR G 26 -39.69 -27.49 -9.23
N GLY G 27 -39.71 -27.12 -10.50
CA GLY G 27 -40.64 -26.14 -10.99
C GLY G 27 -40.15 -25.66 -12.32
N ALA G 28 -40.57 -24.46 -12.73
CA ALA G 28 -40.16 -23.90 -14.00
C ALA G 28 -38.68 -23.57 -14.03
N VAL G 29 -38.06 -23.82 -15.18
CA VAL G 29 -36.66 -23.52 -15.34
C VAL G 29 -36.58 -22.01 -15.43
N THR G 30 -35.75 -21.45 -14.57
CA THR G 30 -35.58 -20.02 -14.49
C THR G 30 -34.19 -19.56 -14.91
N THR G 31 -34.05 -18.26 -15.10
CA THR G 31 -32.80 -17.64 -15.49
C THR G 31 -31.72 -17.88 -14.41
N SER G 32 -32.17 -18.18 -13.18
CA SER G 32 -31.27 -18.46 -12.06
C SER G 32 -30.65 -19.84 -12.17
N ASN G 33 -31.23 -20.67 -13.03
CA ASN G 33 -30.73 -22.01 -13.21
C ASN G 33 -29.58 -22.05 -14.20
N TYR G 34 -29.23 -20.89 -14.75
CA TYR G 34 -28.12 -20.80 -15.66
C TYR G 34 -28.02 -21.91 -16.67
N ALA G 35 -29.17 -22.32 -17.23
CA ALA G 35 -29.23 -23.41 -18.21
C ALA G 35 -27.98 -23.42 -19.08
N ASN G 36 -27.38 -24.60 -19.19
CA ASN G 36 -26.15 -24.82 -19.94
C ASN G 36 -26.30 -26.03 -20.88
N TRP G 37 -25.96 -25.88 -22.16
CA TRP G 37 -26.06 -26.99 -23.11
C TRP G 37 -24.67 -27.39 -23.59
N VAL G 38 -24.41 -28.68 -23.56
CA VAL G 38 -23.13 -29.23 -23.97
C VAL G 38 -23.33 -30.31 -25.08
N GLN G 39 -22.46 -30.28 -26.08
CA GLN G 39 -22.52 -31.21 -27.21
C GLN G 39 -21.45 -32.31 -27.09
N GLU G 40 -21.87 -33.57 -27.02
CA GLU G 40 -20.91 -34.68 -26.94
C GLU G 40 -20.82 -35.41 -28.27
N LYS G 41 -19.71 -35.18 -28.98
CA LYS G 41 -19.48 -35.83 -30.27
C LYS G 41 -18.81 -37.18 -30.07
N PRO G 42 -18.89 -38.08 -31.06
CA PRO G 42 -18.26 -39.41 -30.94
C PRO G 42 -16.77 -39.30 -30.61
N ASP G 43 -16.31 -40.19 -29.72
CA ASP G 43 -14.94 -40.28 -29.21
C ASP G 43 -14.84 -39.40 -27.95
N HIS G 44 -15.98 -39.24 -27.29
CA HIS G 44 -16.09 -38.45 -26.07
C HIS G 44 -15.52 -37.04 -26.16
N LEU G 45 -15.96 -36.29 -27.16
CA LEU G 45 -15.51 -34.92 -27.36
C LEU G 45 -16.61 -33.91 -27.00
N PHE G 46 -16.48 -33.31 -25.81
CA PHE G 46 -17.43 -32.33 -25.33
C PHE G 46 -17.06 -30.92 -25.74
N THR G 47 -18.08 -30.15 -26.08
CA THR G 47 -17.98 -28.75 -26.53
C THR G 47 -19.24 -28.02 -26.03
N GLY G 48 -19.03 -26.90 -25.35
CA GLY G 48 -20.15 -26.11 -24.85
C GLY G 48 -20.89 -25.43 -25.99
N VAL G 49 -22.20 -25.41 -25.91
CA VAL G 49 -23.01 -24.81 -26.97
C VAL G 49 -23.60 -23.49 -26.52
N ILE G 50 -24.32 -23.56 -25.41
CA ILE G 50 -25.01 -22.45 -24.84
C ILE G 50 -24.69 -22.38 -23.38
N GLY G 51 -24.57 -21.16 -22.87
CA GLY G 51 -24.36 -20.93 -21.44
C GLY G 51 -25.25 -19.78 -21.02
N GLY G 52 -25.57 -19.69 -19.73
CA GLY G 52 -26.40 -18.60 -19.26
C GLY G 52 -27.77 -18.48 -19.91
N THR G 53 -28.44 -19.62 -20.04
CA THR G 53 -29.77 -19.74 -20.65
C THR G 53 -29.84 -19.48 -22.15
N ASN G 54 -29.24 -18.37 -22.61
CA ASN G 54 -29.35 -18.04 -24.01
C ASN G 54 -28.16 -17.42 -24.67
N ASN G 55 -26.96 -17.71 -24.17
CA ASN G 55 -25.76 -17.16 -24.77
C ASN G 55 -25.00 -18.24 -25.52
N ARG G 56 -24.78 -17.98 -26.79
CA ARG G 56 -24.03 -18.89 -27.65
C ARG G 56 -22.58 -18.71 -27.24
N ALA G 57 -21.89 -19.82 -26.99
CA ALA G 57 -20.48 -19.70 -26.60
C ALA G 57 -19.69 -19.26 -27.84
N PRO G 58 -18.60 -18.51 -27.65
CA PRO G 58 -17.79 -18.05 -28.79
C PRO G 58 -17.46 -19.19 -29.77
N GLY G 59 -17.57 -18.90 -31.07
CA GLY G 59 -17.25 -19.90 -32.09
C GLY G 59 -18.44 -20.71 -32.60
N VAL G 60 -19.46 -20.86 -31.77
CA VAL G 60 -20.64 -21.62 -32.10
C VAL G 60 -21.46 -20.95 -33.20
N PRO G 61 -21.83 -21.71 -34.26
CA PRO G 61 -22.62 -21.25 -35.40
C PRO G 61 -23.92 -20.55 -35.00
N ALA G 62 -24.32 -19.54 -35.76
CA ALA G 62 -25.53 -18.78 -35.48
C ALA G 62 -26.83 -19.60 -35.48
N ARG G 63 -26.81 -20.79 -36.09
CA ARG G 63 -28.02 -21.63 -36.13
C ARG G 63 -28.42 -22.23 -34.77
N PHE G 64 -27.50 -22.18 -33.80
CA PHE G 64 -27.76 -22.70 -32.46
C PHE G 64 -28.24 -21.55 -31.61
N SER G 65 -29.26 -21.79 -30.80
CA SER G 65 -29.78 -20.74 -29.93
C SER G 65 -30.48 -21.41 -28.77
N GLY G 66 -30.47 -20.73 -27.63
CA GLY G 66 -31.13 -21.26 -26.44
C GLY G 66 -32.14 -20.28 -25.86
N SER G 67 -33.09 -20.78 -25.10
CA SER G 67 -34.10 -19.92 -24.53
C SER G 67 -34.95 -20.66 -23.55
N LEU G 68 -35.97 -19.97 -23.05
CA LEU G 68 -36.95 -20.53 -22.15
C LEU G 68 -38.27 -20.52 -22.94
N ILE G 69 -38.85 -21.71 -23.10
CA ILE G 69 -40.12 -21.87 -23.81
C ILE G 69 -40.99 -22.59 -22.81
N GLY G 70 -42.01 -21.89 -22.31
CA GLY G 70 -42.87 -22.51 -21.32
C GLY G 70 -42.09 -22.56 -20.02
N ASP G 71 -42.17 -23.70 -19.34
CA ASP G 71 -41.49 -23.91 -18.05
C ASP G 71 -40.17 -24.67 -18.15
N LYS G 72 -39.56 -24.64 -19.34
CA LYS G 72 -38.30 -25.33 -19.52
C LYS G 72 -37.33 -24.64 -20.47
N ALA G 73 -36.05 -24.98 -20.35
CA ALA G 73 -35.03 -24.40 -21.20
C ALA G 73 -35.04 -25.17 -22.51
N ALA G 74 -34.58 -24.53 -23.58
CA ALA G 74 -34.58 -25.17 -24.89
C ALA G 74 -33.43 -24.75 -25.74
N LEU G 75 -33.02 -25.68 -26.59
CA LEU G 75 -31.93 -25.47 -27.52
C LEU G 75 -32.55 -25.71 -28.88
N THR G 76 -32.51 -24.68 -29.71
CA THR G 76 -33.08 -24.77 -31.04
C THR G 76 -31.98 -24.75 -32.07
N ILE G 77 -32.08 -25.67 -33.02
CA ILE G 77 -31.10 -25.73 -34.08
C ILE G 77 -31.88 -25.39 -35.35
N THR G 78 -31.57 -24.22 -35.92
CA THR G 78 -32.25 -23.75 -37.10
C THR G 78 -31.49 -24.05 -38.38
N GLY G 79 -31.85 -25.19 -38.98
CA GLY G 79 -31.20 -25.64 -40.19
C GLY G 79 -30.11 -26.60 -39.76
N ALA G 80 -30.52 -27.68 -39.11
CA ALA G 80 -29.61 -28.70 -38.62
C ALA G 80 -28.73 -29.27 -39.72
N GLN G 81 -27.42 -29.26 -39.51
CA GLN G 81 -26.51 -29.81 -40.50
C GLN G 81 -26.10 -31.20 -40.05
N THR G 82 -25.45 -31.96 -40.93
CA THR G 82 -25.02 -33.32 -40.58
C THR G 82 -23.99 -33.28 -39.45
N GLU G 83 -23.15 -32.25 -39.46
CA GLU G 83 -22.13 -32.08 -38.42
C GLU G 83 -22.74 -31.87 -37.03
N ASP G 84 -24.06 -31.61 -36.97
CA ASP G 84 -24.73 -31.39 -35.70
C ASP G 84 -25.20 -32.65 -35.02
N GLU G 85 -25.01 -33.81 -35.64
CA GLU G 85 -25.40 -35.08 -35.04
C GLU G 85 -24.53 -35.25 -33.80
N ALA G 86 -25.15 -35.48 -32.65
CA ALA G 86 -24.43 -35.61 -31.39
C ALA G 86 -25.39 -35.88 -30.24
N ILE G 87 -24.82 -35.96 -29.05
CA ILE G 87 -25.60 -36.10 -27.84
C ILE G 87 -25.56 -34.71 -27.18
N TYR G 88 -26.71 -34.16 -26.84
CA TYR G 88 -26.76 -32.84 -26.21
C TYR G 88 -27.18 -32.95 -24.77
N PHE G 89 -26.31 -32.49 -23.87
CA PHE G 89 -26.59 -32.51 -22.45
C PHE G 89 -26.99 -31.13 -21.97
N CYS G 90 -27.98 -31.12 -21.09
CA CYS G 90 -28.47 -29.90 -20.46
C CYS G 90 -28.00 -29.95 -19.02
N ALA G 91 -27.74 -28.78 -18.45
CA ALA G 91 -27.29 -28.65 -17.07
C ALA G 91 -27.94 -27.42 -16.42
N LEU G 92 -28.50 -27.60 -15.23
CA LEU G 92 -29.15 -26.51 -14.49
C LEU G 92 -28.48 -26.32 -13.13
N TRP G 93 -28.31 -25.06 -12.75
CA TRP G 93 -27.69 -24.67 -11.49
C TRP G 93 -28.74 -24.42 -10.41
N TYR G 94 -28.58 -25.06 -9.26
CA TYR G 94 -29.52 -24.86 -8.17
C TYR G 94 -28.81 -24.30 -6.94
N SER G 95 -28.51 -22.99 -7.00
CA SER G 95 -27.85 -22.25 -5.92
C SER G 95 -26.38 -22.55 -5.64
N ASN G 96 -26.06 -23.83 -5.40
CA ASN G 96 -24.70 -24.24 -5.07
C ASN G 96 -24.19 -25.48 -5.80
N HIS G 97 -24.93 -25.98 -6.79
CA HIS G 97 -24.51 -27.17 -7.51
C HIS G 97 -25.19 -27.33 -8.87
N TRP G 98 -24.56 -28.13 -9.72
CA TRP G 98 -25.10 -28.41 -11.04
C TRP G 98 -25.70 -29.80 -11.07
N VAL G 99 -26.77 -29.97 -11.83
CA VAL G 99 -27.40 -31.29 -12.02
C VAL G 99 -27.59 -31.42 -13.54
N PHE G 100 -27.12 -32.53 -14.10
CA PHE G 100 -27.25 -32.76 -15.53
C PHE G 100 -28.48 -33.55 -15.93
N GLY G 101 -28.95 -33.31 -17.15
CA GLY G 101 -30.08 -34.07 -17.64
C GLY G 101 -29.47 -35.32 -18.27
N GLY G 102 -30.30 -36.30 -18.59
CA GLY G 102 -29.81 -37.54 -19.18
C GLY G 102 -29.23 -37.44 -20.59
N GLY G 103 -29.31 -36.27 -21.21
CA GLY G 103 -28.80 -36.12 -22.56
C GLY G 103 -29.78 -36.58 -23.65
N THR G 104 -29.66 -35.96 -24.82
CA THR G 104 -30.52 -36.28 -25.94
C THR G 104 -29.66 -36.65 -27.12
N LYS G 105 -29.84 -37.84 -27.67
CA LYS G 105 -29.05 -38.23 -28.84
C LYS G 105 -29.80 -37.69 -30.03
N LEU G 106 -29.17 -36.75 -30.73
CA LEU G 106 -29.79 -36.18 -31.90
C LEU G 106 -29.21 -36.77 -33.17
N THR G 107 -30.06 -37.37 -34.01
CA THR G 107 -29.56 -37.88 -35.26
C THR G 107 -29.99 -36.95 -36.41
N VAL G 108 -29.02 -36.65 -37.27
CA VAL G 108 -29.26 -35.84 -38.45
C VAL G 108 -29.09 -36.82 -39.62
N LEU G 109 -30.23 -37.35 -40.07
CA LEU G 109 -30.33 -38.33 -41.16
C LEU G 109 -29.45 -38.13 -42.38
N GLY G 110 -28.49 -39.03 -42.57
CA GLY G 110 -27.59 -38.97 -43.71
C GLY G 110 -27.64 -40.21 -44.60
N GLN G 111 -28.59 -41.11 -44.32
CA GLN G 111 -28.78 -42.35 -45.07
C GLN G 111 -30.17 -42.96 -44.80
N PRO G 112 -30.62 -43.90 -45.64
CA PRO G 112 -31.94 -44.48 -45.41
C PRO G 112 -32.02 -45.21 -44.10
N LYS G 113 -33.24 -45.30 -43.55
CA LYS G 113 -33.48 -46.01 -42.30
C LYS G 113 -33.10 -47.47 -42.54
N SER G 114 -32.73 -48.16 -41.47
CA SER G 114 -32.35 -49.55 -41.58
C SER G 114 -32.79 -50.34 -40.35
N SER G 115 -33.53 -51.41 -40.58
CA SER G 115 -33.96 -52.25 -39.47
C SER G 115 -32.81 -53.17 -39.05
N PRO G 116 -32.79 -53.54 -37.77
CA PRO G 116 -31.76 -54.40 -37.20
C PRO G 116 -31.80 -55.87 -37.63
N SER G 117 -30.62 -56.40 -37.99
CA SER G 117 -30.46 -57.83 -38.30
C SER G 117 -30.15 -58.42 -36.90
N VAL G 118 -31.04 -59.29 -36.45
CA VAL G 118 -30.96 -59.92 -35.13
C VAL G 118 -30.54 -61.40 -35.22
N ASN G 119 -29.61 -61.83 -34.37
CA ASN G 119 -29.19 -63.23 -34.34
C ASN G 119 -29.09 -63.63 -32.89
N LEU G 120 -29.79 -64.70 -32.53
CA LEU G 120 -29.78 -65.19 -31.16
C LEU G 120 -28.99 -66.48 -31.09
N PHE G 121 -28.11 -66.57 -30.11
CA PHE G 121 -27.28 -67.77 -29.95
C PHE G 121 -27.56 -68.54 -28.68
N PRO G 122 -27.65 -69.87 -28.80
CA PRO G 122 -27.90 -70.67 -27.61
C PRO G 122 -26.59 -70.88 -26.84
N PRO G 123 -26.67 -71.27 -25.56
CA PRO G 123 -25.46 -71.50 -24.74
C PRO G 123 -24.76 -72.73 -25.31
N SER G 124 -23.43 -72.72 -25.34
CA SER G 124 -22.65 -73.87 -25.85
C SER G 124 -22.56 -75.00 -24.82
N SER G 125 -22.37 -76.23 -25.28
CA SER G 125 -22.25 -77.36 -24.36
C SER G 125 -21.05 -77.15 -23.48
N GLU G 126 -19.99 -76.55 -24.05
CA GLU G 126 -18.79 -76.28 -23.30
C GLU G 126 -19.08 -75.41 -22.07
N GLU G 127 -19.76 -74.28 -22.28
CA GLU G 127 -20.08 -73.39 -21.18
C GLU G 127 -21.02 -74.03 -20.16
N LEU G 128 -21.97 -74.85 -20.63
CA LEU G 128 -22.88 -75.50 -19.71
C LEU G 128 -22.13 -76.36 -18.71
N LYS G 129 -20.96 -76.87 -19.12
CA LYS G 129 -20.16 -77.68 -18.23
C LYS G 129 -19.75 -76.88 -16.99
N THR G 130 -19.67 -75.55 -17.12
CA THR G 130 -19.30 -74.70 -15.99
C THR G 130 -20.52 -74.42 -15.13
N LYS G 131 -21.65 -75.02 -15.50
CA LYS G 131 -22.91 -74.86 -14.77
C LYS G 131 -23.42 -73.42 -14.84
N LYS G 132 -23.15 -72.80 -15.99
CA LYS G 132 -23.53 -71.42 -16.32
C LYS G 132 -24.05 -71.40 -17.76
N ALA G 133 -24.94 -70.47 -18.08
CA ALA G 133 -25.45 -70.39 -19.45
C ALA G 133 -25.63 -68.95 -19.91
N THR G 134 -25.13 -68.66 -21.10
CA THR G 134 -25.25 -67.32 -21.64
C THR G 134 -25.87 -67.32 -23.02
N LEU G 135 -26.93 -66.55 -23.20
CA LEU G 135 -27.57 -66.45 -24.51
C LEU G 135 -27.05 -65.13 -25.08
N VAL G 136 -26.57 -65.19 -26.31
CA VAL G 136 -26.04 -64.01 -26.98
C VAL G 136 -26.95 -63.55 -28.11
N CYS G 137 -27.35 -62.28 -28.03
CA CYS G 137 -28.20 -61.68 -29.05
C CYS G 137 -27.42 -60.60 -29.78
N THR G 138 -27.02 -60.85 -31.03
CA THR G 138 -26.28 -59.85 -31.79
C THR G 138 -27.27 -59.01 -32.63
N ILE G 139 -27.05 -57.71 -32.66
CA ILE G 139 -27.93 -56.76 -33.35
C ILE G 139 -27.08 -55.87 -34.24
N THR G 140 -27.23 -56.03 -35.55
CA THR G 140 -26.41 -55.24 -36.46
C THR G 140 -27.21 -54.51 -37.55
N GLU G 141 -26.51 -53.62 -38.24
CA GLU G 141 -27.07 -52.88 -39.35
C GLU G 141 -28.40 -52.12 -39.14
N PHE G 142 -28.47 -51.34 -38.06
CA PHE G 142 -29.65 -50.56 -37.78
C PHE G 142 -29.37 -49.08 -37.79
N TYR G 143 -30.31 -48.33 -38.35
CA TYR G 143 -30.20 -46.89 -38.47
C TYR G 143 -31.57 -46.19 -38.46
N PRO G 144 -31.71 -45.14 -37.64
CA PRO G 144 -30.72 -44.56 -36.72
C PRO G 144 -30.28 -45.49 -35.58
N GLY G 145 -29.17 -45.15 -34.95
CA GLY G 145 -28.62 -45.96 -33.86
C GLY G 145 -29.30 -45.90 -32.50
N ALA G 146 -30.52 -46.38 -32.44
CA ALA G 146 -31.29 -46.38 -31.22
C ALA G 146 -32.22 -47.58 -31.23
N VAL G 147 -32.16 -48.40 -30.18
CA VAL G 147 -33.01 -49.58 -30.05
C VAL G 147 -33.20 -49.87 -28.57
N ARG G 148 -34.21 -50.68 -28.30
CA ARG G 148 -34.52 -51.12 -26.96
C ARG G 148 -34.58 -52.66 -27.05
N VAL G 149 -33.93 -53.34 -26.11
CA VAL G 149 -33.89 -54.81 -26.12
C VAL G 149 -34.68 -55.41 -24.97
N ASP G 150 -35.41 -56.47 -25.24
CA ASP G 150 -36.20 -57.17 -24.21
C ASP G 150 -36.03 -58.68 -24.38
N TRP G 151 -36.13 -59.41 -23.28
CA TRP G 151 -36.00 -60.85 -23.34
C TRP G 151 -37.21 -61.50 -22.76
N LYS G 152 -37.49 -62.73 -23.22
CA LYS G 152 -38.61 -63.49 -22.72
C LYS G 152 -38.20 -64.96 -22.55
N ALA G 153 -38.78 -65.61 -21.56
CA ALA G 153 -38.55 -67.04 -21.30
C ALA G 153 -39.94 -67.67 -21.21
N ASP G 154 -40.25 -68.57 -22.14
CA ASP G 154 -41.54 -69.27 -22.20
C ASP G 154 -42.75 -68.32 -22.27
N GLY G 155 -42.59 -67.17 -22.93
CA GLY G 155 -43.68 -66.22 -23.05
C GLY G 155 -43.79 -65.18 -21.95
N THR G 156 -42.90 -65.24 -20.96
CA THR G 156 -42.93 -64.30 -19.84
C THR G 156 -41.72 -63.38 -19.93
N PRO G 157 -41.90 -62.10 -19.60
CA PRO G 157 -40.78 -61.14 -19.65
C PRO G 157 -39.75 -61.41 -18.57
N VAL G 158 -38.49 -61.09 -18.85
CA VAL G 158 -37.46 -61.29 -17.87
C VAL G 158 -37.04 -59.89 -17.46
N THR G 159 -36.89 -59.68 -16.15
CA THR G 159 -36.50 -58.38 -15.60
C THR G 159 -35.08 -58.35 -15.01
N GLN G 160 -34.47 -59.50 -14.81
CA GLN G 160 -33.10 -59.54 -14.28
C GLN G 160 -32.23 -60.53 -15.06
N GLY G 161 -30.92 -60.33 -15.01
CA GLY G 161 -30.01 -61.22 -15.71
C GLY G 161 -29.65 -60.79 -17.13
N ASP G 162 -30.22 -59.68 -17.60
CA ASP G 162 -29.92 -59.18 -18.93
C ASP G 162 -28.98 -57.99 -18.91
N GLU G 163 -28.19 -57.85 -19.97
CA GLU G 163 -27.23 -56.74 -20.09
C GLU G 163 -27.07 -56.42 -21.58
N THR G 164 -27.30 -55.16 -21.96
CA THR G 164 -27.17 -54.74 -23.35
C THR G 164 -26.14 -53.65 -23.52
N THR G 165 -25.31 -53.75 -24.58
CA THR G 165 -24.29 -52.74 -24.85
C THR G 165 -24.88 -51.49 -25.50
N GLN G 166 -24.19 -50.38 -25.36
CA GLN G 166 -24.64 -49.13 -25.95
C GLN G 166 -24.30 -49.22 -27.45
N PRO G 167 -25.22 -48.81 -28.32
CA PRO G 167 -24.98 -48.85 -29.78
C PRO G 167 -23.69 -48.16 -30.23
N SER G 168 -22.97 -48.82 -31.13
CA SER G 168 -21.72 -48.29 -31.68
C SER G 168 -21.83 -48.36 -33.19
N LYS G 169 -21.12 -47.47 -33.86
CA LYS G 169 -21.11 -47.35 -35.30
C LYS G 169 -20.29 -48.42 -36.03
N GLN G 170 -20.87 -49.02 -37.07
CA GLN G 170 -20.17 -50.02 -37.90
C GLN G 170 -19.42 -49.24 -38.99
N SER G 171 -18.74 -49.96 -39.88
CA SER G 171 -17.99 -49.33 -40.98
C SER G 171 -18.97 -48.60 -41.92
N ASN G 172 -20.15 -49.22 -42.09
CA ASN G 172 -21.28 -48.77 -42.91
C ASN G 172 -21.94 -47.50 -42.39
N ASN G 173 -21.56 -47.14 -41.16
CA ASN G 173 -22.11 -46.01 -40.46
C ASN G 173 -23.48 -46.34 -39.84
N LYS G 174 -23.94 -47.58 -40.03
CA LYS G 174 -25.18 -48.00 -39.38
C LYS G 174 -24.68 -48.43 -37.99
N TYR G 175 -25.55 -48.96 -37.14
CA TYR G 175 -25.09 -49.33 -35.82
C TYR G 175 -25.23 -50.81 -35.47
N MET G 176 -24.47 -51.22 -34.45
CA MET G 176 -24.50 -52.59 -33.96
C MET G 176 -24.62 -52.52 -32.47
N ALA G 177 -24.98 -53.62 -31.85
CA ALA G 177 -25.14 -53.67 -30.41
C ALA G 177 -25.28 -55.12 -30.01
N SER G 178 -25.26 -55.42 -28.70
CA SER G 178 -25.37 -56.79 -28.26
C SER G 178 -26.03 -56.88 -26.90
N SER G 179 -26.72 -58.00 -26.65
CA SER G 179 -27.40 -58.22 -25.39
C SER G 179 -27.12 -59.65 -24.90
N TYR G 180 -27.05 -59.79 -23.59
CA TYR G 180 -26.75 -61.08 -22.98
C TYR G 180 -27.79 -61.51 -21.95
N LEU G 181 -28.15 -62.79 -21.98
CA LEU G 181 -29.06 -63.31 -20.97
C LEU G 181 -28.25 -64.33 -20.17
N THR G 182 -28.00 -64.02 -18.91
CA THR G 182 -27.22 -64.88 -18.03
C THR G 182 -28.06 -65.72 -17.10
N LEU G 183 -27.99 -67.03 -17.29
CA LEU G 183 -28.74 -67.98 -16.47
C LEU G 183 -27.80 -69.05 -16.00
N THR G 184 -28.26 -69.85 -15.04
CA THR G 184 -27.48 -70.97 -14.55
C THR G 184 -27.84 -72.11 -15.50
N ALA G 185 -27.06 -73.18 -15.49
CA ALA G 185 -27.36 -74.33 -16.34
C ALA G 185 -28.71 -74.89 -15.93
N GLU G 186 -29.04 -74.79 -14.63
CA GLU G 186 -30.32 -75.27 -14.11
C GLU G 186 -31.47 -74.57 -14.82
N ALA G 187 -31.44 -73.24 -14.73
CA ALA G 187 -32.47 -72.38 -15.33
C ALA G 187 -32.63 -72.68 -16.81
N TRP G 188 -31.52 -72.80 -17.52
CA TRP G 188 -31.55 -73.10 -18.93
C TRP G 188 -32.29 -74.40 -19.23
N GLU G 189 -32.08 -75.40 -18.40
CA GLU G 189 -32.70 -76.70 -18.57
C GLU G 189 -34.18 -76.74 -18.16
N SER G 190 -34.55 -75.89 -17.19
CA SER G 190 -35.92 -75.81 -16.68
C SER G 190 -36.92 -75.23 -17.69
N HIS G 191 -36.48 -74.23 -18.45
CA HIS G 191 -37.34 -73.57 -19.43
C HIS G 191 -37.07 -74.08 -20.85
N SER G 192 -37.99 -73.84 -21.77
CA SER G 192 -37.81 -74.31 -23.15
C SER G 192 -37.79 -73.27 -24.26
N SER G 193 -38.28 -72.07 -23.98
CA SER G 193 -38.33 -71.03 -24.99
C SER G 193 -37.63 -69.75 -24.59
N TYR G 194 -36.78 -69.23 -25.46
CA TYR G 194 -36.06 -67.99 -25.19
C TYR G 194 -36.20 -67.06 -26.38
N SER G 195 -36.47 -65.79 -26.08
CA SER G 195 -36.66 -64.77 -27.11
C SER G 195 -35.91 -63.49 -26.85
N CYS G 196 -35.32 -62.97 -27.91
CA CYS G 196 -34.60 -61.72 -27.85
C CYS G 196 -35.40 -60.78 -28.74
N HIS G 197 -35.96 -59.73 -28.11
CA HIS G 197 -36.77 -58.70 -28.78
C HIS G 197 -35.90 -57.45 -28.96
N VAL G 198 -35.92 -56.90 -30.17
CA VAL G 198 -35.17 -55.68 -30.45
C VAL G 198 -36.14 -54.72 -31.14
N THR G 199 -36.50 -53.65 -30.45
CA THR G 199 -37.42 -52.65 -30.99
C THR G 199 -36.68 -51.43 -31.54
N HIS G 200 -36.92 -51.16 -32.82
CA HIS G 200 -36.34 -50.05 -33.56
C HIS G 200 -37.46 -49.25 -34.18
N GLU G 201 -37.51 -47.96 -33.87
CA GLU G 201 -38.53 -47.05 -34.35
C GLU G 201 -39.93 -47.63 -34.21
N GLY G 202 -40.21 -48.11 -33.01
CA GLY G 202 -41.52 -48.68 -32.70
C GLY G 202 -41.83 -50.09 -33.22
N GLN G 203 -41.00 -50.63 -34.10
CA GLN G 203 -41.24 -51.97 -34.65
C GLN G 203 -40.35 -53.02 -33.99
N SER G 204 -40.97 -53.98 -33.32
CA SER G 204 -40.22 -55.02 -32.65
C SER G 204 -39.77 -56.19 -33.55
N VAL G 205 -38.46 -56.47 -33.56
CA VAL G 205 -37.89 -57.59 -34.33
C VAL G 205 -37.43 -58.68 -33.35
N GLU G 206 -37.87 -59.90 -33.55
CA GLU G 206 -37.48 -60.94 -32.61
C GLU G 206 -36.95 -62.26 -33.16
N LYS G 207 -36.18 -62.93 -32.31
CA LYS G 207 -35.62 -64.23 -32.62
C LYS G 207 -35.84 -65.12 -31.41
N SER G 208 -36.17 -66.38 -31.67
CA SER G 208 -36.41 -67.33 -30.58
C SER G 208 -35.66 -68.62 -30.82
N LEU G 209 -35.63 -69.46 -29.79
CA LEU G 209 -34.97 -70.76 -29.90
C LEU G 209 -35.48 -71.68 -28.80
N SER G 210 -35.17 -72.98 -28.95
CA SER G 210 -35.58 -73.98 -27.98
C SER G 210 -34.46 -74.99 -27.68
N GLU H 1 -4.66 -21.67 -29.31
CA GLU H 1 -6.02 -22.10 -29.02
C GLU H 1 -6.14 -22.63 -27.60
N VAL H 2 -7.34 -22.56 -27.04
CA VAL H 2 -7.58 -23.05 -25.69
C VAL H 2 -7.45 -24.56 -25.73
N GLN H 3 -6.80 -25.12 -24.71
CA GLN H 3 -6.55 -26.54 -24.66
C GLN H 3 -6.51 -27.02 -23.21
N LEU H 4 -7.18 -28.14 -22.94
CA LEU H 4 -7.21 -28.74 -21.61
C LEU H 4 -6.73 -30.21 -21.73
N GLN H 5 -5.44 -30.47 -21.47
CA GLN H 5 -4.87 -31.81 -21.56
C GLN H 5 -4.92 -32.59 -20.24
N GLN H 6 -5.72 -33.64 -20.22
CA GLN H 6 -5.85 -34.45 -19.01
C GLN H 6 -4.81 -35.56 -18.98
N SER H 7 -4.69 -36.21 -17.84
CA SER H 7 -3.69 -37.27 -17.66
C SER H 7 -4.19 -38.64 -18.08
N GLY H 8 -3.22 -39.49 -18.44
CA GLY H 8 -3.49 -40.84 -18.90
C GLY H 8 -4.40 -41.66 -18.01
N PRO H 9 -4.87 -42.81 -18.51
CA PRO H 9 -5.77 -43.73 -17.81
C PRO H 9 -5.16 -44.31 -16.55
N GLU H 10 -6.00 -44.81 -15.66
CA GLU H 10 -5.54 -45.36 -14.40
C GLU H 10 -6.33 -46.63 -14.03
N LEU H 11 -5.60 -47.66 -13.58
CA LEU H 11 -6.19 -48.93 -13.16
C LEU H 11 -5.66 -49.20 -11.77
N VAL H 12 -6.55 -49.26 -10.78
CA VAL H 12 -6.14 -49.46 -9.40
C VAL H 12 -7.12 -50.29 -8.58
N LYS H 13 -6.65 -50.69 -7.40
CA LYS H 13 -7.40 -51.53 -6.47
C LYS H 13 -8.26 -50.73 -5.51
N PRO H 14 -9.35 -51.33 -5.00
CA PRO H 14 -10.27 -50.67 -4.05
C PRO H 14 -9.50 -50.19 -2.83
N GLY H 15 -9.97 -49.09 -2.25
CA GLY H 15 -9.32 -48.54 -1.08
C GLY H 15 -8.13 -47.68 -1.42
N ALA H 16 -7.74 -47.67 -2.69
CA ALA H 16 -6.62 -46.84 -3.14
C ALA H 16 -7.12 -45.42 -3.42
N SER H 17 -6.23 -44.58 -3.91
CA SER H 17 -6.61 -43.23 -4.23
C SER H 17 -5.89 -42.82 -5.51
N VAL H 18 -6.48 -41.90 -6.25
CA VAL H 18 -5.87 -41.46 -7.50
C VAL H 18 -5.95 -39.94 -7.64
N LYS H 19 -4.93 -39.37 -8.26
CA LYS H 19 -4.87 -37.95 -8.46
C LYS H 19 -4.74 -37.65 -9.95
N ILE H 20 -5.84 -37.22 -10.58
CA ILE H 20 -5.86 -36.90 -12.00
C ILE H 20 -5.52 -35.42 -12.24
N SER H 21 -4.80 -35.11 -13.32
CA SER H 21 -4.46 -33.72 -13.60
C SER H 21 -5.07 -33.20 -14.92
N CYS H 22 -5.24 -31.88 -14.99
CA CYS H 22 -5.78 -31.18 -16.17
C CYS H 22 -4.85 -30.00 -16.37
N LYS H 23 -4.09 -30.04 -17.45
CA LYS H 23 -3.15 -28.98 -17.77
C LYS H 23 -3.80 -27.99 -18.76
N ALA H 24 -4.09 -26.78 -18.26
CA ALA H 24 -4.70 -25.73 -19.08
C ALA H 24 -3.66 -24.88 -19.81
N SER H 25 -3.95 -24.52 -21.05
CA SER H 25 -3.03 -23.69 -21.83
C SER H 25 -3.80 -22.91 -22.91
N GLY H 26 -3.14 -21.97 -23.55
CA GLY H 26 -3.79 -21.19 -24.59
C GLY H 26 -4.66 -20.03 -24.12
N TYR H 27 -4.67 -19.78 -22.81
CA TYR H 27 -5.45 -18.71 -22.21
C TYR H 27 -4.99 -18.40 -20.78
N SER H 28 -5.50 -17.30 -20.22
CA SER H 28 -5.16 -16.89 -18.85
C SER H 28 -5.87 -17.77 -17.81
N PHE H 29 -5.09 -18.62 -17.17
CA PHE H 29 -5.55 -19.57 -16.17
C PHE H 29 -6.55 -19.12 -15.10
N THR H 30 -6.19 -18.06 -14.40
CA THR H 30 -7.01 -17.54 -13.31
C THR H 30 -8.33 -16.88 -13.74
N GLY H 31 -8.56 -16.72 -15.04
CA GLY H 31 -9.79 -16.07 -15.50
C GLY H 31 -11.05 -16.87 -15.85
N HIS H 32 -11.06 -18.19 -15.64
CA HIS H 32 -12.23 -19.03 -15.90
C HIS H 32 -12.31 -20.07 -14.81
N LEU H 33 -13.52 -20.54 -14.49
CA LEU H 33 -13.69 -21.56 -13.48
C LEU H 33 -13.28 -22.90 -14.11
N LEU H 34 -12.98 -23.89 -13.28
CA LEU H 34 -12.64 -25.21 -13.80
C LEU H 34 -13.52 -26.15 -13.01
N ASN H 35 -14.31 -26.92 -13.75
CA ASN H 35 -15.26 -27.87 -13.17
C ASN H 35 -14.73 -29.28 -13.37
N TRP H 36 -15.21 -30.20 -12.55
CA TRP H 36 -14.84 -31.60 -12.65
C TRP H 36 -16.13 -32.34 -12.78
N VAL H 37 -16.21 -33.15 -13.83
CA VAL H 37 -17.41 -33.92 -14.18
C VAL H 37 -17.15 -35.41 -14.26
N LYS H 38 -18.08 -36.19 -13.73
CA LYS H 38 -17.98 -37.64 -13.72
C LYS H 38 -18.96 -38.32 -14.67
N GLN H 39 -18.44 -39.10 -15.61
CA GLN H 39 -19.28 -39.83 -16.58
C GLN H 39 -19.25 -41.34 -16.32
N SER H 40 -20.37 -41.86 -15.83
CA SER H 40 -20.55 -43.28 -15.52
C SER H 40 -21.16 -44.08 -16.69
N HIS H 41 -20.53 -45.20 -17.04
CA HIS H 41 -21.00 -46.10 -18.11
C HIS H 41 -20.91 -45.63 -19.56
N GLY H 42 -20.50 -44.39 -19.80
CA GLY H 42 -20.40 -43.89 -21.17
C GLY H 42 -21.47 -42.86 -21.48
N LYS H 43 -22.44 -42.74 -20.58
CA LYS H 43 -23.55 -41.80 -20.67
C LYS H 43 -23.77 -41.32 -19.24
N ASN H 44 -24.74 -40.44 -18.99
CA ASN H 44 -25.00 -39.94 -17.63
C ASN H 44 -23.81 -39.19 -16.99
N LEU H 45 -23.98 -37.89 -16.83
CA LEU H 45 -22.95 -37.03 -16.26
C LEU H 45 -23.29 -36.54 -14.86
N GLU H 46 -22.26 -36.28 -14.06
CA GLU H 46 -22.45 -35.76 -12.69
C GLU H 46 -21.37 -34.74 -12.42
N TRP H 47 -21.78 -33.62 -11.83
CA TRP H 47 -20.86 -32.55 -11.48
C TRP H 47 -20.27 -32.85 -10.10
N ILE H 48 -18.95 -32.81 -9.99
CA ILE H 48 -18.24 -33.09 -8.74
C ILE H 48 -18.02 -31.82 -7.93
N GLY H 49 -17.50 -30.80 -8.59
CA GLY H 49 -17.26 -29.54 -7.92
C GLY H 49 -16.58 -28.60 -8.87
N LEU H 50 -16.33 -27.38 -8.39
CA LEU H 50 -15.65 -26.38 -9.20
C LEU H 50 -14.52 -25.77 -8.40
N VAL H 51 -13.59 -25.17 -9.11
CA VAL H 51 -12.49 -24.50 -8.46
C VAL H 51 -12.21 -23.20 -9.20
N HIS H 52 -11.99 -22.14 -8.42
CA HIS H 52 -11.65 -20.83 -8.97
C HIS H 52 -10.12 -20.84 -8.90
N PRO H 53 -9.44 -20.84 -10.04
CA PRO H 53 -7.99 -20.85 -10.10
C PRO H 53 -7.25 -19.67 -9.54
N HIS H 54 -7.90 -18.52 -9.39
CA HIS H 54 -7.18 -17.36 -8.86
C HIS H 54 -6.77 -17.54 -7.39
N ASN H 55 -7.54 -18.32 -6.64
CA ASN H 55 -7.22 -18.52 -5.22
C ASN H 55 -7.57 -19.89 -4.63
N GLY H 56 -7.97 -20.82 -5.49
CA GLY H 56 -8.32 -22.15 -5.05
C GLY H 56 -9.63 -22.26 -4.29
N ALA H 57 -10.53 -21.29 -4.45
CA ALA H 57 -11.82 -21.37 -3.75
C ALA H 57 -12.60 -22.51 -4.41
N ILE H 58 -13.23 -23.37 -3.61
CA ILE H 58 -13.96 -24.49 -4.19
C ILE H 58 -15.37 -24.67 -3.68
N THR H 59 -16.19 -25.30 -4.51
CA THR H 59 -17.56 -25.60 -4.18
C THR H 59 -17.73 -27.04 -4.66
N TYR H 60 -18.04 -27.90 -3.70
CA TYR H 60 -18.23 -29.33 -3.93
C TYR H 60 -19.69 -29.72 -3.95
N ASN H 61 -20.00 -30.74 -4.74
CA ASN H 61 -21.33 -31.32 -4.79
C ASN H 61 -21.30 -32.13 -3.49
N GLN H 62 -22.34 -32.02 -2.67
CA GLN H 62 -22.36 -32.75 -1.39
C GLN H 62 -22.17 -34.26 -1.52
N LYS H 63 -22.62 -34.84 -2.62
CA LYS H 63 -22.49 -36.28 -2.83
C LYS H 63 -21.01 -36.70 -2.93
N PHE H 64 -20.12 -35.74 -3.23
CA PHE H 64 -18.69 -36.02 -3.36
C PHE H 64 -17.83 -35.32 -2.30
N LYS H 65 -18.47 -34.71 -1.31
CA LYS H 65 -17.79 -33.99 -0.22
C LYS H 65 -16.55 -34.70 0.35
N ASP H 66 -16.68 -36.00 0.60
CA ASP H 66 -15.57 -36.76 1.18
C ASP H 66 -14.78 -37.62 0.22
N LYS H 67 -15.19 -37.64 -1.05
CA LYS H 67 -14.53 -38.45 -2.09
C LYS H 67 -13.46 -37.68 -2.86
N ALA H 68 -13.85 -36.53 -3.38
CA ALA H 68 -12.93 -35.70 -4.15
C ALA H 68 -12.30 -34.56 -3.38
N THR H 69 -11.15 -34.11 -3.87
CA THR H 69 -10.45 -32.99 -3.29
C THR H 69 -9.94 -32.20 -4.47
N LEU H 70 -10.52 -31.02 -4.67
CA LEU H 70 -10.13 -30.16 -5.78
C LEU H 70 -8.95 -29.30 -5.40
N THR H 71 -8.02 -29.18 -6.33
CA THR H 71 -6.82 -28.42 -6.07
C THR H 71 -6.32 -27.79 -7.35
N VAL H 72 -5.53 -26.72 -7.22
CA VAL H 72 -4.99 -26.03 -8.36
C VAL H 72 -3.54 -25.66 -8.10
N ASP H 73 -2.78 -25.44 -9.18
CA ASP H 73 -1.36 -25.06 -9.10
C ASP H 73 -1.16 -24.02 -10.21
N ARG H 74 -0.95 -22.77 -9.80
CA ARG H 74 -0.79 -21.66 -10.72
C ARG H 74 0.53 -21.54 -11.46
N SER H 75 1.61 -22.06 -10.89
CA SER H 75 2.91 -21.98 -11.54
C SER H 75 2.96 -22.78 -12.83
N SER H 76 2.18 -23.86 -12.87
CA SER H 76 2.11 -24.73 -14.05
C SER H 76 0.72 -24.76 -14.70
N THR H 77 -0.15 -23.85 -14.25
CA THR H 77 -1.51 -23.70 -14.77
C THR H 77 -2.24 -25.03 -14.95
N THR H 78 -2.27 -25.84 -13.89
CA THR H 78 -2.98 -27.11 -13.98
C THR H 78 -3.89 -27.32 -12.80
N ALA H 79 -5.00 -28.03 -13.03
CA ALA H 79 -5.94 -28.30 -11.94
C ALA H 79 -5.84 -29.78 -11.66
N TYR H 80 -6.26 -30.18 -10.46
CA TYR H 80 -6.19 -31.56 -10.07
C TYR H 80 -7.42 -31.96 -9.29
N ILE H 81 -7.71 -33.26 -9.32
CA ILE H 81 -8.80 -33.89 -8.59
C ILE H 81 -8.22 -35.18 -7.99
N GLU H 82 -8.33 -35.30 -6.68
CA GLU H 82 -7.83 -36.46 -6.00
C GLU H 82 -9.01 -37.23 -5.44
N LEU H 83 -9.23 -38.44 -5.95
CA LEU H 83 -10.30 -39.31 -5.48
C LEU H 83 -9.66 -40.27 -4.49
N VAL H 84 -10.30 -40.47 -3.34
CA VAL H 84 -9.79 -41.37 -2.29
C VAL H 84 -10.79 -42.47 -1.94
N ARG H 85 -10.32 -43.48 -1.20
CA ARG H 85 -11.14 -44.62 -0.76
C ARG H 85 -11.99 -45.17 -1.90
N LEU H 86 -11.36 -45.34 -3.05
CA LEU H 86 -12.04 -45.83 -4.25
C LEU H 86 -12.73 -47.19 -4.10
N THR H 87 -13.92 -47.27 -4.68
CA THR H 87 -14.72 -48.50 -4.72
C THR H 87 -15.01 -48.71 -6.20
N SER H 88 -15.63 -49.83 -6.55
CA SER H 88 -15.94 -50.06 -7.96
C SER H 88 -16.88 -48.96 -8.46
N ASN H 89 -17.67 -48.37 -7.55
CA ASN H 89 -18.62 -47.31 -7.88
C ASN H 89 -17.93 -46.05 -8.44
N ASP H 90 -16.62 -45.96 -8.27
CA ASP H 90 -15.84 -44.83 -8.73
C ASP H 90 -15.22 -45.02 -10.12
N SER H 91 -15.41 -46.19 -10.71
CA SER H 91 -14.90 -46.41 -12.06
C SER H 91 -15.80 -45.58 -12.98
N ALA H 92 -15.19 -44.72 -13.77
CA ALA H 92 -15.88 -43.82 -14.68
C ALA H 92 -14.84 -42.95 -15.36
N VAL H 93 -15.29 -42.13 -16.31
CA VAL H 93 -14.38 -41.21 -17.01
C VAL H 93 -14.56 -39.83 -16.38
N TYR H 94 -13.45 -39.21 -15.99
CA TYR H 94 -13.49 -37.90 -15.34
C TYR H 94 -13.04 -36.81 -16.28
N TYR H 95 -13.86 -35.77 -16.37
CA TYR H 95 -13.59 -34.63 -17.24
C TYR H 95 -13.43 -33.37 -16.43
N CYS H 96 -12.57 -32.52 -16.95
CA CYS H 96 -12.26 -31.21 -16.40
C CYS H 96 -12.87 -30.26 -17.44
N ALA H 97 -13.65 -29.29 -16.99
CA ALA H 97 -14.29 -28.36 -17.91
C ALA H 97 -14.26 -26.91 -17.48
N ARG H 98 -13.85 -26.07 -18.42
CA ARG H 98 -13.73 -24.64 -18.26
C ARG H 98 -15.10 -23.95 -18.29
N GLU H 99 -15.25 -22.89 -17.51
CA GLU H 99 -16.50 -22.15 -17.44
C GLU H 99 -16.24 -20.67 -17.34
N ASP H 100 -16.83 -19.94 -18.28
CA ASP H 100 -16.72 -18.49 -18.32
C ASP H 100 -17.64 -17.85 -17.28
N PHE H 101 -17.28 -16.67 -16.81
CA PHE H 101 -18.14 -15.98 -15.85
C PHE H 101 -18.24 -14.50 -16.16
N ARG H 102 -17.92 -14.14 -17.39
CA ARG H 102 -17.96 -12.75 -17.84
C ARG H 102 -19.17 -12.36 -18.70
N TYR H 103 -19.56 -13.21 -19.64
CA TYR H 103 -20.68 -12.88 -20.52
C TYR H 103 -21.50 -14.02 -21.14
N HIS H 104 -20.86 -15.16 -21.41
CA HIS H 104 -21.53 -16.36 -21.95
C HIS H 104 -21.13 -17.35 -20.86
N TYR H 105 -22.05 -17.65 -19.98
CA TYR H 105 -21.68 -18.49 -18.87
C TYR H 105 -21.65 -19.97 -19.15
N SER H 106 -21.01 -20.31 -20.28
CA SER H 106 -20.92 -21.69 -20.73
C SER H 106 -19.67 -22.48 -20.39
N MET H 107 -19.85 -23.79 -20.36
CA MET H 107 -18.77 -24.72 -20.13
C MET H 107 -18.29 -24.98 -21.55
N ASP H 108 -17.45 -24.07 -22.04
CA ASP H 108 -16.93 -24.12 -23.41
C ASP H 108 -15.92 -25.19 -23.76
N TYR H 109 -14.75 -25.18 -23.12
CA TYR H 109 -13.72 -26.17 -23.42
C TYR H 109 -13.63 -27.27 -22.38
N TRP H 110 -13.62 -28.49 -22.89
CA TRP H 110 -13.54 -29.70 -22.08
C TRP H 110 -12.24 -30.46 -22.34
N GLY H 111 -11.75 -31.15 -21.30
CA GLY H 111 -10.56 -31.96 -21.45
C GLY H 111 -11.01 -33.23 -22.14
N GLN H 112 -10.07 -34.02 -22.67
CA GLN H 112 -10.42 -35.27 -23.37
C GLN H 112 -10.96 -36.34 -22.43
N GLY H 113 -10.75 -36.16 -21.14
CA GLY H 113 -11.24 -37.13 -20.19
C GLY H 113 -10.14 -38.10 -19.77
N THR H 114 -10.29 -38.63 -18.55
CA THR H 114 -9.33 -39.57 -17.99
C THR H 114 -10.10 -40.80 -17.49
N SER H 115 -9.74 -41.97 -18.03
CA SER H 115 -10.42 -43.20 -17.64
C SER H 115 -9.87 -43.80 -16.34
N VAL H 116 -10.77 -43.98 -15.39
CA VAL H 116 -10.38 -44.57 -14.11
C VAL H 116 -11.06 -45.94 -13.93
N THR H 117 -10.25 -46.99 -13.76
CA THR H 117 -10.79 -48.31 -13.51
C THR H 117 -10.28 -48.82 -12.17
N VAL H 118 -11.24 -49.08 -11.29
CA VAL H 118 -11.01 -49.55 -9.94
C VAL H 118 -11.55 -50.97 -9.85
N SER H 119 -10.66 -51.94 -9.64
CA SER H 119 -11.05 -53.34 -9.57
C SER H 119 -10.04 -54.14 -8.75
N SER H 120 -10.51 -55.19 -8.08
CA SER H 120 -9.64 -56.06 -7.29
C SER H 120 -9.39 -57.34 -8.09
N ALA H 121 -9.72 -57.28 -9.37
CA ALA H 121 -9.55 -58.42 -10.25
C ALA H 121 -8.08 -58.58 -10.63
N LYS H 122 -7.68 -59.83 -10.80
CA LYS H 122 -6.32 -60.16 -11.18
C LYS H 122 -6.29 -60.49 -12.68
N THR H 123 -5.12 -60.46 -13.28
CA THR H 123 -4.99 -60.77 -14.69
C THR H 123 -5.47 -62.19 -14.96
N THR H 124 -6.54 -62.32 -15.74
CA THR H 124 -7.07 -63.63 -16.07
C THR H 124 -7.46 -63.71 -17.55
N PRO H 125 -7.02 -64.78 -18.23
CA PRO H 125 -7.33 -64.96 -19.65
C PRO H 125 -8.78 -65.37 -19.86
N PRO H 126 -9.31 -65.20 -21.09
CA PRO H 126 -10.70 -65.57 -21.38
C PRO H 126 -10.91 -67.03 -21.69
N SER H 127 -12.15 -67.48 -21.53
CA SER H 127 -12.55 -68.83 -21.90
C SER H 127 -13.34 -68.48 -23.16
N VAL H 128 -13.01 -69.10 -24.28
CA VAL H 128 -13.69 -68.81 -25.53
C VAL H 128 -14.68 -69.93 -25.88
N TYR H 129 -15.95 -69.56 -26.03
CA TYR H 129 -16.99 -70.52 -26.37
C TYR H 129 -17.55 -70.25 -27.75
N PRO H 130 -17.86 -71.30 -28.51
CA PRO H 130 -18.39 -71.18 -29.86
C PRO H 130 -19.86 -70.79 -29.87
N LEU H 131 -20.22 -69.93 -30.79
CA LEU H 131 -21.60 -69.49 -30.96
C LEU H 131 -22.00 -69.99 -32.33
N ALA H 132 -22.73 -71.09 -32.30
CA ALA H 132 -23.21 -71.75 -33.50
C ALA H 132 -24.72 -71.74 -33.46
N PRO H 133 -25.34 -71.65 -34.65
CA PRO H 133 -26.79 -71.63 -34.78
C PRO H 133 -27.36 -73.03 -34.88
N VAL H 134 -28.62 -73.19 -34.45
CA VAL H 134 -29.30 -74.48 -34.57
C VAL H 134 -30.81 -74.31 -34.42
N CYS H 135 -31.33 -73.31 -35.14
CA CYS H 135 -32.77 -73.06 -35.11
C CYS H 135 -33.44 -74.04 -36.09
N GLY H 136 -32.60 -74.69 -36.91
CA GLY H 136 -33.07 -75.66 -37.88
C GLY H 136 -32.13 -75.76 -39.06
N ASP H 137 -32.61 -75.32 -40.22
CA ASP H 137 -31.84 -75.35 -41.46
C ASP H 137 -31.45 -73.95 -41.92
N THR H 138 -31.03 -73.87 -43.18
CA THR H 138 -30.65 -72.63 -43.84
C THR H 138 -31.90 -71.83 -44.22
N THR H 139 -32.14 -70.72 -43.52
CA THR H 139 -33.28 -69.84 -43.78
C THR H 139 -32.82 -68.67 -44.67
N GLY H 140 -31.63 -68.82 -45.24
CA GLY H 140 -31.03 -67.83 -46.12
C GLY H 140 -29.74 -68.41 -46.65
N SER H 141 -29.13 -67.73 -47.62
CA SER H 141 -27.87 -68.20 -48.20
C SER H 141 -26.70 -67.80 -47.26
N SER H 142 -27.03 -67.04 -46.22
CA SER H 142 -26.05 -66.54 -45.26
C SER H 142 -26.18 -67.24 -43.89
N VAL H 143 -25.07 -67.40 -43.19
CA VAL H 143 -25.07 -68.02 -41.86
C VAL H 143 -24.18 -67.17 -40.97
N THR H 144 -24.66 -66.89 -39.76
CA THR H 144 -23.93 -66.06 -38.81
C THR H 144 -23.36 -66.92 -37.66
N LEU H 145 -22.05 -66.89 -37.51
CA LEU H 145 -21.35 -67.66 -36.49
C LEU H 145 -20.67 -66.68 -35.54
N GLY H 146 -20.31 -67.14 -34.35
CA GLY H 146 -19.63 -66.24 -33.44
C GLY H 146 -18.88 -66.90 -32.30
N CYS H 147 -18.17 -66.10 -31.51
N CYS H 147 -18.18 -66.08 -31.52
CA CYS H 147 -17.51 -66.65 -30.34
CA CYS H 147 -17.42 -66.54 -30.38
C CYS H 147 -17.64 -65.74 -29.14
C CYS H 147 -17.68 -65.70 -29.14
N LEU H 148 -17.93 -66.38 -28.03
CA LEU H 148 -18.14 -65.72 -26.78
C LEU H 148 -16.80 -65.72 -26.01
N VAL H 149 -16.16 -64.55 -25.96
CA VAL H 149 -14.89 -64.39 -25.27
C VAL H 149 -15.28 -63.98 -23.85
N LYS H 150 -15.35 -64.97 -22.96
CA LYS H 150 -15.80 -64.76 -21.59
C LYS H 150 -14.82 -64.82 -20.39
N GLY H 151 -15.02 -63.86 -19.49
CA GLY H 151 -14.27 -63.78 -18.24
C GLY H 151 -12.80 -63.45 -18.27
N TYR H 152 -12.45 -62.33 -18.88
CA TYR H 152 -11.07 -61.94 -18.95
C TYR H 152 -10.80 -60.62 -18.23
N PHE H 153 -9.52 -60.31 -18.06
CA PHE H 153 -9.09 -59.10 -17.39
C PHE H 153 -7.59 -58.94 -17.50
N PRO H 154 -7.11 -57.75 -17.82
CA PRO H 154 -7.94 -56.57 -18.05
C PRO H 154 -8.23 -56.48 -19.55
N GLU H 155 -8.87 -55.39 -19.94
CA GLU H 155 -9.16 -55.18 -21.33
C GLU H 155 -7.80 -54.84 -21.95
N PRO H 156 -7.64 -55.08 -23.25
CA PRO H 156 -8.65 -55.64 -24.16
C PRO H 156 -8.28 -57.04 -24.67
N VAL H 157 -8.98 -57.47 -25.71
CA VAL H 157 -8.72 -58.74 -26.39
C VAL H 157 -8.96 -58.42 -27.85
N THR H 158 -8.23 -59.07 -28.74
CA THR H 158 -8.46 -58.85 -30.17
C THR H 158 -9.15 -60.11 -30.65
N LEU H 159 -9.73 -60.04 -31.84
CA LEU H 159 -10.45 -61.16 -32.39
C LEU H 159 -10.34 -61.13 -33.88
N THR H 160 -10.01 -62.27 -34.50
CA THR H 160 -9.93 -62.35 -35.95
C THR H 160 -10.64 -63.61 -36.38
N TRP H 161 -10.85 -63.77 -37.68
CA TRP H 161 -11.50 -64.98 -38.16
C TRP H 161 -10.68 -65.57 -39.27
N ASN H 162 -10.43 -66.86 -39.15
CA ASN H 162 -9.60 -67.62 -40.08
C ASN H 162 -8.28 -66.83 -40.30
N SER H 163 -7.69 -66.43 -39.17
CA SER H 163 -6.42 -65.71 -39.12
C SER H 163 -6.40 -64.36 -39.86
N GLY H 164 -7.59 -63.87 -40.21
CA GLY H 164 -7.69 -62.62 -40.92
C GLY H 164 -8.22 -62.78 -42.32
N SER H 165 -8.35 -64.02 -42.77
CA SER H 165 -8.85 -64.33 -44.10
C SER H 165 -10.27 -63.81 -44.25
N LEU H 166 -11.09 -64.05 -43.23
CA LEU H 166 -12.48 -63.59 -43.22
C LEU H 166 -12.46 -62.21 -42.57
N SER H 167 -12.52 -61.16 -43.38
CA SER H 167 -12.50 -59.78 -42.88
C SER H 167 -13.84 -59.08 -42.99
N SER H 168 -14.58 -59.36 -44.06
CA SER H 168 -15.88 -58.74 -44.27
C SER H 168 -16.95 -59.51 -43.51
N GLY H 169 -17.98 -58.80 -43.07
CA GLY H 169 -19.03 -59.46 -42.31
C GLY H 169 -18.62 -59.77 -40.88
N VAL H 170 -17.55 -59.14 -40.40
CA VAL H 170 -17.09 -59.36 -39.02
C VAL H 170 -17.57 -58.23 -38.12
N HIS H 171 -18.17 -58.59 -36.98
CA HIS H 171 -18.64 -57.61 -36.02
C HIS H 171 -18.14 -57.95 -34.61
N THR H 172 -17.35 -57.07 -34.02
CA THR H 172 -16.83 -57.32 -32.68
C THR H 172 -17.46 -56.30 -31.77
N PHE H 173 -18.31 -56.77 -30.89
CA PHE H 173 -19.06 -55.93 -29.98
C PHE H 173 -18.32 -55.48 -28.71
N PRO H 174 -18.84 -54.43 -28.05
CA PRO H 174 -18.23 -53.91 -26.82
C PRO H 174 -18.31 -54.88 -25.66
N ALA H 175 -17.39 -54.73 -24.73
CA ALA H 175 -17.37 -55.60 -23.58
C ALA H 175 -18.34 -55.14 -22.48
N VAL H 176 -18.88 -56.09 -21.74
CA VAL H 176 -19.75 -55.81 -20.62
C VAL H 176 -19.03 -56.41 -19.42
N LEU H 177 -19.36 -55.91 -18.23
CA LEU H 177 -18.72 -56.38 -17.02
C LEU H 177 -19.64 -57.31 -16.22
N GLN H 178 -19.35 -58.61 -16.28
CA GLN H 178 -20.10 -59.62 -15.54
C GLN H 178 -19.26 -60.09 -14.37
N SER H 179 -19.76 -59.81 -13.16
CA SER H 179 -19.10 -60.16 -11.91
C SER H 179 -17.59 -59.97 -11.88
N ASP H 180 -17.17 -58.71 -12.01
CA ASP H 180 -15.76 -58.33 -11.98
C ASP H 180 -14.89 -58.66 -13.20
N LEU H 181 -15.40 -59.49 -14.10
CA LEU H 181 -14.61 -59.84 -15.29
C LEU H 181 -15.32 -59.38 -16.56
N TYR H 182 -14.56 -59.21 -17.62
CA TYR H 182 -15.10 -58.76 -18.90
C TYR H 182 -15.50 -59.88 -19.84
N THR H 183 -16.56 -59.62 -20.60
CA THR H 183 -17.11 -60.52 -21.59
C THR H 183 -17.39 -59.69 -22.85
N LEU H 184 -17.23 -60.31 -24.00
CA LEU H 184 -17.43 -59.65 -25.27
C LEU H 184 -17.77 -60.73 -26.30
N SER H 185 -18.18 -60.35 -27.50
CA SER H 185 -18.47 -61.35 -28.49
C SER H 185 -18.26 -60.81 -29.86
N SER H 186 -17.82 -61.68 -30.75
CA SER H 186 -17.59 -61.32 -32.13
C SER H 186 -18.38 -62.30 -32.98
N SER H 187 -18.73 -61.86 -34.19
CA SER H 187 -19.48 -62.71 -35.09
C SER H 187 -18.97 -62.48 -36.50
N VAL H 188 -19.28 -63.41 -37.38
CA VAL H 188 -18.88 -63.30 -38.76
C VAL H 188 -20.00 -63.98 -39.54
N THR H 189 -20.37 -63.34 -40.64
CA THR H 189 -21.44 -63.83 -41.47
C THR H 189 -20.82 -64.30 -42.76
N VAL H 190 -21.03 -65.58 -43.07
CA VAL H 190 -20.47 -66.20 -44.27
C VAL H 190 -21.52 -66.90 -45.10
N THR H 191 -21.20 -67.21 -46.33
CA THR H 191 -22.16 -67.91 -47.18
C THR H 191 -22.37 -69.33 -46.66
N SER H 192 -23.62 -69.80 -46.74
CA SER H 192 -24.05 -71.11 -46.28
C SER H 192 -23.31 -72.28 -46.94
N SER H 193 -22.82 -72.05 -48.14
CA SER H 193 -22.09 -73.04 -48.91
C SER H 193 -20.67 -73.17 -48.37
N THR H 194 -20.26 -72.18 -47.59
CA THR H 194 -18.93 -72.07 -46.98
C THR H 194 -18.77 -72.78 -45.62
N TRP H 195 -19.83 -72.83 -44.84
CA TRP H 195 -19.79 -73.48 -43.54
C TRP H 195 -21.08 -74.28 -43.42
N PRO H 196 -21.02 -75.50 -42.85
CA PRO H 196 -19.89 -76.23 -42.26
C PRO H 196 -19.12 -77.13 -43.22
N SER H 197 -19.30 -76.92 -44.52
CA SER H 197 -18.60 -77.72 -45.51
C SER H 197 -17.12 -77.52 -45.30
N GLN H 198 -16.76 -76.26 -45.04
CA GLN H 198 -15.39 -75.85 -44.77
C GLN H 198 -15.34 -75.28 -43.35
N SER H 199 -14.14 -75.01 -42.84
CA SER H 199 -14.01 -74.56 -41.46
C SER H 199 -13.95 -73.08 -41.20
N VAL H 200 -14.46 -72.73 -40.03
CA VAL H 200 -14.47 -71.34 -39.57
C VAL H 200 -13.97 -71.32 -38.14
N THR H 201 -12.87 -70.61 -37.95
CA THR H 201 -12.28 -70.54 -36.65
C THR H 201 -12.07 -69.10 -36.22
N CYS H 202 -12.39 -68.78 -34.97
N CYS H 202 -12.39 -68.80 -34.97
CA CYS H 202 -12.18 -67.44 -34.45
CA CYS H 202 -12.17 -67.47 -34.45
C CYS H 202 -10.91 -67.48 -33.60
C CYS H 202 -10.86 -67.55 -33.65
N ASN H 203 -9.97 -66.60 -33.92
CA ASN H 203 -8.69 -66.52 -33.23
C ASN H 203 -8.75 -65.40 -32.20
N VAL H 204 -8.60 -65.76 -30.93
CA VAL H 204 -8.65 -64.79 -29.81
C VAL H 204 -7.29 -64.59 -29.13
N ALA H 205 -6.93 -63.35 -28.91
CA ALA H 205 -5.65 -63.03 -28.25
C ALA H 205 -5.90 -62.07 -27.08
N HIS H 206 -5.23 -62.31 -25.96
CA HIS H 206 -5.34 -61.49 -24.75
C HIS H 206 -3.91 -61.14 -24.37
N PRO H 207 -3.41 -60.01 -24.86
CA PRO H 207 -2.05 -59.56 -24.60
C PRO H 207 -1.57 -59.51 -23.13
N ALA H 208 -2.41 -59.03 -22.23
CA ALA H 208 -2.00 -58.93 -20.82
C ALA H 208 -1.55 -60.26 -20.22
N SER H 209 -2.16 -61.34 -20.71
CA SER H 209 -1.84 -62.67 -20.22
C SER H 209 -1.06 -63.49 -21.26
N SER H 210 -0.64 -62.82 -22.33
CA SER H 210 0.12 -63.45 -23.43
C SER H 210 -0.50 -64.79 -23.85
N THR H 211 -1.82 -64.77 -23.97
CA THR H 211 -2.61 -65.94 -24.33
C THR H 211 -3.33 -65.80 -25.68
N LYS H 212 -3.29 -66.86 -26.46
CA LYS H 212 -3.96 -66.93 -27.75
C LYS H 212 -4.78 -68.23 -27.73
N VAL H 213 -6.04 -68.15 -28.12
CA VAL H 213 -6.91 -69.32 -28.18
C VAL H 213 -7.60 -69.34 -29.57
N ASP H 214 -7.85 -70.54 -30.07
CA ASP H 214 -8.53 -70.72 -31.36
C ASP H 214 -9.78 -71.54 -31.10
N LYS H 215 -10.93 -71.06 -31.56
CA LYS H 215 -12.13 -71.84 -31.35
C LYS H 215 -12.77 -72.13 -32.69
N LYS H 216 -12.93 -73.42 -32.98
CA LYS H 216 -13.53 -73.87 -34.22
C LYS H 216 -15.03 -74.03 -34.03
N ILE H 217 -15.79 -73.37 -34.89
CA ILE H 217 -17.24 -73.41 -34.84
C ILE H 217 -17.80 -74.61 -35.60
N VAL H 218 -18.40 -75.56 -34.89
CA VAL H 218 -18.98 -76.72 -35.54
C VAL H 218 -20.48 -76.75 -35.31
N PRO H 219 -21.22 -77.33 -36.26
CA PRO H 219 -22.67 -77.42 -36.15
C PRO H 219 -23.09 -78.14 -34.88
N LYS H 220 -23.99 -77.53 -34.13
CA LYS H 220 -24.47 -78.14 -32.89
C LYS H 220 -25.81 -78.84 -33.11
#